data_3DOC
#
_entry.id   3DOC
#
_cell.length_a   71.975
_cell.length_b   106.333
_cell.length_c   90.776
_cell.angle_alpha   90.000
_cell.angle_beta   107.890
_cell.angle_gamma   90.000
#
_symmetry.space_group_name_H-M   'P 1 21 1'
#
loop_
_entity.id
_entity.type
_entity.pdbx_description
1 polymer 'glyceraldehyde 3-phosphate dehydrogenase'
2 non-polymer NICOTINAMIDE-ADENINE-DINUCLEOTIDE
3 water water
#
_entity_poly.entity_id   1
_entity_poly.type   'polypeptide(L)'
_entity_poly.pdbx_seq_one_letter_code
;MAVRVAINGFGRIGRNILRAIVESGRTDIQVVAINDLGPVETNAHLLRYDSVHGRFPKEVEVAGDTIDVGYGPIKVHAVR
NPAELPWKEENVDIALECTGIFTSRDKAALHLEAGAKRVIVSAPADGADLTVVYGVNNDKLTKDHLVISNASCTTNCLAP
VAQVLNDTIGIEKGFMTTIHSYTGDQPTLDTMHKDLYRARAAALSMIPTSTGAAKAVGLVLPELKGKLDGVAIRVPTPNV
SVVDLTFIAKRETTVEEVNNAIREAANGRLKGILGYTDEKLVSHDFNHDSHSSVFHTDQTKVMDGTMVRILSWYDNEWGF
SSRMSDTAVALGKLI
;
_entity_poly.pdbx_strand_id   A,B,C,D
#
loop_
_chem_comp.id
_chem_comp.type
_chem_comp.name
_chem_comp.formula
NAD non-polymer NICOTINAMIDE-ADENINE-DINUCLEOTIDE 'C21 H27 N7 O14 P2'
#
# COMPACT_ATOMS: atom_id res chain seq x y z
N MET A 1 17.39 18.75 -38.76
CA MET A 1 16.16 17.94 -39.01
C MET A 1 15.27 17.75 -37.77
N ALA A 2 15.74 17.08 -36.73
CA ALA A 2 14.87 16.87 -35.56
C ALA A 2 14.45 18.17 -34.88
N VAL A 3 13.22 18.25 -34.42
CA VAL A 3 12.81 19.49 -33.73
C VAL A 3 13.64 19.68 -32.46
N ARG A 4 14.14 20.84 -32.17
CA ARG A 4 14.92 21.04 -30.96
C ARG A 4 14.10 21.51 -29.78
N VAL A 5 13.97 20.73 -28.73
CA VAL A 5 13.18 21.11 -27.56
C VAL A 5 13.84 21.36 -26.24
N ALA A 6 13.27 22.30 -25.53
CA ALA A 6 13.57 22.56 -24.13
C ALA A 6 12.44 22.14 -23.19
N ILE A 7 12.79 21.47 -22.10
CA ILE A 7 11.86 21.07 -21.04
C ILE A 7 11.89 22.05 -19.85
N ASN A 8 10.78 22.74 -19.58
CA ASN A 8 10.69 23.55 -18.36
C ASN A 8 10.03 22.79 -17.20
N GLY A 9 10.78 22.65 -16.10
CA GLY A 9 10.35 21.83 -14.97
C GLY A 9 10.65 20.35 -15.16
N PHE A 10 11.65 19.85 -14.45
CA PHE A 10 12.14 18.50 -14.64
C PHE A 10 11.55 17.65 -13.54
N GLY A 11 10.31 17.98 -13.20
CA GLY A 11 9.46 17.14 -12.37
C GLY A 11 9.18 15.91 -13.21
N ARG A 12 8.35 15.01 -12.73
CA ARG A 12 8.03 13.77 -13.39
C ARG A 12 7.69 13.85 -14.86
N ILE A 13 6.77 14.73 -15.22
CA ILE A 13 6.42 14.89 -16.61
C ILE A 13 7.52 15.14 -17.58
N GLY A 14 8.32 16.13 -17.26
CA GLY A 14 9.55 16.41 -17.95
C GLY A 14 10.54 15.28 -18.01
N ARG A 15 10.83 14.63 -16.92
CA ARG A 15 11.77 13.51 -16.98
C ARG A 15 11.27 12.39 -17.87
N ASN A 16 9.98 12.10 -17.81
CA ASN A 16 9.47 10.98 -18.58
C ASN A 16 9.40 11.25 -20.09
N ILE A 17 9.17 12.47 -20.50
CA ILE A 17 9.32 12.88 -21.88
C ILE A 17 10.71 12.50 -22.45
N LEU A 18 11.76 12.90 -21.76
CA LEU A 18 13.12 12.50 -22.03
C LEU A 18 13.32 11.04 -22.10
N ARG A 19 12.91 10.32 -21.08
CA ARG A 19 13.06 8.91 -21.04
C ARG A 19 12.34 8.23 -22.16
N ALA A 20 11.15 8.69 -22.50
CA ALA A 20 10.45 8.15 -23.61
C ALA A 20 11.14 8.37 -24.97
N ILE A 21 11.74 9.51 -25.17
CA ILE A 21 12.46 9.80 -26.39
C ILE A 21 13.65 8.88 -26.57
N VAL A 22 14.43 8.76 -25.53
CA VAL A 22 15.59 7.90 -25.45
C VAL A 22 15.24 6.41 -25.57
N GLU A 23 14.24 5.94 -24.83
CA GLU A 23 13.92 4.51 -24.87
C GLU A 23 13.37 4.07 -26.23
N SER A 24 12.65 4.96 -26.90
CA SER A 24 11.99 4.60 -28.14
C SER A 24 12.95 4.54 -29.30
N GLY A 25 14.14 5.12 -29.12
CA GLY A 25 15.08 5.35 -30.23
C GLY A 25 14.70 6.43 -31.25
N ARG A 26 13.61 7.18 -31.06
CA ARG A 26 13.20 8.12 -32.10
C ARG A 26 14.27 9.17 -32.43
N THR A 27 14.15 9.70 -33.63
CA THR A 27 15.21 10.46 -34.24
C THR A 27 14.61 11.80 -34.71
N ASP A 28 13.30 11.93 -34.53
CA ASP A 28 12.59 13.10 -35.02
C ASP A 28 12.51 14.28 -34.05
N ILE A 29 12.98 14.11 -32.81
CA ILE A 29 12.92 15.17 -31.81
C ILE A 29 14.15 15.10 -30.93
N GLN A 30 14.59 16.23 -30.40
CA GLN A 30 15.75 16.22 -29.54
C GLN A 30 15.69 17.28 -28.43
N VAL A 31 15.92 16.85 -27.20
CA VAL A 31 15.95 17.73 -26.07
C VAL A 31 17.30 18.40 -25.99
N VAL A 32 17.31 19.72 -26.14
CA VAL A 32 18.56 20.44 -26.13
C VAL A 32 18.74 21.30 -24.89
N ALA A 33 17.72 21.32 -24.01
CA ALA A 33 17.77 22.17 -22.84
C ALA A 33 16.78 21.76 -21.76
N ILE A 34 17.15 22.04 -20.51
CA ILE A 34 16.30 21.83 -19.35
C ILE A 34 16.41 23.04 -18.43
N ASN A 35 15.32 23.48 -17.87
CA ASN A 35 15.26 24.53 -16.87
C ASN A 35 14.54 24.09 -15.62
N ASP A 36 15.16 24.28 -14.48
CA ASP A 36 14.68 23.78 -13.18
C ASP A 36 15.48 24.45 -12.06
N LEU A 37 14.89 24.69 -10.93
CA LEU A 37 15.60 25.38 -9.87
C LEU A 37 16.35 24.60 -8.83
N GLY A 38 16.18 23.30 -8.80
CA GLY A 38 16.95 22.41 -7.99
C GLY A 38 18.27 22.01 -8.59
N PRO A 39 19.09 21.34 -7.80
CA PRO A 39 20.46 20.97 -8.12
C PRO A 39 20.68 19.92 -9.19
N VAL A 40 21.61 20.19 -10.09
CA VAL A 40 21.84 19.33 -11.24
C VAL A 40 22.08 17.86 -10.85
N GLU A 41 22.71 17.63 -9.71
CA GLU A 41 23.01 16.27 -9.31
C GLU A 41 21.73 15.56 -8.86
N THR A 42 20.85 16.28 -8.18
CA THR A 42 19.60 15.67 -7.76
C THR A 42 18.76 15.27 -8.98
N ASN A 43 18.65 16.16 -9.96
CA ASN A 43 17.93 15.89 -11.21
C ASN A 43 18.50 14.69 -11.97
N ALA A 44 19.80 14.48 -11.86
CA ALA A 44 20.36 13.34 -12.56
C ALA A 44 20.01 12.09 -11.82
N HIS A 45 20.05 12.14 -10.49
CA HIS A 45 19.71 10.98 -9.67
C HIS A 45 18.25 10.51 -9.92
N LEU A 46 17.30 11.44 -9.96
CA LEU A 46 15.88 11.17 -10.28
C LEU A 46 15.63 10.65 -11.70
N LEU A 47 16.49 11.02 -12.66
CA LEU A 47 16.43 10.46 -14.00
C LEU A 47 16.92 9.01 -14.00
N ARG A 48 18.01 8.78 -13.26
CA ARG A 48 18.60 7.45 -13.13
C ARG A 48 17.68 6.41 -12.47
N TYR A 49 16.96 6.83 -11.43
CA TYR A 49 16.17 6.01 -10.58
C TYR A 49 14.67 6.32 -10.45
N ASP A 50 13.84 5.53 -11.07
CA ASP A 50 12.42 5.70 -10.89
C ASP A 50 11.71 4.60 -10.15
N SER A 51 10.97 4.95 -9.12
CA SER A 51 10.21 3.98 -8.41
C SER A 51 8.96 3.35 -9.01
N VAL A 52 8.54 3.89 -10.13
CA VAL A 52 7.39 3.40 -10.89
C VAL A 52 7.89 2.82 -12.22
N HIS A 53 8.74 3.56 -12.93
CA HIS A 53 9.29 3.06 -14.21
C HIS A 53 10.61 2.31 -14.12
N GLY A 54 11.24 2.27 -12.95
CA GLY A 54 12.46 1.47 -12.79
C GLY A 54 13.71 2.20 -13.26
N ARG A 55 14.78 1.44 -13.46
CA ARG A 55 16.08 2.03 -13.74
C ARG A 55 16.13 2.51 -15.18
N PHE A 56 16.59 3.71 -15.40
CA PHE A 56 16.74 4.28 -16.70
C PHE A 56 17.84 3.50 -17.34
N PRO A 57 17.67 3.07 -18.57
CA PRO A 57 18.52 2.05 -19.14
C PRO A 57 19.73 2.54 -19.88
N LYS A 58 20.12 3.76 -19.66
CA LYS A 58 21.29 4.30 -20.25
C LYS A 58 22.10 5.07 -19.25
N GLU A 59 23.35 5.29 -19.56
CA GLU A 59 24.21 6.02 -18.69
C GLU A 59 23.79 7.46 -18.55
N VAL A 60 23.99 8.05 -17.40
CA VAL A 60 23.66 9.45 -17.23
C VAL A 60 24.86 10.21 -16.69
N GLU A 61 25.52 10.96 -17.58
CA GLU A 61 26.73 11.66 -17.18
C GLU A 61 26.50 13.12 -16.80
N VAL A 62 26.90 13.44 -15.59
CA VAL A 62 26.91 14.81 -15.11
C VAL A 62 28.29 15.39 -15.32
N ALA A 63 28.34 16.56 -15.96
CA ALA A 63 29.58 17.25 -16.23
C ALA A 63 29.30 18.73 -16.09
N GLY A 64 29.45 19.25 -14.88
CA GLY A 64 29.12 20.64 -14.60
C GLY A 64 27.63 20.78 -14.72
N ASP A 65 27.18 21.93 -15.23
CA ASP A 65 25.75 22.21 -15.38
C ASP A 65 25.13 21.57 -16.63
N THR A 66 25.59 20.34 -16.92
CA THR A 66 25.28 19.65 -18.15
C THR A 66 24.90 18.20 -17.81
N ILE A 67 24.18 17.57 -18.69
CA ILE A 67 23.78 16.23 -18.55
C ILE A 67 23.77 15.58 -19.90
N ASP A 68 24.22 14.35 -20.01
CA ASP A 68 24.36 13.66 -21.27
C ASP A 68 23.75 12.30 -21.18
N VAL A 69 22.75 12.06 -21.98
CA VAL A 69 22.09 10.81 -22.02
C VAL A 69 22.48 9.98 -23.20
N GLY A 70 23.51 10.40 -23.90
CA GLY A 70 24.08 9.59 -24.95
C GLY A 70 24.29 10.31 -26.26
N TYR A 71 24.06 11.62 -26.29
CA TYR A 71 24.20 12.33 -27.56
C TYR A 71 24.81 13.70 -27.42
N GLY A 72 25.50 13.92 -26.31
CA GLY A 72 26.05 15.25 -26.02
C GLY A 72 25.45 15.89 -24.79
N PRO A 73 26.10 16.95 -24.29
CA PRO A 73 25.65 17.63 -23.09
C PRO A 73 24.32 18.37 -23.34
N ILE A 74 23.42 18.30 -22.36
CA ILE A 74 22.19 19.00 -22.41
C ILE A 74 22.37 20.04 -21.36
N LYS A 75 22.22 21.28 -21.71
CA LYS A 75 22.37 22.32 -20.75
C LYS A 75 21.24 22.32 -19.73
N VAL A 76 21.57 22.38 -18.45
CA VAL A 76 20.59 22.58 -17.43
C VAL A 76 20.64 23.95 -16.89
N HIS A 77 19.53 24.62 -16.89
CA HIS A 77 19.48 25.97 -16.36
C HIS A 77 18.69 26.05 -15.07
N ALA A 78 18.67 27.23 -14.47
CA ALA A 78 17.78 27.65 -13.36
C ALA A 78 17.38 29.12 -13.48
N VAL A 79 16.21 29.39 -13.99
CA VAL A 79 15.80 30.72 -14.30
C VAL A 79 14.36 30.96 -13.98
N ARG A 80 14.14 31.78 -12.95
CA ARG A 80 12.88 31.99 -12.32
C ARG A 80 11.75 32.17 -13.22
N ASN A 81 11.89 33.12 -14.09
CA ASN A 81 10.86 33.41 -15.04
C ASN A 81 11.14 33.24 -16.53
N PRO A 82 10.19 32.60 -17.18
CA PRO A 82 10.40 32.03 -18.48
C PRO A 82 10.64 33.02 -19.56
N ALA A 83 10.66 34.29 -19.27
CA ALA A 83 10.96 35.23 -20.31
C ALA A 83 12.40 35.54 -20.23
N GLU A 84 13.05 35.08 -19.20
CA GLU A 84 14.43 35.42 -19.06
C GLU A 84 15.36 34.34 -19.58
N LEU A 85 14.80 33.19 -19.88
CA LEU A 85 15.54 32.07 -20.43
C LEU A 85 16.25 32.38 -21.76
N PRO A 86 17.40 31.76 -21.98
CA PRO A 86 18.20 31.99 -23.18
C PRO A 86 17.79 31.05 -24.31
N TRP A 87 16.54 31.11 -24.69
CA TRP A 87 15.98 30.20 -25.66
C TRP A 87 16.37 30.57 -27.09
N LYS A 88 16.76 31.82 -27.27
CA LYS A 88 17.20 32.24 -28.53
C LYS A 88 18.61 31.80 -28.80
N GLU A 89 19.47 32.02 -27.83
CA GLU A 89 20.84 31.61 -27.87
C GLU A 89 20.89 30.15 -28.12
N GLU A 90 19.97 29.45 -27.51
CA GLU A 90 19.95 28.04 -27.61
C GLU A 90 19.22 27.46 -28.78
N ASN A 91 18.58 28.27 -29.56
CA ASN A 91 18.00 27.72 -30.74
C ASN A 91 16.91 26.76 -30.47
N VAL A 92 16.12 27.03 -29.46
CA VAL A 92 14.94 26.27 -29.17
C VAL A 92 13.82 26.46 -30.19
N ASP A 93 13.32 25.38 -30.77
CA ASP A 93 12.14 25.46 -31.62
C ASP A 93 10.88 25.50 -30.76
N ILE A 94 10.75 24.58 -29.82
CA ILE A 94 9.56 24.50 -29.01
C ILE A 94 9.91 24.35 -27.52
N ALA A 95 9.38 25.22 -26.68
CA ALA A 95 9.54 25.05 -25.23
C ALA A 95 8.41 24.15 -24.78
N LEU A 96 8.70 23.09 -24.05
CA LEU A 96 7.68 22.25 -23.43
C LEU A 96 7.44 22.66 -21.99
N GLU A 97 6.31 23.30 -21.73
CA GLU A 97 5.97 23.84 -20.43
C GLU A 97 5.42 22.82 -19.47
N CYS A 98 6.22 22.38 -18.52
CA CYS A 98 5.89 21.25 -17.66
C CYS A 98 5.99 21.53 -16.14
N THR A 99 5.94 22.78 -15.76
CA THR A 99 6.04 23.19 -14.38
C THR A 99 4.74 23.06 -13.57
N GLY A 100 3.59 23.12 -14.23
CA GLY A 100 2.30 23.11 -13.54
C GLY A 100 1.96 24.48 -12.96
N ILE A 101 2.86 25.43 -13.14
CA ILE A 101 2.72 26.78 -12.61
C ILE A 101 2.47 27.81 -13.71
N PHE A 102 2.67 27.44 -14.98
CA PHE A 102 2.62 28.47 -16.02
C PHE A 102 1.61 28.15 -17.12
N THR A 103 0.50 27.51 -16.72
CA THR A 103 -0.42 26.90 -17.67
C THR A 103 -1.25 27.79 -18.59
N SER A 104 -1.51 29.05 -18.21
CA SER A 104 -2.35 29.92 -19.06
C SER A 104 -1.60 30.35 -20.33
N ARG A 105 -2.33 30.67 -21.40
CA ARG A 105 -1.64 31.04 -22.62
C ARG A 105 -0.63 32.12 -22.35
N ASP A 106 -1.06 33.16 -21.66
CA ASP A 106 -0.23 34.36 -21.53
C ASP A 106 1.01 34.08 -20.70
N LYS A 107 0.92 33.12 -19.79
CA LYS A 107 2.08 32.73 -18.96
C LYS A 107 3.05 31.88 -19.79
N ALA A 108 2.52 30.82 -20.38
CA ALA A 108 3.31 29.95 -21.23
C ALA A 108 4.05 30.74 -22.31
N ALA A 109 3.45 31.82 -22.78
CA ALA A 109 3.97 32.57 -23.92
C ALA A 109 5.19 33.42 -23.59
N LEU A 110 5.57 33.45 -22.32
CA LEU A 110 6.79 34.17 -21.97
C LEU A 110 7.97 33.49 -22.69
N HIS A 111 7.86 32.18 -22.88
CA HIS A 111 8.86 31.39 -23.63
C HIS A 111 9.07 31.93 -25.03
N LEU A 112 8.02 32.50 -25.62
CA LEU A 112 8.15 33.11 -26.94
C LEU A 112 9.03 34.36 -26.87
N GLU A 113 9.00 35.04 -25.72
CA GLU A 113 9.77 36.27 -25.53
C GLU A 113 11.19 35.85 -25.30
N ALA A 114 11.33 34.74 -24.56
CA ALA A 114 12.62 34.19 -24.19
C ALA A 114 13.39 33.67 -25.40
N GLY A 115 12.74 33.67 -26.57
CA GLY A 115 13.43 33.29 -27.80
C GLY A 115 12.91 32.05 -28.55
N ALA A 116 12.10 31.24 -27.90
CA ALA A 116 11.56 30.03 -28.54
C ALA A 116 10.46 30.39 -29.54
N LYS A 117 10.18 29.50 -30.48
CA LYS A 117 9.24 29.78 -31.58
C LYS A 117 7.86 29.19 -31.37
N ARG A 118 7.76 28.19 -30.51
CA ARG A 118 6.47 27.62 -30.21
C ARG A 118 6.49 27.16 -28.77
N VAL A 119 5.33 27.03 -28.15
CA VAL A 119 5.21 26.52 -26.81
C VAL A 119 4.12 25.44 -26.70
N ILE A 120 4.42 24.35 -25.97
CA ILE A 120 3.44 23.32 -25.65
C ILE A 120 3.31 23.13 -24.13
N VAL A 121 2.12 23.37 -23.60
CA VAL A 121 1.87 23.18 -22.18
C VAL A 121 1.43 21.73 -21.93
N SER A 122 1.94 21.12 -20.86
CA SER A 122 1.74 19.70 -20.60
C SER A 122 0.52 19.43 -19.75
N ALA A 123 -0.50 20.27 -19.94
CA ALA A 123 -1.78 20.14 -19.27
C ALA A 123 -2.80 21.00 -20.01
N PRO A 124 -4.04 21.08 -19.49
CA PRO A 124 -4.98 22.06 -20.03
C PRO A 124 -4.36 23.44 -19.91
N ALA A 125 -4.58 24.29 -20.87
CA ALA A 125 -4.03 25.60 -20.83
C ALA A 125 -5.03 26.65 -21.30
N ASP A 126 -5.37 27.52 -20.40
CA ASP A 126 -6.40 28.50 -20.61
C ASP A 126 -6.16 29.49 -21.72
N GLY A 127 -6.97 29.45 -22.74
CA GLY A 127 -6.76 30.35 -23.83
C GLY A 127 -5.73 29.92 -24.82
N ALA A 128 -5.43 28.64 -24.86
CA ALA A 128 -4.53 28.05 -25.84
C ALA A 128 -4.98 28.29 -27.29
N ASP A 129 -4.03 28.52 -28.19
CA ASP A 129 -4.40 28.69 -29.59
C ASP A 129 -5.13 27.45 -30.10
N LEU A 130 -4.81 26.29 -29.53
CA LEU A 130 -5.49 25.05 -29.86
C LEU A 130 -5.19 24.03 -28.77
N THR A 131 -6.09 23.06 -28.56
CA THR A 131 -5.84 22.00 -27.59
C THR A 131 -5.79 20.69 -28.34
N VAL A 132 -4.70 19.93 -28.18
CA VAL A 132 -4.48 18.76 -29.03
C VAL A 132 -4.54 17.41 -28.33
N VAL A 133 -5.35 16.51 -28.88
CA VAL A 133 -5.18 15.08 -28.68
C VAL A 133 -4.52 14.52 -29.96
N TYR A 134 -3.25 14.14 -29.88
CA TYR A 134 -2.57 13.63 -31.05
C TYR A 134 -3.26 12.35 -31.53
N GLY A 135 -3.45 12.23 -32.84
CA GLY A 135 -4.23 11.13 -33.41
C GLY A 135 -5.68 11.51 -33.65
N VAL A 136 -6.17 12.50 -32.94
CA VAL A 136 -7.57 12.84 -33.11
C VAL A 136 -7.81 14.15 -33.86
N ASN A 137 -7.25 15.25 -33.37
CA ASN A 137 -7.43 16.57 -34.01
C ASN A 137 -6.05 17.14 -34.30
N ASN A 138 -5.14 16.23 -34.39
CA ASN A 138 -3.78 16.48 -34.80
C ASN A 138 -3.65 17.35 -36.06
N ASP A 139 -4.47 17.04 -37.02
CA ASP A 139 -4.59 17.78 -38.22
C ASP A 139 -5.16 19.18 -38.23
N LYS A 140 -5.55 19.73 -37.11
CA LYS A 140 -6.12 21.03 -37.15
C LYS A 140 -5.16 22.12 -36.74
N LEU A 141 -3.92 21.69 -36.57
CA LEU A 141 -2.79 22.54 -36.35
C LEU A 141 -2.33 23.26 -37.60
N THR A 142 -1.99 24.50 -37.39
CA THR A 142 -1.58 25.41 -38.41
C THR A 142 -0.27 26.06 -38.09
N LYS A 143 0.23 26.80 -39.05
CA LYS A 143 1.33 27.71 -38.92
C LYS A 143 1.08 28.79 -37.90
N ASP A 144 -0.16 29.09 -37.65
CA ASP A 144 -0.55 30.22 -36.86
C ASP A 144 -0.68 29.86 -35.44
N HIS A 145 -0.67 28.59 -35.14
CA HIS A 145 -0.76 28.15 -33.74
C HIS A 145 0.61 28.29 -33.07
N LEU A 146 0.71 29.18 -32.08
CA LEU A 146 1.98 29.46 -31.41
C LEU A 146 2.08 28.97 -29.95
N VAL A 147 0.97 28.90 -29.23
CA VAL A 147 0.99 28.33 -27.86
C VAL A 147 -0.15 27.33 -27.75
N ILE A 148 0.19 26.06 -27.52
CA ILE A 148 -0.85 25.03 -27.48
C ILE A 148 -0.85 24.16 -26.25
N SER A 149 -1.96 23.51 -26.01
CA SER A 149 -2.08 22.59 -24.91
C SER A 149 -2.14 21.17 -25.45
N ASN A 150 -1.36 20.28 -24.84
CA ASN A 150 -1.43 18.86 -25.14
C ASN A 150 -2.52 18.16 -24.31
N ALA A 151 -3.40 18.95 -23.72
CA ALA A 151 -4.55 18.42 -22.98
C ALA A 151 -4.08 17.61 -21.79
N SER A 152 -4.83 16.58 -21.42
CA SER A 152 -4.54 15.83 -20.21
C SER A 152 -4.53 14.30 -20.44
N CYS A 153 -3.90 13.58 -19.53
CA CYS A 153 -3.86 12.12 -19.61
C CYS A 153 -5.27 11.50 -19.85
N THR A 154 -6.23 11.84 -18.98
CA THR A 154 -7.59 11.35 -19.10
C THR A 154 -8.23 11.71 -20.45
N THR A 155 -8.02 12.94 -20.92
CA THR A 155 -8.62 13.38 -22.17
C THR A 155 -8.00 12.62 -23.34
N ASN A 156 -6.69 12.39 -23.31
CA ASN A 156 -6.08 11.61 -24.39
C ASN A 156 -6.54 10.15 -24.32
N CYS A 157 -7.05 9.72 -23.18
CA CYS A 157 -7.53 8.34 -23.09
C CYS A 157 -8.95 8.23 -23.63
N LEU A 158 -9.75 9.26 -23.34
CA LEU A 158 -11.17 9.19 -23.63
C LEU A 158 -11.50 9.56 -25.09
N ALA A 159 -10.87 10.62 -25.59
CA ALA A 159 -11.26 11.18 -26.90
C ALA A 159 -11.19 10.18 -28.05
N PRO A 160 -10.12 9.37 -28.10
CA PRO A 160 -9.97 8.37 -29.18
C PRO A 160 -11.08 7.30 -29.14
N VAL A 161 -11.42 6.81 -27.95
CA VAL A 161 -12.55 5.88 -27.81
C VAL A 161 -13.85 6.58 -28.22
N ALA A 162 -14.13 7.74 -27.70
CA ALA A 162 -15.29 8.48 -28.08
C ALA A 162 -15.44 8.75 -29.56
N GLN A 163 -14.34 9.02 -30.22
CA GLN A 163 -14.38 9.24 -31.61
C GLN A 163 -14.74 8.06 -32.49
N VAL A 164 -14.14 6.94 -32.26
CA VAL A 164 -14.44 5.74 -32.95
C VAL A 164 -15.87 5.26 -32.78
N LEU A 165 -16.36 5.36 -31.57
CA LEU A 165 -17.64 4.84 -31.23
C LEU A 165 -18.69 5.77 -31.69
N ASN A 166 -18.41 7.03 -31.58
CA ASN A 166 -19.34 8.01 -32.07
C ASN A 166 -19.46 7.94 -33.59
N ASP A 167 -18.34 7.66 -34.28
CA ASP A 167 -18.38 7.59 -35.74
C ASP A 167 -19.14 6.37 -36.20
N THR A 168 -19.16 5.34 -35.40
CA THR A 168 -19.59 4.05 -35.80
C THR A 168 -21.01 3.70 -35.40
N ILE A 169 -21.44 4.22 -34.27
CA ILE A 169 -22.66 3.86 -33.64
C ILE A 169 -23.34 5.10 -33.15
N GLY A 170 -22.57 6.11 -32.82
CA GLY A 170 -23.04 7.37 -32.32
C GLY A 170 -23.26 7.55 -30.85
N ILE A 171 -22.85 8.68 -30.32
CA ILE A 171 -22.98 8.98 -28.91
C ILE A 171 -23.98 10.07 -28.59
N GLU A 172 -25.09 9.73 -27.99
CA GLU A 172 -26.09 10.68 -27.54
C GLU A 172 -25.74 11.41 -26.26
N LYS A 173 -25.32 10.67 -25.24
CA LYS A 173 -25.07 11.13 -23.87
C LYS A 173 -24.18 10.13 -23.14
N GLY A 174 -23.24 10.59 -22.38
CA GLY A 174 -22.43 9.71 -21.56
C GLY A 174 -21.88 10.24 -20.25
N PHE A 175 -21.45 9.34 -19.38
CA PHE A 175 -20.82 9.75 -18.13
C PHE A 175 -19.56 8.95 -17.90
N MET A 176 -18.47 9.66 -17.65
CA MET A 176 -17.18 9.04 -17.43
C MET A 176 -16.80 9.12 -15.95
N THR A 177 -16.36 8.00 -15.37
CA THR A 177 -15.67 8.03 -14.09
C THR A 177 -14.26 7.55 -14.36
N THR A 178 -13.25 8.32 -14.03
CA THR A 178 -11.92 7.78 -14.19
C THR A 178 -11.33 7.42 -12.84
N ILE A 179 -10.96 6.15 -12.71
CA ILE A 179 -10.35 5.65 -11.49
C ILE A 179 -8.88 5.84 -11.69
N HIS A 180 -8.32 6.74 -10.90
CA HIS A 180 -7.01 7.27 -11.21
C HIS A 180 -6.02 6.91 -10.13
N SER A 181 -4.77 6.73 -10.53
CA SER A 181 -3.66 6.57 -9.60
C SER A 181 -3.39 7.85 -8.89
N TYR A 182 -2.88 7.77 -7.66
CA TYR A 182 -2.53 8.98 -6.94
C TYR A 182 -1.35 9.67 -7.59
N THR A 183 -1.22 10.95 -7.34
CA THR A 183 -0.33 11.72 -8.15
C THR A 183 0.41 12.69 -7.24
N GLY A 184 1.44 13.37 -7.76
CA GLY A 184 2.33 14.21 -6.91
C GLY A 184 1.71 15.35 -6.12
N ASP A 185 0.47 15.67 -6.46
CA ASP A 185 -0.17 16.81 -5.88
C ASP A 185 -1.06 16.39 -4.69
N GLN A 186 -0.99 15.11 -4.33
CA GLN A 186 -1.67 14.59 -3.14
C GLN A 186 -0.62 14.33 -2.06
N PRO A 187 -0.97 14.51 -0.80
CA PRO A 187 -0.06 14.27 0.31
C PRO A 187 0.02 12.82 0.81
N THR A 188 1.11 12.48 1.47
CA THR A 188 1.25 11.18 2.08
C THR A 188 0.28 10.93 3.18
N LEU A 189 -0.04 11.95 3.93
CA LEU A 189 -0.77 11.83 5.13
C LEU A 189 -1.64 13.05 5.17
N ASP A 190 -2.71 12.99 5.92
CA ASP A 190 -3.68 14.09 6.02
C ASP A 190 -3.04 15.46 6.37
N THR A 191 -3.38 16.48 5.59
CA THR A 191 -2.81 17.80 5.86
C THR A 191 -3.48 18.92 5.07
N MET A 192 -3.35 20.13 5.62
CA MET A 192 -3.83 21.37 4.99
C MET A 192 -3.74 21.33 3.45
N HIS A 193 -4.83 21.70 2.77
CA HIS A 193 -4.88 21.72 1.32
C HIS A 193 -6.09 22.57 0.88
N LYS A 194 -6.05 23.17 -0.28
CA LYS A 194 -7.18 23.93 -0.82
C LYS A 194 -8.43 23.11 -1.08
N ASP A 195 -8.23 21.88 -1.47
CA ASP A 195 -9.25 20.96 -1.71
C ASP A 195 -9.23 19.90 -0.64
N LEU A 196 -10.34 19.77 0.01
CA LEU A 196 -10.48 18.94 1.13
C LEU A 196 -10.38 17.47 0.84
N TYR A 197 -10.82 17.08 -0.32
CA TYR A 197 -10.62 15.75 -0.84
C TYR A 197 -9.14 15.43 -0.96
N ARG A 198 -8.41 16.28 -1.67
CA ARG A 198 -6.98 16.08 -1.92
C ARG A 198 -6.10 16.28 -0.69
N ALA A 199 -6.70 16.75 0.40
CA ALA A 199 -6.04 16.85 1.70
C ALA A 199 -5.77 15.48 2.37
N ARG A 200 -6.35 14.40 1.84
CA ARG A 200 -6.34 13.14 2.58
C ARG A 200 -5.22 12.21 2.17
N ALA A 201 -4.70 11.46 3.15
CA ALA A 201 -3.64 10.47 2.94
C ALA A 201 -3.86 9.68 1.65
N ALA A 202 -2.95 9.81 0.70
CA ALA A 202 -3.15 9.33 -0.66
C ALA A 202 -3.24 7.83 -0.84
N ALA A 203 -2.54 7.05 -0.05
CA ALA A 203 -2.52 5.63 -0.30
C ALA A 203 -3.35 4.85 0.73
N LEU A 204 -4.20 5.59 1.45
CA LEU A 204 -5.05 4.98 2.47
C LEU A 204 -6.54 5.01 2.11
N SER A 205 -6.91 5.67 1.00
CA SER A 205 -8.32 5.78 0.63
C SER A 205 -8.63 5.82 -0.87
N MET A 206 -9.88 5.50 -1.19
CA MET A 206 -10.51 5.88 -2.45
C MET A 206 -10.97 7.31 -2.24
N ILE A 207 -10.56 8.21 -3.13
CA ILE A 207 -10.77 9.64 -2.96
C ILE A 207 -11.40 10.34 -4.18
N PRO A 208 -12.68 10.73 -4.04
CA PRO A 208 -13.44 11.46 -5.05
C PRO A 208 -12.77 12.75 -5.45
N THR A 209 -12.75 13.05 -6.74
CA THR A 209 -12.09 14.26 -7.18
C THR A 209 -12.58 14.72 -8.56
N SER A 210 -12.59 16.03 -8.81
CA SER A 210 -13.13 16.51 -10.07
C SER A 210 -12.08 16.56 -11.19
N THR A 211 -12.55 16.49 -12.42
CA THR A 211 -11.71 16.36 -13.59
C THR A 211 -12.46 17.06 -14.69
N GLY A 212 -11.75 17.77 -15.53
CA GLY A 212 -12.39 18.39 -16.65
C GLY A 212 -12.33 17.65 -17.95
N ALA A 213 -12.02 16.36 -17.95
CA ALA A 213 -11.74 15.66 -19.19
C ALA A 213 -12.88 15.41 -20.13
N ALA A 214 -14.07 15.25 -19.63
CA ALA A 214 -15.18 15.09 -20.50
C ALA A 214 -15.66 16.28 -21.21
N LYS A 215 -15.67 17.44 -20.59
CA LYS A 215 -15.88 18.71 -21.28
C LYS A 215 -14.88 18.91 -22.40
N ALA A 216 -13.63 18.60 -22.10
CA ALA A 216 -12.53 18.87 -22.97
C ALA A 216 -12.57 18.02 -24.19
N VAL A 217 -13.24 16.91 -24.09
CA VAL A 217 -13.42 16.11 -25.30
C VAL A 217 -14.41 16.76 -26.26
N GLY A 218 -15.38 17.46 -25.73
CA GLY A 218 -16.29 18.20 -26.53
C GLY A 218 -15.62 19.34 -27.26
N LEU A 219 -14.42 19.67 -26.88
CA LEU A 219 -13.70 20.65 -27.59
C LEU A 219 -12.78 20.20 -28.66
N VAL A 220 -12.12 19.07 -28.41
CA VAL A 220 -11.29 18.40 -29.38
C VAL A 220 -12.15 17.80 -30.46
N LEU A 221 -13.35 17.41 -30.10
CA LEU A 221 -14.32 16.82 -31.03
C LEU A 221 -15.62 17.59 -30.90
N PRO A 222 -15.76 18.70 -31.65
CA PRO A 222 -16.88 19.63 -31.47
C PRO A 222 -18.25 18.98 -31.61
N GLU A 223 -18.34 17.97 -32.47
CA GLU A 223 -19.58 17.23 -32.64
C GLU A 223 -19.99 16.55 -31.35
N LEU A 224 -19.20 16.62 -30.32
CA LEU A 224 -19.56 16.00 -29.07
C LEU A 224 -19.75 16.95 -27.92
N LYS A 225 -19.79 18.24 -28.19
CA LYS A 225 -20.06 19.24 -27.16
C LYS A 225 -21.35 19.09 -26.39
N GLY A 226 -21.25 19.25 -25.09
CA GLY A 226 -22.37 19.11 -24.20
C GLY A 226 -22.83 17.70 -24.02
N LYS A 227 -22.02 16.75 -24.38
CA LYS A 227 -22.45 15.41 -24.53
C LYS A 227 -21.95 14.48 -23.46
N LEU A 228 -20.91 14.86 -22.77
CA LEU A 228 -20.18 14.00 -21.87
C LEU A 228 -19.79 14.63 -20.56
N ASP A 229 -20.21 14.07 -19.44
CA ASP A 229 -19.75 14.65 -18.17
C ASP A 229 -18.81 13.66 -17.47
N GLY A 230 -18.18 14.08 -16.37
CA GLY A 230 -17.40 13.13 -15.57
C GLY A 230 -16.67 13.58 -14.31
N VAL A 231 -16.16 12.61 -13.56
CA VAL A 231 -15.51 12.86 -12.27
C VAL A 231 -14.45 11.81 -12.14
N ALA A 232 -13.65 11.90 -11.07
CA ALA A 232 -12.59 10.94 -10.80
C ALA A 232 -12.66 10.29 -9.40
N ILE A 233 -11.92 9.21 -9.21
CA ILE A 233 -11.79 8.63 -7.90
C ILE A 233 -10.32 8.21 -7.83
N ARG A 234 -9.54 8.82 -6.94
CA ARG A 234 -8.13 8.45 -6.84
C ARG A 234 -7.99 7.28 -5.89
N VAL A 235 -7.13 6.33 -6.26
CA VAL A 235 -6.98 5.13 -5.44
C VAL A 235 -5.52 4.79 -5.17
N PRO A 236 -5.27 3.98 -4.15
CA PRO A 236 -3.90 3.72 -3.73
C PRO A 236 -3.04 2.99 -4.75
N THR A 237 -2.82 3.56 -5.92
CA THR A 237 -1.79 3.00 -6.79
C THR A 237 -0.97 4.13 -7.33
N PRO A 238 0.32 3.86 -7.56
CA PRO A 238 1.23 4.93 -7.97
C PRO A 238 1.20 5.30 -9.46
N ASN A 239 0.63 4.46 -10.31
CA ASN A 239 0.65 4.75 -11.77
C ASN A 239 -0.29 3.84 -12.55
N VAL A 240 -0.83 4.35 -13.66
CA VAL A 240 -1.84 3.66 -14.47
C VAL A 240 -3.25 3.97 -14.01
N SER A 241 -4.09 4.40 -14.94
CA SER A 241 -5.45 4.75 -14.64
C SER A 241 -6.35 4.12 -15.69
N VAL A 242 -7.66 4.29 -15.50
CA VAL A 242 -8.62 3.67 -16.35
C VAL A 242 -9.82 4.56 -16.52
N VAL A 243 -10.47 4.46 -17.68
CA VAL A 243 -11.69 5.18 -17.95
C VAL A 243 -12.86 4.20 -17.97
N ASP A 244 -13.83 4.45 -17.10
CA ASP A 244 -15.02 3.64 -17.04
C ASP A 244 -16.17 4.50 -17.54
N LEU A 245 -16.62 4.24 -18.77
CA LEU A 245 -17.59 5.12 -19.45
C LEU A 245 -18.86 4.37 -19.70
N THR A 246 -19.99 5.02 -19.37
CA THR A 246 -21.31 4.47 -19.69
C THR A 246 -22.05 5.50 -20.55
N PHE A 247 -22.49 5.10 -21.74
CA PHE A 247 -23.22 6.02 -22.62
C PHE A 247 -24.45 5.41 -23.32
N ILE A 248 -25.25 6.28 -23.88
CA ILE A 248 -26.37 5.93 -24.70
C ILE A 248 -26.01 6.02 -26.16
N ALA A 249 -26.11 4.93 -26.89
CA ALA A 249 -25.88 4.93 -28.30
C ALA A 249 -27.05 5.47 -29.06
N LYS A 250 -26.77 5.99 -30.23
CA LYS A 250 -27.74 6.56 -31.13
C LYS A 250 -28.59 5.49 -31.76
N ARG A 251 -28.10 4.28 -31.76
CA ARG A 251 -28.76 3.17 -32.38
C ARG A 251 -28.43 1.90 -31.65
N GLU A 252 -29.25 0.89 -31.77
CA GLU A 252 -28.96 -0.35 -31.13
C GLU A 252 -27.69 -0.91 -31.61
N THR A 253 -27.00 -1.61 -30.75
CA THR A 253 -25.74 -2.25 -31.11
C THR A 253 -25.47 -3.42 -30.20
N THR A 254 -24.29 -4.01 -30.32
CA THR A 254 -23.93 -5.18 -29.52
C THR A 254 -22.51 -5.12 -28.98
N VAL A 255 -22.18 -5.91 -27.99
CA VAL A 255 -20.81 -6.14 -27.59
C VAL A 255 -19.76 -6.34 -28.70
N GLU A 256 -20.01 -7.30 -29.56
CA GLU A 256 -19.14 -7.60 -30.67
C GLU A 256 -18.88 -6.46 -31.68
N GLU A 257 -19.89 -5.68 -31.96
CA GLU A 257 -19.79 -4.53 -32.82
C GLU A 257 -18.93 -3.43 -32.22
N VAL A 258 -19.19 -3.11 -30.98
CA VAL A 258 -18.39 -2.15 -30.23
C VAL A 258 -16.92 -2.56 -30.23
N ASN A 259 -16.62 -3.78 -29.81
CA ASN A 259 -15.25 -4.26 -29.80
C ASN A 259 -14.66 -4.27 -31.20
N ASN A 260 -15.41 -4.84 -32.13
CA ASN A 260 -14.86 -4.91 -33.47
C ASN A 260 -14.50 -3.54 -34.07
N ALA A 261 -15.27 -2.51 -33.73
CA ALA A 261 -15.02 -1.17 -34.20
C ALA A 261 -13.77 -0.61 -33.57
N ILE A 262 -13.50 -1.03 -32.33
CA ILE A 262 -12.29 -0.57 -31.68
C ILE A 262 -11.07 -1.23 -32.33
N ARG A 263 -11.15 -2.52 -32.58
CA ARG A 263 -10.02 -3.21 -33.18
C ARG A 263 -9.63 -2.61 -34.55
N GLU A 264 -10.62 -2.28 -35.38
CA GLU A 264 -10.29 -1.78 -36.72
C GLU A 264 -9.67 -0.40 -36.64
N ALA A 265 -10.09 0.39 -35.67
CA ALA A 265 -9.45 1.69 -35.45
C ALA A 265 -8.00 1.56 -34.98
N ALA A 266 -7.80 0.70 -33.98
CA ALA A 266 -6.49 0.47 -33.36
C ALA A 266 -5.48 -0.12 -34.32
N ASN A 267 -5.97 -0.93 -35.25
CA ASN A 267 -5.08 -1.63 -36.17
C ASN A 267 -4.77 -0.82 -37.43
N GLY A 268 -5.44 0.32 -37.60
CA GLY A 268 -5.24 1.21 -38.77
C GLY A 268 -5.02 2.68 -38.44
N ARG A 269 -6.05 3.50 -38.67
CA ARG A 269 -5.98 4.94 -38.40
C ARG A 269 -5.30 5.32 -37.07
N LEU A 270 -5.62 4.62 -35.99
CA LEU A 270 -5.13 4.93 -34.68
C LEU A 270 -4.03 4.05 -34.13
N LYS A 271 -3.22 3.47 -34.97
CA LYS A 271 -2.13 2.70 -34.46
C LYS A 271 -1.11 3.39 -33.60
N GLY A 272 -0.87 2.77 -32.48
CA GLY A 272 0.08 3.25 -31.53
C GLY A 272 -0.53 4.22 -30.60
N ILE A 273 -1.71 4.69 -30.91
CA ILE A 273 -2.37 5.64 -30.03
C ILE A 273 -3.50 5.01 -29.21
N LEU A 274 -4.43 4.35 -29.90
CA LEU A 274 -5.42 3.53 -29.23
C LEU A 274 -5.03 2.08 -29.49
N GLY A 275 -4.93 1.29 -28.44
CA GLY A 275 -4.68 -0.13 -28.58
C GLY A 275 -5.84 -0.86 -27.92
N TYR A 276 -5.78 -2.19 -27.88
CA TYR A 276 -6.80 -2.97 -27.16
C TYR A 276 -6.16 -4.21 -26.54
N THR A 277 -6.80 -4.80 -25.54
CA THR A 277 -6.45 -6.17 -25.13
C THR A 277 -7.68 -7.06 -25.14
N ASP A 278 -7.51 -8.31 -25.57
CA ASP A 278 -8.58 -9.31 -25.55
C ASP A 278 -8.35 -10.27 -24.38
N GLU A 279 -7.38 -9.98 -23.54
CA GLU A 279 -7.08 -10.86 -22.41
C GLU A 279 -7.58 -10.31 -21.07
N LYS A 280 -7.41 -11.10 -20.01
CA LYS A 280 -7.89 -10.68 -18.72
C LYS A 280 -6.80 -10.05 -17.88
N LEU A 281 -6.44 -8.82 -18.27
CA LEU A 281 -5.32 -8.08 -17.71
C LEU A 281 -5.75 -7.15 -16.57
N VAL A 282 -4.79 -6.66 -15.79
CA VAL A 282 -5.08 -5.79 -14.67
C VAL A 282 -4.21 -4.55 -14.80
N SER A 283 -4.40 -3.56 -13.91
CA SER A 283 -3.79 -2.26 -14.13
C SER A 283 -2.27 -2.29 -14.28
N HIS A 284 -1.56 -3.15 -13.55
CA HIS A 284 -0.11 -3.09 -13.66
C HIS A 284 0.38 -3.58 -15.01
N ASP A 285 -0.34 -4.33 -15.64
CA ASP A 285 0.02 -4.81 -16.98
C ASP A 285 0.11 -3.65 -17.97
N PHE A 286 -0.34 -2.53 -17.62
CA PHE A 286 -0.22 -1.39 -18.52
C PHE A 286 0.82 -0.38 -18.08
N ASN A 287 1.58 -0.69 -17.04
CA ASN A 287 2.67 0.17 -16.61
C ASN A 287 3.71 0.30 -17.71
N HIS A 288 4.05 1.53 -18.09
CA HIS A 288 5.09 1.73 -19.12
C HIS A 288 4.61 1.38 -20.52
N ASP A 289 3.33 1.55 -20.79
CA ASP A 289 2.82 1.29 -22.14
C ASP A 289 2.60 2.67 -22.74
N SER A 290 2.98 2.82 -24.02
CA SER A 290 3.09 4.12 -24.63
C SER A 290 1.78 4.56 -25.28
N HIS A 291 0.80 3.66 -25.27
CA HIS A 291 -0.52 4.02 -25.79
C HIS A 291 -1.16 5.15 -24.98
N SER A 292 -2.00 5.93 -25.65
CA SER A 292 -2.84 6.94 -25.00
C SER A 292 -4.06 6.33 -24.31
N SER A 293 -4.43 5.16 -24.80
CA SER A 293 -5.64 4.47 -24.49
C SER A 293 -5.64 2.99 -24.98
N VAL A 294 -5.89 2.07 -24.08
CA VAL A 294 -5.91 0.66 -24.40
C VAL A 294 -7.22 0.07 -23.96
N PHE A 295 -8.00 -0.32 -24.94
CA PHE A 295 -9.35 -0.77 -24.79
C PHE A 295 -9.41 -2.21 -24.28
N HIS A 296 -10.20 -2.41 -23.25
CA HIS A 296 -10.40 -3.67 -22.59
C HIS A 296 -11.69 -4.39 -23.04
N THR A 297 -11.57 -5.17 -24.10
CA THR A 297 -12.67 -5.78 -24.79
C THR A 297 -13.54 -6.62 -23.91
N ASP A 298 -12.87 -7.32 -23.03
CA ASP A 298 -13.56 -8.22 -22.10
C ASP A 298 -14.53 -7.46 -21.22
N GLN A 299 -14.33 -6.14 -21.07
CA GLN A 299 -15.09 -5.36 -20.10
C GLN A 299 -16.26 -4.58 -20.72
N THR A 300 -16.51 -4.82 -22.00
CA THR A 300 -17.59 -4.13 -22.70
C THR A 300 -18.96 -4.71 -22.33
N LYS A 301 -19.93 -3.85 -22.09
CA LYS A 301 -21.23 -4.32 -21.71
C LYS A 301 -22.28 -3.53 -22.43
N VAL A 302 -23.32 -4.24 -22.85
CA VAL A 302 -24.48 -3.61 -23.44
C VAL A 302 -25.70 -4.08 -22.70
N MET A 303 -26.60 -3.16 -22.39
CA MET A 303 -27.92 -3.61 -22.01
C MET A 303 -29.06 -2.93 -22.73
N ASP A 304 -30.05 -3.75 -23.06
CA ASP A 304 -31.21 -3.33 -23.82
C ASP A 304 -30.78 -2.53 -25.04
N GLY A 305 -29.80 -3.07 -25.76
CA GLY A 305 -29.38 -2.56 -27.05
C GLY A 305 -28.63 -1.23 -27.08
N THR A 306 -28.97 -0.31 -26.18
CA THR A 306 -28.46 1.05 -26.33
C THR A 306 -27.62 1.60 -25.19
N MET A 307 -27.71 1.02 -24.00
CA MET A 307 -26.83 1.46 -22.91
C MET A 307 -25.53 0.68 -22.97
N VAL A 308 -24.43 1.38 -23.26
CA VAL A 308 -23.12 0.76 -23.40
C VAL A 308 -22.14 1.19 -22.30
N ARG A 309 -21.38 0.24 -21.78
CA ARG A 309 -20.29 0.50 -20.83
C ARG A 309 -18.97 -0.05 -21.38
N ILE A 310 -17.92 0.77 -21.30
CA ILE A 310 -16.60 0.35 -21.77
C ILE A 310 -15.51 0.69 -20.77
N LEU A 311 -14.37 0.04 -20.93
CA LEU A 311 -13.25 0.25 -20.02
C LEU A 311 -11.94 0.32 -20.78
N SER A 312 -11.17 1.38 -20.54
CA SER A 312 -9.96 1.64 -21.30
C SER A 312 -8.85 2.19 -20.42
N TRP A 313 -7.69 1.54 -20.47
CA TRP A 313 -6.62 1.86 -19.55
C TRP A 313 -5.79 2.94 -20.16
N TYR A 314 -5.17 3.71 -19.30
CA TYR A 314 -4.07 4.60 -19.62
C TYR A 314 -2.96 4.61 -18.59
N ASP A 315 -1.74 4.41 -19.04
CA ASP A 315 -0.57 4.81 -18.28
C ASP A 315 -0.46 6.34 -18.35
N ASN A 316 -0.95 6.97 -17.32
CA ASN A 316 -1.08 8.39 -17.19
C ASN A 316 0.20 9.17 -17.22
N GLU A 317 1.31 8.51 -17.07
CA GLU A 317 2.59 9.11 -17.22
C GLU A 317 3.21 8.87 -18.58
N TRP A 318 3.29 7.64 -18.99
CA TRP A 318 4.09 7.23 -20.14
C TRP A 318 3.45 7.52 -21.51
N GLY A 319 2.13 7.36 -21.59
CA GLY A 319 1.43 7.61 -22.85
C GLY A 319 1.45 9.11 -23.13
N PHE A 320 1.13 9.87 -22.09
CA PHE A 320 1.08 11.31 -22.18
C PHE A 320 2.44 11.92 -22.51
N SER A 321 3.51 11.33 -22.00
CA SER A 321 4.85 11.82 -22.28
C SER A 321 5.28 11.50 -23.70
N SER A 322 4.80 10.41 -24.25
CA SER A 322 5.13 10.09 -25.63
C SER A 322 4.41 11.06 -26.54
N ARG A 323 3.13 11.29 -26.26
CA ARG A 323 2.32 12.21 -27.07
C ARG A 323 2.88 13.62 -27.06
N MET A 324 3.47 14.04 -25.94
CA MET A 324 4.14 15.34 -25.91
C MET A 324 5.09 15.41 -27.09
N SER A 325 5.88 14.36 -27.30
CA SER A 325 6.79 14.36 -28.42
C SER A 325 6.13 14.27 -29.79
N ASP A 326 5.08 13.45 -29.93
CA ASP A 326 4.37 13.31 -31.20
C ASP A 326 3.74 14.61 -31.64
N THR A 327 3.17 15.30 -30.66
CA THR A 327 2.65 16.63 -30.89
C THR A 327 3.73 17.65 -31.27
N ALA A 328 4.85 17.61 -30.57
CA ALA A 328 5.91 18.57 -30.86
C ALA A 328 6.53 18.36 -32.26
N VAL A 329 6.72 17.10 -32.64
CA VAL A 329 7.20 16.79 -33.99
C VAL A 329 6.29 17.42 -35.08
N ALA A 330 5.01 17.35 -34.88
CA ALA A 330 4.08 17.87 -35.82
C ALA A 330 4.07 19.37 -35.84
N LEU A 331 4.12 19.99 -34.67
CA LEU A 331 4.24 21.41 -34.55
C LEU A 331 5.46 21.96 -35.20
N GLY A 332 6.58 21.31 -35.03
CA GLY A 332 7.78 21.64 -35.71
C GLY A 332 7.67 21.67 -37.21
N LYS A 333 6.91 20.81 -37.84
CA LYS A 333 6.75 20.82 -39.26
C LYS A 333 6.07 22.06 -39.83
N LEU A 334 5.15 22.62 -39.06
CA LEU A 334 4.56 23.89 -39.35
C LEU A 334 5.40 25.13 -39.11
N ILE A 335 6.60 25.02 -38.59
CA ILE A 335 7.41 26.18 -38.35
C ILE A 335 8.02 26.62 -39.66
N MET B 1 -6.54 26.36 37.56
CA MET B 1 -5.43 25.41 37.89
C MET B 1 -4.76 24.68 36.68
N ALA B 2 -5.44 24.57 35.55
CA ALA B 2 -4.86 23.96 34.35
C ALA B 2 -3.94 24.95 33.64
N VAL B 3 -2.92 24.42 32.98
CA VAL B 3 -1.98 25.20 32.18
C VAL B 3 -2.62 25.62 30.87
N ARG B 4 -2.50 26.88 30.55
CA ARG B 4 -3.03 27.39 29.32
C ARG B 4 -2.11 27.30 28.13
N VAL B 5 -2.52 26.58 27.09
CA VAL B 5 -1.64 26.23 25.98
C VAL B 5 -2.09 26.61 24.60
N ALA B 6 -1.16 26.79 23.72
CA ALA B 6 -1.52 27.11 22.39
C ALA B 6 -0.71 26.31 21.35
N ILE B 7 -1.41 25.66 20.43
CA ILE B 7 -0.77 24.78 19.45
C ILE B 7 -0.46 25.53 18.17
N ASN B 8 0.81 25.57 17.79
CA ASN B 8 1.21 26.28 16.56
C ASN B 8 1.60 25.29 15.49
N GLY B 9 0.79 25.17 14.45
CA GLY B 9 0.97 24.10 13.47
C GLY B 9 0.01 22.98 13.79
N PHE B 10 -1.12 22.96 13.07
CA PHE B 10 -2.17 22.02 13.37
C PHE B 10 -2.06 20.79 12.46
N GLY B 11 -0.87 20.17 12.48
CA GLY B 11 -0.61 18.97 11.70
C GLY B 11 -0.83 17.68 12.46
N ARG B 12 -0.23 16.60 11.97
CA ARG B 12 -0.50 15.30 12.56
C ARG B 12 -0.34 15.36 14.09
N ILE B 13 0.70 16.05 14.55
CA ILE B 13 0.93 16.14 15.98
C ILE B 13 0.15 17.27 16.69
N GLY B 14 0.09 18.45 16.10
CA GLY B 14 -0.76 19.51 16.64
C GLY B 14 -2.20 19.05 16.83
N ARG B 15 -2.71 18.31 15.85
CA ARG B 15 -4.10 17.81 15.97
C ARG B 15 -4.21 16.76 17.09
N ASN B 16 -3.32 15.77 17.07
CA ASN B 16 -3.36 14.73 18.10
C ASN B 16 -2.95 15.18 19.50
N ILE B 17 -2.29 16.33 19.64
CA ILE B 17 -2.06 16.83 20.99
C ILE B 17 -3.43 17.13 21.57
N LEU B 18 -4.20 17.93 20.84
CA LEU B 18 -5.57 18.30 21.20
C LEU B 18 -6.41 17.06 21.42
N ARG B 19 -6.41 16.18 20.43
CA ARG B 19 -7.26 15.02 20.47
C ARG B 19 -6.95 14.16 21.68
N ALA B 20 -5.67 14.01 21.98
CA ALA B 20 -5.32 13.17 23.13
C ALA B 20 -5.78 13.78 24.47
N ILE B 21 -5.59 15.09 24.64
CA ILE B 21 -6.13 15.77 25.81
C ILE B 21 -7.59 15.42 25.99
N VAL B 22 -8.37 15.57 24.92
CA VAL B 22 -9.80 15.23 24.94
C VAL B 22 -10.09 13.74 25.20
N GLU B 23 -9.42 12.81 24.52
CA GLU B 23 -9.74 11.39 24.77
C GLU B 23 -9.35 10.96 26.19
N SER B 24 -8.32 11.57 26.74
CA SER B 24 -7.81 11.07 28.01
C SER B 24 -8.67 11.55 29.19
N GLY B 25 -9.50 12.55 28.95
CA GLY B 25 -10.26 13.23 29.95
C GLY B 25 -9.53 14.16 30.91
N ARG B 26 -8.32 14.54 30.59
CA ARG B 26 -7.45 15.31 31.43
C ARG B 26 -7.81 16.74 31.79
N THR B 27 -7.78 17.09 33.04
CA THR B 27 -8.17 18.43 33.42
C THR B 27 -7.10 19.44 33.67
N ASP B 28 -5.90 18.95 33.88
CA ASP B 28 -4.66 19.67 34.06
C ASP B 28 -4.10 20.54 32.96
N ILE B 29 -4.62 20.46 31.76
CA ILE B 29 -4.18 21.32 30.66
C ILE B 29 -5.37 21.73 29.82
N GLN B 30 -5.25 22.86 29.11
CA GLN B 30 -6.35 23.36 28.30
C GLN B 30 -5.86 24.13 27.07
N VAL B 31 -6.34 23.72 25.91
CA VAL B 31 -5.96 24.36 24.67
C VAL B 31 -6.80 25.62 24.46
N VAL B 32 -6.13 26.76 24.30
CA VAL B 32 -6.84 28.03 24.26
C VAL B 32 -6.70 28.73 22.90
N ALA B 33 -5.73 28.29 22.10
CA ALA B 33 -5.57 28.82 20.75
C ALA B 33 -4.89 27.83 19.82
N ILE B 34 -5.10 28.01 18.52
CA ILE B 34 -4.52 27.13 17.54
C ILE B 34 -4.14 28.01 16.37
N ASN B 35 -3.01 27.74 15.72
CA ASN B 35 -2.57 28.50 14.57
C ASN B 35 -2.10 27.61 13.47
N ASP B 36 -2.40 27.97 12.23
CA ASP B 36 -1.97 27.26 11.05
C ASP B 36 -2.06 28.21 9.85
N LEU B 37 -2.17 27.64 8.65
CA LEU B 37 -2.12 28.42 7.43
C LEU B 37 -3.33 28.39 6.58
N GLY B 38 -4.44 28.00 7.09
CA GLY B 38 -5.63 27.88 6.28
C GLY B 38 -6.90 28.34 6.95
N PRO B 39 -8.03 28.19 6.25
CA PRO B 39 -9.34 28.57 6.77
C PRO B 39 -9.69 27.74 7.99
N VAL B 40 -10.46 28.31 8.89
CA VAL B 40 -10.92 27.64 10.09
C VAL B 40 -11.62 26.32 9.79
N GLU B 41 -12.38 26.29 8.72
CA GLU B 41 -13.13 25.12 8.40
C GLU B 41 -12.35 23.96 7.97
N THR B 42 -11.21 24.22 7.35
CA THR B 42 -10.32 23.21 6.92
C THR B 42 -9.70 22.55 8.12
N ASN B 43 -9.32 23.35 9.09
CA ASN B 43 -8.73 22.80 10.32
C ASN B 43 -9.70 21.90 11.06
N ALA B 44 -10.93 22.34 11.17
CA ALA B 44 -11.98 21.57 11.78
C ALA B 44 -12.18 20.26 11.02
N HIS B 45 -12.17 20.35 9.69
CA HIS B 45 -12.40 19.18 8.84
C HIS B 45 -11.35 18.10 9.09
N LEU B 46 -10.10 18.51 9.26
CA LEU B 46 -8.99 17.57 9.44
C LEU B 46 -9.00 17.02 10.86
N LEU B 47 -9.62 17.75 11.79
CA LEU B 47 -9.75 17.26 13.15
C LEU B 47 -10.87 16.23 13.20
N ARG B 48 -11.93 16.48 12.43
CA ARG B 48 -13.08 15.60 12.39
C ARG B 48 -12.81 14.23 11.75
N TYR B 49 -12.04 14.23 10.67
CA TYR B 49 -11.79 13.01 9.94
C TYR B 49 -10.31 12.72 9.87
N ASP B 50 -9.91 11.58 10.35
CA ASP B 50 -8.57 11.09 10.35
C ASP B 50 -8.45 9.74 9.68
N SER B 51 -7.58 9.67 8.70
CA SER B 51 -7.28 8.46 7.96
C SER B 51 -6.58 7.32 8.71
N VAL B 52 -5.90 7.66 9.79
CA VAL B 52 -5.22 6.76 10.67
C VAL B 52 -5.91 6.54 12.03
N HIS B 53 -6.53 7.55 12.60
CA HIS B 53 -7.13 7.34 13.94
C HIS B 53 -8.64 7.27 13.90
N GLY B 54 -9.21 7.58 12.77
CA GLY B 54 -10.64 7.49 12.60
C GLY B 54 -11.35 8.74 12.93
N ARG B 55 -12.63 8.65 13.05
CA ARG B 55 -13.38 9.82 13.36
C ARG B 55 -13.16 10.33 14.75
N PHE B 56 -12.99 11.61 14.88
CA PHE B 56 -13.06 12.31 16.13
C PHE B 56 -14.26 11.93 17.00
N PRO B 57 -13.99 11.53 18.23
CA PRO B 57 -14.97 10.91 19.10
C PRO B 57 -15.97 11.85 19.68
N LYS B 58 -16.14 12.99 19.09
CA LYS B 58 -17.01 14.06 19.60
C LYS B 58 -17.30 15.07 18.49
N GLU B 59 -18.37 15.85 18.66
CA GLU B 59 -18.73 16.88 17.71
C GLU B 59 -17.70 18.03 17.70
N VAL B 60 -17.50 18.64 16.54
CA VAL B 60 -16.63 19.80 16.43
C VAL B 60 -17.39 20.99 15.86
N GLU B 61 -17.73 21.94 16.74
CA GLU B 61 -18.53 23.09 16.38
C GLU B 61 -17.64 24.25 15.94
N VAL B 62 -17.98 24.87 14.81
CA VAL B 62 -17.28 26.05 14.29
C VAL B 62 -18.14 27.30 14.23
N ALA B 63 -17.64 28.36 14.82
CA ALA B 63 -18.35 29.60 14.91
C ALA B 63 -17.44 30.80 14.80
N GLY B 64 -17.16 31.21 13.59
CA GLY B 64 -16.33 32.33 13.38
C GLY B 64 -14.94 31.87 13.21
N ASP B 65 -14.09 32.35 14.08
CA ASP B 65 -12.71 32.05 14.03
C ASP B 65 -12.43 31.21 15.23
N THR B 66 -13.37 30.36 15.52
CA THR B 66 -13.41 29.61 16.73
C THR B 66 -13.80 28.18 16.48
N ILE B 67 -13.35 27.30 17.35
CA ILE B 67 -13.58 25.90 17.27
C ILE B 67 -13.99 25.44 18.65
N ASP B 68 -15.05 24.68 18.79
CA ASP B 68 -15.48 24.15 20.08
C ASP B 68 -15.52 22.62 20.08
N VAL B 69 -14.76 21.99 20.96
CA VAL B 69 -14.80 20.56 21.10
C VAL B 69 -15.40 20.01 22.35
N GLY B 70 -15.97 20.84 23.15
CA GLY B 70 -16.76 20.34 24.21
C GLY B 70 -16.79 21.29 25.34
N TYR B 71 -15.78 22.14 25.40
CA TYR B 71 -15.50 22.93 26.59
C TYR B 71 -15.44 24.43 26.41
N GLY B 72 -15.79 24.92 25.25
CA GLY B 72 -15.75 26.34 24.99
C GLY B 72 -14.93 26.66 23.80
N PRO B 73 -15.05 27.89 23.29
CA PRO B 73 -14.42 28.26 22.02
C PRO B 73 -12.91 28.25 22.09
N ILE B 74 -12.26 27.71 21.06
CA ILE B 74 -10.82 27.82 20.90
C ILE B 74 -10.51 28.73 19.71
N LYS B 75 -9.75 29.79 19.99
CA LYS B 75 -9.45 30.82 19.04
C LYS B 75 -8.49 30.28 17.98
N VAL B 76 -8.83 30.44 16.71
CA VAL B 76 -8.06 29.85 15.63
C VAL B 76 -7.41 30.88 14.73
N HIS B 77 -6.12 30.72 14.46
CA HIS B 77 -5.38 31.73 13.74
C HIS B 77 -4.79 31.25 12.41
N ALA B 78 -4.28 32.16 11.63
CA ALA B 78 -3.74 31.86 10.35
C ALA B 78 -2.60 32.77 9.98
N VAL B 79 -1.66 32.87 10.88
CA VAL B 79 -0.55 33.81 10.87
C VAL B 79 0.79 33.11 10.62
N ARG B 80 1.44 33.43 9.52
CA ARG B 80 2.71 32.83 9.14
C ARG B 80 3.89 33.09 10.06
N ASN B 81 4.05 34.31 10.55
CA ASN B 81 5.13 34.63 11.49
C ASN B 81 4.72 34.45 12.93
N PRO B 82 5.48 33.67 13.67
CA PRO B 82 5.17 33.39 15.05
C PRO B 82 5.34 34.53 16.01
N ALA B 83 5.95 35.58 15.55
CA ALA B 83 6.23 36.73 16.32
C ALA B 83 4.99 37.58 16.43
N GLU B 84 4.13 37.46 15.45
CA GLU B 84 2.92 38.22 15.38
C GLU B 84 1.69 37.63 16.02
N LEU B 85 1.83 36.69 16.93
CA LEU B 85 0.67 36.13 17.50
C LEU B 85 0.25 36.80 18.77
N PRO B 86 -1.05 36.76 19.06
CA PRO B 86 -1.66 37.46 20.17
C PRO B 86 -1.59 36.63 21.43
N TRP B 87 -0.41 36.07 21.69
CA TRP B 87 -0.22 35.18 22.84
C TRP B 87 -0.47 35.89 24.19
N LYS B 88 -0.07 37.15 24.28
CA LYS B 88 -0.16 37.88 25.56
C LYS B 88 -1.61 38.08 25.97
N GLU B 89 -2.40 38.60 25.02
CA GLU B 89 -3.85 38.81 25.19
C GLU B 89 -4.60 37.53 25.60
N GLU B 90 -4.42 36.47 24.83
CA GLU B 90 -5.14 35.22 25.04
C GLU B 90 -4.57 34.48 26.26
N ASN B 91 -3.58 35.12 26.89
CA ASN B 91 -2.97 34.64 28.12
C ASN B 91 -2.41 33.22 27.99
N VAL B 92 -1.52 33.03 27.02
CA VAL B 92 -0.84 31.76 26.82
C VAL B 92 0.31 31.54 27.81
N ASP B 93 0.17 30.55 28.67
CA ASP B 93 1.29 30.07 29.50
C ASP B 93 2.40 29.39 28.68
N ILE B 94 2.00 28.52 27.76
CA ILE B 94 3.00 27.77 27.00
C ILE B 94 2.58 27.55 25.57
N ALA B 95 3.41 28.01 24.65
CA ALA B 95 3.22 27.68 23.26
C ALA B 95 3.86 26.33 22.92
N LEU B 96 3.15 25.53 22.15
CA LEU B 96 3.66 24.26 21.65
C LEU B 96 3.97 24.41 20.15
N GLU B 97 5.25 24.38 19.80
CA GLU B 97 5.67 24.69 18.43
C GLU B 97 5.72 23.41 17.58
N CYS B 98 4.77 23.28 16.66
CA CYS B 98 4.59 22.00 15.95
C CYS B 98 4.64 22.09 14.41
N THR B 99 5.13 23.19 13.85
CA THR B 99 5.14 23.35 12.38
C THR B 99 6.24 22.54 11.70
N GLY B 100 7.32 22.28 12.42
CA GLY B 100 8.47 21.58 11.84
C GLY B 100 9.44 22.54 11.17
N ILE B 101 9.14 23.83 11.27
CA ILE B 101 9.89 24.89 10.55
C ILE B 101 10.45 25.96 11.53
N PHE B 102 10.12 25.84 12.80
CA PHE B 102 10.64 26.74 13.80
C PHE B 102 11.25 25.98 14.96
N THR B 103 12.01 24.91 14.67
CA THR B 103 12.59 24.06 15.72
C THR B 103 13.85 24.66 16.35
N SER B 104 14.59 25.42 15.55
CA SER B 104 15.72 26.24 16.05
C SER B 104 15.25 26.93 17.33
N ARG B 105 16.09 27.06 18.32
CA ARG B 105 15.63 27.72 19.52
C ARG B 105 15.35 29.17 19.47
N ASP B 106 15.98 29.90 18.59
CA ASP B 106 15.71 31.30 18.42
C ASP B 106 14.56 31.52 17.53
N LYS B 107 14.09 30.49 16.90
CA LYS B 107 12.98 30.57 16.06
C LYS B 107 11.78 30.26 16.88
N ALA B 108 11.92 29.29 17.75
CA ALA B 108 10.92 29.00 18.74
C ALA B 108 10.75 30.12 19.70
N ALA B 109 11.85 30.78 20.05
CA ALA B 109 11.85 31.95 20.90
C ALA B 109 10.93 33.07 20.48
N LEU B 110 10.52 33.09 19.22
CA LEU B 110 9.56 34.08 18.74
C LEU B 110 8.18 34.00 19.43
N HIS B 111 7.90 32.87 20.08
CA HIS B 111 6.63 32.72 20.79
C HIS B 111 6.60 33.51 22.08
N LEU B 112 7.77 33.74 22.67
CA LEU B 112 7.91 34.58 23.83
C LEU B 112 7.81 36.04 23.41
N GLU B 113 8.49 36.40 22.32
CA GLU B 113 8.32 37.75 21.78
C GLU B 113 6.83 38.07 21.62
N ALA B 114 6.06 37.08 21.17
CA ALA B 114 4.65 37.28 20.86
C ALA B 114 3.77 37.18 22.11
N GLY B 115 4.36 36.73 23.22
CA GLY B 115 3.66 36.79 24.50
C GLY B 115 3.55 35.52 25.34
N ALA B 116 3.82 34.36 24.76
CA ALA B 116 3.68 33.14 25.54
C ALA B 116 4.72 33.23 26.61
N LYS B 117 4.52 32.53 27.73
CA LYS B 117 5.49 32.58 28.83
C LYS B 117 6.53 31.45 28.74
N ARG B 118 6.24 30.42 27.96
CA ARG B 118 7.19 29.33 27.80
C ARG B 118 6.95 28.66 26.44
N VAL B 119 7.91 27.85 26.01
CA VAL B 119 7.84 27.19 24.73
C VAL B 119 8.32 25.76 24.82
N ILE B 120 7.59 24.87 24.17
CA ILE B 120 8.04 23.50 24.02
C ILE B 120 8.04 23.11 22.55
N VAL B 121 9.15 22.57 22.06
CA VAL B 121 9.22 22.21 20.66
C VAL B 121 8.87 20.74 20.50
N SER B 122 8.04 20.43 19.51
CA SER B 122 7.58 19.06 19.33
C SER B 122 8.63 18.25 18.56
N ALA B 123 9.90 18.55 18.80
CA ALA B 123 10.96 17.93 18.05
C ALA B 123 12.29 18.27 18.72
N PRO B 124 13.40 17.72 18.21
CA PRO B 124 14.68 18.16 18.71
C PRO B 124 14.84 19.65 18.38
N ALA B 125 15.32 20.43 19.34
CA ALA B 125 15.47 21.85 19.12
C ALA B 125 16.92 22.19 19.37
N ASP B 126 17.56 22.71 18.33
CA ASP B 126 18.96 23.06 18.42
C ASP B 126 19.16 24.24 19.36
N GLY B 127 19.88 24.03 20.46
CA GLY B 127 20.11 25.09 21.45
C GLY B 127 19.09 25.19 22.58
N ALA B 128 18.25 24.16 22.73
CA ALA B 128 17.20 24.20 23.74
C ALA B 128 17.76 24.30 25.15
N ASP B 129 17.03 25.03 26.00
CA ASP B 129 17.43 25.22 27.39
C ASP B 129 17.53 23.85 28.05
N LEU B 130 16.65 22.93 27.65
CA LEU B 130 16.69 21.53 28.08
C LEU B 130 15.90 20.64 27.08
N THR B 131 16.36 19.41 26.90
CA THR B 131 15.63 18.39 26.14
C THR B 131 15.03 17.33 27.09
N VAL B 132 13.75 17.02 26.96
CA VAL B 132 13.06 16.15 27.94
C VAL B 132 12.41 14.88 27.36
N VAL B 133 12.63 13.74 28.00
CA VAL B 133 11.82 12.55 27.79
C VAL B 133 10.99 12.34 29.04
N TYR B 134 9.67 12.51 28.96
CA TYR B 134 8.90 12.45 30.18
C TYR B 134 9.09 11.08 30.83
N GLY B 135 9.17 11.06 32.16
CA GLY B 135 9.39 9.83 32.91
C GLY B 135 10.86 9.48 33.08
N VAL B 136 11.72 10.14 32.31
CA VAL B 136 13.16 9.90 32.39
C VAL B 136 13.90 11.10 32.97
N ASN B 137 13.64 12.30 32.49
CA ASN B 137 14.36 13.44 33.07
C ASN B 137 13.56 14.73 33.26
N ASN B 138 12.25 14.66 33.34
CA ASN B 138 11.45 15.82 33.66
C ASN B 138 11.72 16.38 35.07
N ASP B 139 12.31 15.58 35.91
CA ASP B 139 12.84 16.05 37.13
C ASP B 139 13.93 17.11 37.07
N LYS B 140 14.64 17.23 35.98
CA LYS B 140 15.65 18.25 35.83
C LYS B 140 15.09 19.58 35.39
N LEU B 141 13.78 19.71 35.27
CA LEU B 141 13.22 21.00 34.91
C LEU B 141 13.25 22.00 36.09
N THR B 142 13.67 23.23 35.78
CA THR B 142 13.74 24.27 36.78
C THR B 142 12.97 25.47 36.30
N LYS B 143 12.76 26.42 37.20
CA LYS B 143 12.08 27.67 36.84
C LYS B 143 12.78 28.43 35.72
N ASP B 144 14.04 28.10 35.39
CA ASP B 144 14.76 28.89 34.40
C ASP B 144 14.69 28.41 32.95
N HIS B 145 14.23 27.19 32.74
CA HIS B 145 14.16 26.61 31.43
C HIS B 145 12.96 27.14 30.72
N LEU B 146 13.16 27.76 29.60
CA LEU B 146 12.17 28.60 29.04
C LEU B 146 11.71 28.15 27.68
N VAL B 147 12.57 27.47 26.97
CA VAL B 147 12.28 26.99 25.67
C VAL B 147 12.85 25.61 25.59
N ILE B 148 12.05 24.63 25.91
CA ILE B 148 12.54 23.27 25.91
C ILE B 148 12.08 22.43 24.72
N SER B 149 12.73 21.29 24.57
CA SER B 149 12.44 20.36 23.51
C SER B 149 11.86 19.06 24.09
N ASN B 150 10.83 18.51 23.45
CA ASN B 150 10.23 17.25 23.91
C ASN B 150 10.90 16.06 23.22
N ALA B 151 12.06 16.31 22.62
CA ALA B 151 12.83 15.27 21.95
C ALA B 151 12.04 14.79 20.75
N SER B 152 12.38 13.61 20.25
CA SER B 152 11.68 13.03 19.11
C SER B 152 10.86 11.81 19.57
N CYS B 153 9.96 11.37 18.72
CA CYS B 153 9.22 10.15 18.96
C CYS B 153 10.16 8.95 19.20
N THR B 154 11.20 8.83 18.39
CA THR B 154 12.13 7.71 18.54
C THR B 154 12.93 7.78 19.84
N THR B 155 13.30 8.99 20.24
CA THR B 155 14.02 9.19 21.49
C THR B 155 13.18 8.85 22.72
N ASN B 156 11.91 9.26 22.69
CA ASN B 156 10.96 8.86 23.73
C ASN B 156 10.68 7.35 23.75
N CYS B 157 11.06 6.64 22.69
CA CYS B 157 10.88 5.18 22.68
C CYS B 157 12.10 4.52 23.27
N LEU B 158 13.27 5.02 22.90
CA LEU B 158 14.52 4.39 23.27
C LEU B 158 14.98 4.65 24.71
N ALA B 159 14.89 5.88 25.18
CA ALA B 159 15.49 6.29 26.45
C ALA B 159 14.94 5.55 27.66
N PRO B 160 13.63 5.30 27.67
CA PRO B 160 13.13 4.59 28.84
C PRO B 160 13.63 3.13 28.89
N VAL B 161 13.91 2.53 27.73
CA VAL B 161 14.39 1.15 27.72
C VAL B 161 15.86 1.10 28.05
N ALA B 162 16.60 2.04 27.48
CA ALA B 162 18.02 2.20 27.78
C ALA B 162 18.25 2.41 29.29
N GLN B 163 17.60 3.39 29.89
CA GLN B 163 17.61 3.65 31.32
C GLN B 163 17.34 2.46 32.27
N VAL B 164 16.35 1.66 31.96
CA VAL B 164 16.01 0.50 32.73
C VAL B 164 17.08 -0.57 32.65
N LEU B 165 17.47 -0.88 31.43
CA LEU B 165 18.42 -1.90 31.15
C LEU B 165 19.82 -1.56 31.58
N ASN B 166 20.18 -0.29 31.51
CA ASN B 166 21.44 0.19 32.01
C ASN B 166 21.48 0.19 33.55
N ASP B 167 20.43 0.71 34.20
CA ASP B 167 20.37 0.68 35.67
C ASP B 167 20.46 -0.77 36.18
N THR B 168 19.78 -1.67 35.49
CA THR B 168 19.66 -3.04 35.97
C THR B 168 20.84 -3.92 35.61
N ILE B 169 21.36 -3.77 34.40
CA ILE B 169 22.48 -4.62 34.00
C ILE B 169 23.66 -3.92 33.32
N GLY B 170 23.46 -2.73 32.79
CA GLY B 170 24.51 -1.97 32.18
C GLY B 170 24.73 -1.98 30.69
N ILE B 171 24.59 -0.84 30.05
CA ILE B 171 24.92 -0.71 28.66
C ILE B 171 26.31 -0.14 28.40
N GLU B 172 27.08 -0.85 27.60
CA GLU B 172 28.41 -0.45 27.22
C GLU B 172 28.40 0.38 25.98
N LYS B 173 27.60 -0.06 25.02
CA LYS B 173 27.67 0.28 23.62
C LYS B 173 26.50 -0.40 22.85
N GLY B 174 25.86 0.30 21.93
CA GLY B 174 24.81 -0.27 21.11
C GLY B 174 24.45 0.43 19.82
N PHE B 175 23.74 -0.23 18.95
CA PHE B 175 23.31 0.40 17.70
C PHE B 175 21.83 0.21 17.42
N MET B 176 21.18 1.31 17.04
CA MET B 176 19.73 1.30 16.84
C MET B 176 19.35 1.42 15.36
N THR B 177 18.46 0.54 14.92
CA THR B 177 17.74 0.82 13.67
C THR B 177 16.26 1.06 13.97
N THR B 178 15.76 2.26 13.70
CA THR B 178 14.31 2.42 13.81
C THR B 178 13.66 2.17 12.43
N ILE B 179 12.77 1.18 12.39
CA ILE B 179 11.92 1.00 11.24
C ILE B 179 10.70 1.84 11.51
N HIS B 180 10.53 2.88 10.70
CA HIS B 180 9.60 3.94 11.03
C HIS B 180 8.58 4.08 9.92
N SER B 181 7.37 4.49 10.29
CA SER B 181 6.31 4.81 9.34
C SER B 181 6.62 6.02 8.49
N TYR B 182 6.04 6.09 7.31
CA TYR B 182 6.37 7.24 6.50
C TYR B 182 5.69 8.50 7.04
N THR B 183 6.20 9.65 6.64
CA THR B 183 5.73 10.84 7.29
C THR B 183 5.49 11.98 6.29
N GLY B 184 4.94 13.10 6.77
CA GLY B 184 4.52 14.22 5.93
C GLY B 184 5.62 14.94 5.18
N ASP B 185 6.88 14.68 5.55
CA ASP B 185 8.02 15.28 4.84
C ASP B 185 8.50 14.41 3.65
N GLN B 186 7.77 13.33 3.33
CA GLN B 186 8.15 12.53 2.17
C GLN B 186 7.11 12.69 1.10
N PRO B 187 7.44 12.47 -0.15
CA PRO B 187 6.45 12.62 -1.20
C PRO B 187 5.66 11.35 -1.60
N THR B 188 4.61 11.51 -2.37
CA THR B 188 3.91 10.38 -2.91
C THR B 188 4.60 9.60 -3.99
N LEU B 189 5.21 10.32 -4.90
CA LEU B 189 5.92 9.81 -6.05
C LEU B 189 7.26 10.48 -5.95
N ASP B 190 8.31 9.95 -6.53
CA ASP B 190 9.67 10.55 -6.60
C ASP B 190 9.67 12.00 -7.09
N THR B 191 10.51 12.84 -6.48
CA THR B 191 10.52 14.26 -6.84
C THR B 191 11.55 15.07 -6.04
N MET B 192 11.96 16.19 -6.61
CA MET B 192 12.93 17.11 -6.01
C MET B 192 12.86 17.13 -4.48
N HIS B 193 14.00 16.98 -3.83
CA HIS B 193 14.09 16.97 -2.37
C HIS B 193 15.55 17.22 -1.96
N LYS B 194 15.79 17.83 -0.81
CA LYS B 194 17.17 18.10 -0.40
C LYS B 194 17.92 16.83 -0.01
N ASP B 195 17.19 15.82 0.46
CA ASP B 195 17.75 14.52 0.85
C ASP B 195 17.38 13.48 -0.19
N LEU B 196 18.38 12.94 -0.87
CA LEU B 196 18.17 11.98 -1.97
C LEU B 196 17.39 10.73 -1.62
N TYR B 197 17.44 10.33 -0.36
CA TYR B 197 16.65 9.18 0.10
C TYR B 197 15.19 9.53 0.18
N ARG B 198 14.88 10.68 0.76
CA ARG B 198 13.50 11.04 1.01
C ARG B 198 12.85 11.61 -0.22
N ALA B 199 13.58 11.64 -1.34
CA ALA B 199 12.95 12.14 -2.55
C ALA B 199 12.09 11.05 -3.17
N ARG B 200 12.17 9.83 -2.61
CA ARG B 200 11.61 8.67 -3.27
C ARG B 200 10.21 8.35 -2.81
N ALA B 201 9.37 7.94 -3.76
CA ALA B 201 7.98 7.63 -3.46
C ALA B 201 7.88 6.84 -2.13
N ALA B 202 7.12 7.36 -1.18
CA ALA B 202 7.17 6.86 0.20
C ALA B 202 6.48 5.51 0.47
N ALA B 203 5.37 5.23 -0.22
CA ALA B 203 4.63 3.98 0.05
C ALA B 203 5.04 2.89 -0.91
N LEU B 204 6.21 3.04 -1.53
CA LEU B 204 6.65 2.08 -2.54
C LEU B 204 7.94 1.32 -2.14
N SER B 205 8.68 1.81 -1.14
CA SER B 205 10.01 1.23 -0.83
C SER B 205 10.37 1.20 0.63
N MET B 206 11.39 0.43 0.96
CA MET B 206 12.03 0.58 2.26
C MET B 206 13.09 1.65 2.02
N ILE B 207 13.06 2.72 2.81
CA ILE B 207 13.90 3.89 2.55
C ILE B 207 14.83 4.20 3.71
N PRO B 208 16.11 3.87 3.59
CA PRO B 208 17.02 4.20 4.66
C PRO B 208 17.06 5.72 4.86
N THR B 209 17.10 6.17 6.11
CA THR B 209 17.13 7.58 6.33
C THR B 209 17.90 7.90 7.60
N SER B 210 18.22 9.18 7.79
CA SER B 210 19.09 9.63 8.87
C SER B 210 18.29 9.87 10.16
N THR B 211 18.90 9.70 11.32
CA THR B 211 18.25 10.08 12.60
C THR B 211 19.22 10.20 13.77
N GLY B 212 19.07 11.25 14.58
CA GLY B 212 19.97 11.47 15.70
C GLY B 212 19.39 11.06 17.05
N ALA B 213 18.40 10.20 17.04
CA ALA B 213 17.70 9.83 18.26
C ALA B 213 18.49 9.07 19.29
N ALA B 214 19.34 8.19 18.86
CA ALA B 214 20.18 7.46 19.76
C ALA B 214 21.21 8.29 20.42
N LYS B 215 21.85 9.18 19.69
CA LYS B 215 22.80 10.06 20.25
C LYS B 215 22.13 10.97 21.25
N ALA B 216 20.92 11.37 20.95
CA ALA B 216 20.15 12.16 21.82
C ALA B 216 19.74 11.55 23.14
N VAL B 217 19.86 10.25 23.33
CA VAL B 217 19.66 9.64 24.62
C VAL B 217 20.65 10.26 25.60
N GLY B 218 21.86 10.49 25.12
CA GLY B 218 22.85 11.26 25.79
C GLY B 218 22.44 12.61 26.31
N LEU B 219 21.42 13.20 25.76
CA LEU B 219 20.90 14.46 26.29
C LEU B 219 19.94 14.28 27.49
N VAL B 220 19.36 13.11 27.61
CA VAL B 220 18.43 12.87 28.70
C VAL B 220 19.02 11.91 29.73
N LEU B 221 20.04 11.16 29.31
CA LEU B 221 20.83 10.34 30.21
C LEU B 221 22.31 10.59 29.94
N PRO B 222 22.92 11.53 30.68
CA PRO B 222 24.35 11.80 30.42
C PRO B 222 25.17 10.52 30.60
N GLU B 223 24.77 9.70 31.57
CA GLU B 223 25.39 8.40 31.86
C GLU B 223 25.63 7.59 30.59
N LEU B 224 24.89 7.93 29.57
CA LEU B 224 24.82 7.13 28.39
C LEU B 224 25.41 7.77 27.16
N LYS B 225 25.86 9.00 27.32
CA LYS B 225 26.42 9.81 26.25
C LYS B 225 27.49 9.12 25.46
N GLY B 226 27.36 9.08 24.16
CA GLY B 226 28.39 8.57 23.34
C GLY B 226 28.36 7.10 23.24
N LYS B 227 27.40 6.49 23.88
CA LYS B 227 27.45 5.02 23.88
C LYS B 227 26.46 4.35 22.91
N LEU B 228 25.62 5.18 22.26
CA LEU B 228 24.58 4.70 21.34
C LEU B 228 24.59 5.42 19.99
N ASP B 229 24.38 4.68 18.92
CA ASP B 229 24.23 5.30 17.63
C ASP B 229 23.12 4.56 16.89
N GLY B 230 22.63 5.13 15.80
CA GLY B 230 21.50 4.55 15.08
C GLY B 230 21.10 5.22 13.77
N VAL B 231 20.25 4.55 13.01
CA VAL B 231 19.71 5.04 11.75
C VAL B 231 18.25 4.62 11.64
N ALA B 232 17.63 4.98 10.53
CA ALA B 232 16.25 4.60 10.30
C ALA B 232 16.05 3.88 8.97
N ILE B 233 14.91 3.21 8.86
CA ILE B 233 14.41 2.75 7.60
C ILE B 233 12.92 3.05 7.55
N ARG B 234 12.47 3.87 6.60
CA ARG B 234 11.05 4.13 6.49
C ARG B 234 10.41 3.10 5.59
N VAL B 235 9.20 2.65 5.94
CA VAL B 235 8.52 1.61 5.18
C VAL B 235 7.07 2.03 4.92
N PRO B 236 6.41 1.35 3.99
CA PRO B 236 5.04 1.72 3.63
C PRO B 236 3.96 1.45 4.70
N THR B 237 4.12 2.01 5.88
CA THR B 237 3.00 2.12 6.80
C THR B 237 2.87 3.57 7.21
N PRO B 238 1.62 4.01 7.39
CA PRO B 238 1.29 5.43 7.65
C PRO B 238 1.45 5.91 9.09
N ASN B 239 1.52 4.98 10.05
CA ASN B 239 1.69 5.32 11.47
C ASN B 239 2.14 4.08 12.26
N VAL B 240 2.84 4.32 13.36
CA VAL B 240 3.41 3.27 14.22
C VAL B 240 4.82 2.85 13.80
N SER B 241 5.72 2.82 14.77
CA SER B 241 7.13 2.58 14.48
C SER B 241 7.75 1.67 15.52
N VAL B 242 8.97 1.22 15.28
CA VAL B 242 9.58 0.31 16.21
C VAL B 242 11.09 0.49 16.38
N VAL B 243 11.57 0.40 17.62
CA VAL B 243 13.00 0.45 17.88
C VAL B 243 13.58 -0.94 17.98
N ASP B 244 14.55 -1.22 17.11
CA ASP B 244 15.27 -2.49 17.09
C ASP B 244 16.72 -2.25 17.53
N LEU B 245 17.08 -2.80 18.68
CA LEU B 245 18.31 -2.38 19.35
C LEU B 245 19.20 -3.54 19.70
N THR B 246 20.44 -3.50 19.25
CA THR B 246 21.42 -4.50 19.64
C THR B 246 22.56 -3.80 20.38
N PHE B 247 22.83 -4.26 21.60
CA PHE B 247 23.82 -3.62 22.47
C PHE B 247 24.65 -4.63 23.26
N ILE B 248 25.76 -4.16 23.80
CA ILE B 248 26.63 -4.99 24.61
C ILE B 248 26.40 -4.62 26.07
N ALA B 249 25.98 -5.62 26.84
CA ALA B 249 25.72 -5.46 28.27
C ALA B 249 27.02 -5.50 29.04
N LYS B 250 27.02 -4.84 30.20
CA LYS B 250 28.21 -4.83 31.06
C LYS B 250 28.46 -6.15 31.77
N ARG B 251 27.45 -7.00 31.91
CA ARG B 251 27.69 -8.33 32.49
C ARG B 251 26.83 -9.38 31.80
N GLU B 252 27.06 -10.65 32.11
CA GLU B 252 26.25 -11.64 31.48
C GLU B 252 24.87 -11.51 32.01
N THR B 253 23.89 -11.76 31.14
CA THR B 253 22.49 -11.63 31.49
C THR B 253 21.76 -12.65 30.66
N THR B 254 20.43 -12.68 30.78
CA THR B 254 19.62 -13.63 30.04
C THR B 254 18.32 -13.02 29.54
N VAL B 255 17.71 -13.63 28.56
CA VAL B 255 16.44 -13.17 28.06
C VAL B 255 15.48 -12.82 29.16
N GLU B 256 15.41 -13.67 30.14
CA GLU B 256 14.55 -13.55 31.27
C GLU B 256 14.86 -12.44 32.20
N GLU B 257 16.13 -12.20 32.46
CA GLU B 257 16.51 -11.06 33.24
C GLU B 257 16.06 -9.77 32.57
N VAL B 258 16.26 -9.65 31.27
CA VAL B 258 15.94 -8.43 30.56
C VAL B 258 14.45 -8.12 30.57
N ASN B 259 13.66 -9.09 30.11
CA ASN B 259 12.21 -8.95 30.12
C ASN B 259 11.70 -8.61 31.50
N ASN B 260 12.26 -9.31 32.48
CA ASN B 260 11.88 -9.11 33.85
C ASN B 260 12.09 -7.69 34.38
N ALA B 261 13.25 -7.13 34.04
CA ALA B 261 13.61 -5.79 34.52
C ALA B 261 12.70 -4.79 33.88
N ILE B 262 12.26 -5.11 32.67
CA ILE B 262 11.34 -4.25 31.92
C ILE B 262 9.94 -4.29 32.52
N ARG B 263 9.45 -5.48 32.88
CA ARG B 263 8.15 -5.62 33.52
C ARG B 263 8.08 -4.86 34.84
N GLU B 264 9.05 -5.06 35.67
CA GLU B 264 9.08 -4.33 36.87
C GLU B 264 8.94 -2.84 36.81
N ALA B 265 9.63 -2.27 35.85
CA ALA B 265 9.58 -0.83 35.65
C ALA B 265 8.25 -0.42 35.03
N ALA B 266 7.83 -1.15 34.00
CA ALA B 266 6.55 -0.91 33.32
C ALA B 266 5.40 -0.95 34.29
N ASN B 267 5.47 -1.89 35.23
CA ASN B 267 4.42 -2.02 36.24
C ASN B 267 4.53 -1.05 37.42
N GLY B 268 5.64 -0.32 37.53
CA GLY B 268 5.84 0.53 38.70
C GLY B 268 6.29 1.94 38.38
N ARG B 269 7.58 2.21 38.48
CA ARG B 269 8.11 3.56 38.22
C ARG B 269 7.64 4.24 36.92
N LEU B 270 7.57 3.47 35.83
CA LEU B 270 7.31 4.00 34.48
C LEU B 270 5.95 3.58 33.90
N LYS B 271 5.01 3.18 34.77
CA LYS B 271 3.67 2.85 34.36
C LYS B 271 3.14 3.99 33.51
N GLY B 272 2.57 3.65 32.36
CA GLY B 272 2.01 4.66 31.45
C GLY B 272 2.96 5.22 30.41
N ILE B 273 4.25 5.16 30.68
CA ILE B 273 5.27 5.62 29.74
C ILE B 273 5.95 4.44 29.04
N LEU B 274 6.34 3.45 29.82
CA LEU B 274 6.92 2.25 29.26
C LEU B 274 6.01 1.08 29.59
N GLY B 275 5.60 0.35 28.56
CA GLY B 275 4.76 -0.81 28.77
C GLY B 275 5.41 -1.97 28.07
N TYR B 276 4.71 -3.09 27.98
CA TYR B 276 5.26 -4.25 27.30
C TYR B 276 4.10 -5.15 26.88
N THR B 277 4.39 -6.05 25.94
CA THR B 277 3.49 -7.15 25.63
C THR B 277 4.17 -8.53 25.66
N ASP B 278 3.49 -9.51 26.24
CA ASP B 278 3.97 -10.89 26.19
C ASP B 278 3.27 -11.68 25.09
N GLU B 279 2.40 -11.02 24.34
CA GLU B 279 1.72 -11.71 23.23
C GLU B 279 2.40 -11.47 21.89
N LYS B 280 1.95 -12.19 20.85
CA LYS B 280 2.60 -12.13 19.54
C LYS B 280 1.92 -11.09 18.66
N LEU B 281 2.34 -9.84 18.82
CA LEU B 281 1.63 -8.75 18.17
C LEU B 281 2.38 -8.18 16.96
N VAL B 282 1.70 -7.33 16.20
CA VAL B 282 2.29 -6.71 15.02
C VAL B 282 1.92 -5.24 15.07
N SER B 283 2.52 -4.46 14.19
CA SER B 283 2.59 -3.00 14.35
C SER B 283 1.24 -2.28 14.50
N HIS B 284 0.18 -2.72 13.86
CA HIS B 284 -1.10 -2.08 13.95
C HIS B 284 -1.84 -2.16 15.29
N ASP B 285 -1.54 -3.16 16.09
CA ASP B 285 -2.08 -3.35 17.41
C ASP B 285 -1.64 -2.30 18.39
N PHE B 286 -0.58 -1.61 18.04
CA PHE B 286 -0.16 -0.44 18.72
C PHE B 286 -0.62 0.91 18.21
N ASN B 287 -1.41 0.96 17.16
CA ASN B 287 -2.02 2.21 16.70
C ASN B 287 -2.91 2.78 17.82
N HIS B 288 -2.61 4.00 18.24
CA HIS B 288 -3.47 4.69 19.22
C HIS B 288 -3.21 4.25 20.67
N ASP B 289 -2.08 3.57 20.90
CA ASP B 289 -1.56 3.29 22.23
C ASP B 289 -0.68 4.47 22.74
N SER B 290 -0.98 4.99 23.94
CA SER B 290 -0.38 6.25 24.38
C SER B 290 0.97 6.11 25.08
N HIS B 291 1.45 4.88 25.20
CA HIS B 291 2.76 4.66 25.76
C HIS B 291 3.80 5.33 24.87
N SER B 292 4.90 5.79 25.47
CA SER B 292 6.06 6.19 24.71
C SER B 292 6.74 4.96 24.08
N SER B 293 6.62 3.84 24.73
CA SER B 293 7.37 2.68 24.40
C SER B 293 6.74 1.38 24.91
N VAL B 294 6.50 0.47 23.99
CA VAL B 294 6.01 -0.81 24.31
C VAL B 294 6.87 -2.03 23.92
N PHE B 295 7.58 -2.56 24.93
CA PHE B 295 8.58 -3.61 24.83
C PHE B 295 7.99 -4.95 24.42
N HIS B 296 8.64 -5.62 23.51
CA HIS B 296 8.10 -6.81 22.95
C HIS B 296 8.85 -8.03 23.44
N THR B 297 8.48 -8.53 24.58
CA THR B 297 9.19 -9.60 25.22
C THR B 297 9.72 -10.78 24.42
N ASP B 298 8.93 -11.24 23.48
CA ASP B 298 9.16 -12.36 22.64
C ASP B 298 10.33 -12.21 21.69
N GLN B 299 10.69 -10.99 21.42
CA GLN B 299 11.63 -10.66 20.41
C GLN B 299 12.97 -10.41 21.02
N THR B 300 13.06 -10.52 22.32
CA THR B 300 14.28 -10.36 23.03
C THR B 300 15.22 -11.51 22.80
N LYS B 301 16.39 -11.21 22.26
CA LYS B 301 17.42 -12.19 22.14
C LYS B 301 18.68 -11.88 22.90
N VAL B 302 19.43 -12.93 23.23
CA VAL B 302 20.74 -12.85 23.86
C VAL B 302 21.76 -13.81 23.26
N MET B 303 22.87 -13.27 22.81
CA MET B 303 23.89 -14.07 22.21
C MET B 303 25.23 -14.01 22.99
N ASP B 304 25.76 -15.16 23.40
CA ASP B 304 26.99 -15.23 24.17
C ASP B 304 27.00 -14.50 25.48
N GLY B 305 25.86 -14.52 26.14
CA GLY B 305 25.63 -13.87 27.39
C GLY B 305 25.64 -12.37 27.46
N THR B 306 26.27 -11.72 26.52
CA THR B 306 26.36 -10.26 26.60
C THR B 306 25.88 -9.42 25.39
N MET B 307 25.65 -10.06 24.25
CA MET B 307 25.06 -9.33 23.14
C MET B 307 23.55 -9.47 23.20
N VAL B 308 22.88 -8.34 23.39
CA VAL B 308 21.45 -8.33 23.65
C VAL B 308 20.67 -7.54 22.58
N ARG B 309 19.62 -8.16 22.02
CA ARG B 309 18.70 -7.47 21.10
C ARG B 309 17.26 -7.30 21.65
N ILE B 310 16.72 -6.11 21.46
CA ILE B 310 15.37 -5.84 21.93
C ILE B 310 14.58 -5.11 20.84
N LEU B 311 13.27 -5.16 20.95
CA LEU B 311 12.37 -4.55 19.98
C LEU B 311 11.27 -3.88 20.77
N SER B 312 11.04 -2.59 20.54
CA SER B 312 10.04 -1.86 21.29
C SER B 312 9.24 -0.93 20.38
N TRP B 313 7.91 -1.03 20.44
CA TRP B 313 7.05 -0.28 19.53
C TRP B 313 6.69 1.10 20.07
N TYR B 314 6.42 2.03 19.19
CA TYR B 314 5.77 3.28 19.52
C TYR B 314 4.74 3.72 18.50
N ASP B 315 3.61 4.26 18.93
CA ASP B 315 2.78 5.10 18.09
C ASP B 315 3.42 6.48 18.10
N ASN B 316 4.08 6.80 17.01
CA ASN B 316 4.80 8.03 16.79
C ASN B 316 3.96 9.27 16.72
N GLU B 317 2.71 9.14 16.40
CA GLU B 317 1.78 10.19 16.61
C GLU B 317 1.20 10.32 18.03
N TRP B 318 0.82 9.23 18.64
CA TRP B 318 -0.01 9.16 19.79
C TRP B 318 0.65 9.23 21.11
N GLY B 319 1.61 8.39 21.38
CA GLY B 319 2.47 8.55 22.51
C GLY B 319 3.12 9.92 22.62
N PHE B 320 3.72 10.37 21.54
CA PHE B 320 4.38 11.63 21.51
C PHE B 320 3.45 12.76 21.72
N SER B 321 2.25 12.66 21.20
CA SER B 321 1.31 13.76 21.43
C SER B 321 0.80 13.79 22.86
N SER B 322 0.66 12.62 23.46
CA SER B 322 0.30 12.53 24.87
C SER B 322 1.42 13.12 25.75
N ARG B 323 2.68 12.83 25.44
CA ARG B 323 3.79 13.31 26.26
C ARG B 323 3.94 14.84 26.16
N MET B 324 3.62 15.41 25.01
CA MET B 324 3.64 16.84 24.91
C MET B 324 2.79 17.38 26.05
N SER B 325 1.65 16.77 26.29
CA SER B 325 0.85 17.29 27.39
C SER B 325 1.48 17.04 28.76
N ASP B 326 2.01 15.85 29.00
CA ASP B 326 2.66 15.59 30.29
C ASP B 326 3.76 16.60 30.53
N THR B 327 4.49 16.98 29.48
CA THR B 327 5.62 17.86 29.67
C THR B 327 5.16 19.30 29.97
N ALA B 328 4.18 19.78 29.22
CA ALA B 328 3.60 21.10 29.49
C ALA B 328 3.05 21.24 30.93
N VAL B 329 2.31 20.25 31.40
CA VAL B 329 1.84 20.28 32.78
C VAL B 329 2.99 20.46 33.79
N ALA B 330 4.03 19.62 33.70
CA ALA B 330 5.18 19.75 34.62
C ALA B 330 5.81 21.14 34.57
N LEU B 331 6.14 21.57 33.35
CA LEU B 331 6.68 22.91 33.10
C LEU B 331 5.77 24.01 33.61
N GLY B 332 4.47 23.83 33.38
CA GLY B 332 3.48 24.79 33.82
C GLY B 332 3.62 25.10 35.31
N LYS B 333 3.83 24.07 36.10
CA LYS B 333 3.93 24.24 37.56
C LYS B 333 5.10 25.10 38.01
N LEU B 334 6.14 25.22 37.18
CA LEU B 334 7.32 25.98 37.55
C LEU B 334 7.20 27.47 37.21
N ILE B 335 6.29 27.80 36.29
CA ILE B 335 6.07 29.18 35.91
C ILE B 335 5.79 30.04 37.12
N MET C 1 -36.40 -15.30 24.73
CA MET C 1 -36.55 -14.53 23.46
C MET C 1 -35.25 -13.85 23.04
N ALA C 2 -34.21 -14.61 22.90
CA ALA C 2 -33.01 -14.17 22.24
C ALA C 2 -32.73 -15.29 21.34
N VAL C 3 -32.53 -15.00 20.08
CA VAL C 3 -32.30 -16.03 19.12
C VAL C 3 -30.95 -16.61 19.39
N ARG C 4 -30.85 -17.92 19.40
CA ARG C 4 -29.58 -18.55 19.63
C ARG C 4 -28.84 -18.82 18.35
N VAL C 5 -27.65 -18.26 18.18
CA VAL C 5 -26.92 -18.41 16.95
C VAL C 5 -25.57 -19.08 17.00
N ALA C 6 -25.25 -19.76 15.96
CA ALA C 6 -23.96 -20.25 15.80
C ALA C 6 -23.27 -19.55 14.61
N ILE C 7 -22.02 -19.17 14.78
CA ILE C 7 -21.21 -18.59 13.71
C ILE C 7 -20.32 -19.68 13.13
N ASN C 8 -20.60 -20.07 11.89
CA ASN C 8 -19.80 -21.10 11.28
C ASN C 8 -18.86 -20.46 10.27
N GLY C 9 -17.56 -20.50 10.55
CA GLY C 9 -16.60 -19.71 9.78
C GLY C 9 -16.36 -18.41 10.53
N PHE C 10 -15.23 -18.32 11.22
CA PHE C 10 -15.00 -17.24 12.16
C PHE C 10 -13.99 -16.26 11.54
N GLY C 11 -14.33 -15.83 10.32
CA GLY C 11 -13.43 -15.06 9.48
C GLY C 11 -13.69 -13.58 9.65
N ARG C 12 -13.51 -12.81 8.58
CA ARG C 12 -13.78 -11.36 8.64
C ARG C 12 -15.23 -11.11 9.07
N ILE C 13 -16.18 -11.73 8.37
CA ILE C 13 -17.57 -11.52 8.64
C ILE C 13 -17.94 -12.21 9.94
N GLY C 14 -17.53 -13.46 10.11
CA GLY C 14 -17.78 -14.20 11.36
C GLY C 14 -17.37 -13.45 12.63
N ARG C 15 -16.08 -13.14 12.73
CA ARG C 15 -15.63 -12.35 13.87
C ARG C 15 -16.42 -11.04 14.04
N ASN C 16 -16.63 -10.30 12.97
CA ASN C 16 -17.30 -9.02 13.11
C ASN C 16 -18.80 -9.13 13.42
N ILE C 17 -19.39 -10.30 13.22
CA ILE C 17 -20.78 -10.42 13.61
C ILE C 17 -20.85 -10.39 15.14
N LEU C 18 -19.93 -11.09 15.76
CA LEU C 18 -19.83 -11.16 17.17
C LEU C 18 -19.49 -9.82 17.75
N ARG C 19 -18.54 -9.12 17.15
CA ARG C 19 -18.12 -7.84 17.61
C ARG C 19 -19.21 -6.77 17.59
N ALA C 20 -19.96 -6.71 16.50
CA ALA C 20 -21.02 -5.78 16.42
C ALA C 20 -22.05 -6.01 17.49
N ILE C 21 -22.29 -7.26 17.87
CA ILE C 21 -23.23 -7.57 18.93
C ILE C 21 -22.78 -7.01 20.27
N VAL C 22 -21.56 -7.35 20.69
CA VAL C 22 -20.98 -6.78 21.91
C VAL C 22 -21.00 -5.27 21.88
N GLU C 23 -20.44 -4.69 20.82
CA GLU C 23 -20.36 -3.22 20.75
C GLU C 23 -21.73 -2.54 20.87
N SER C 24 -22.74 -3.10 20.23
CA SER C 24 -24.08 -2.48 20.23
C SER C 24 -24.77 -2.61 21.57
N GLY C 25 -24.37 -3.61 22.35
CA GLY C 25 -24.98 -3.88 23.63
C GLY C 25 -26.27 -4.65 23.45
N ARG C 26 -26.69 -4.83 22.19
CA ARG C 26 -27.98 -5.43 21.89
C ARG C 26 -28.19 -6.76 22.61
N THR C 27 -29.45 -7.08 22.85
CA THR C 27 -29.78 -8.19 23.73
C THR C 27 -30.79 -9.13 23.08
N ASP C 28 -31.04 -8.95 21.79
CA ASP C 28 -32.03 -9.75 21.08
C ASP C 28 -31.43 -10.98 20.41
N ILE C 29 -30.13 -11.15 20.55
CA ILE C 29 -29.41 -12.23 19.89
C ILE C 29 -28.31 -12.74 20.79
N GLN C 30 -28.00 -14.02 20.72
CA GLN C 30 -26.93 -14.49 21.52
C GLN C 30 -26.15 -15.55 20.77
N VAL C 31 -24.87 -15.26 20.55
CA VAL C 31 -23.99 -16.22 19.94
C VAL C 31 -23.70 -17.27 20.98
N VAL C 32 -23.96 -18.53 20.64
CA VAL C 32 -23.77 -19.62 21.59
C VAL C 32 -22.76 -20.65 21.11
N ALA C 33 -22.22 -20.44 19.92
CA ALA C 33 -21.41 -21.45 19.26
C ALA C 33 -20.54 -20.83 18.16
N ILE C 34 -19.28 -21.24 18.11
CA ILE C 34 -18.38 -20.76 17.07
C ILE C 34 -17.65 -21.95 16.47
N ASN C 35 -17.53 -22.01 15.17
CA ASN C 35 -16.79 -23.05 14.51
C ASN C 35 -15.86 -22.50 13.45
N ASP C 36 -14.65 -23.04 13.44
CA ASP C 36 -13.62 -22.75 12.50
C ASP C 36 -12.74 -23.96 12.33
N LEU C 37 -11.52 -23.74 11.87
CA LEU C 37 -10.60 -24.80 11.59
C LEU C 37 -9.35 -24.80 12.44
N GLY C 38 -9.30 -24.06 13.50
CA GLY C 38 -8.07 -24.03 14.31
C GLY C 38 -8.30 -24.03 15.80
N PRO C 39 -7.20 -23.99 16.57
CA PRO C 39 -7.19 -23.96 18.04
C PRO C 39 -8.05 -22.81 18.58
N VAL C 40 -8.76 -23.09 19.67
CA VAL C 40 -9.56 -22.10 20.38
C VAL C 40 -8.81 -20.80 20.56
N GLU C 41 -7.55 -20.94 20.94
CA GLU C 41 -6.70 -19.82 21.32
C GLU C 41 -6.31 -18.95 20.11
N THR C 42 -6.19 -19.56 18.94
CA THR C 42 -6.03 -18.80 17.71
C THR C 42 -7.28 -17.98 17.34
N ASN C 43 -8.46 -18.61 17.41
CA ASN C 43 -9.71 -17.87 17.22
C ASN C 43 -9.79 -16.69 18.15
N ALA C 44 -9.34 -16.87 19.39
CA ALA C 44 -9.44 -15.79 20.36
C ALA C 44 -8.45 -14.68 20.02
N HIS C 45 -7.29 -15.06 19.51
CA HIS C 45 -6.26 -14.09 19.22
C HIS C 45 -6.64 -13.17 18.04
N LEU C 46 -7.33 -13.74 17.05
CA LEU C 46 -7.81 -12.97 15.88
C LEU C 46 -9.00 -12.10 16.24
N LEU C 47 -9.68 -12.43 17.33
CA LEU C 47 -10.77 -11.58 17.81
C LEU C 47 -10.20 -10.39 18.59
N ARG C 48 -9.15 -10.67 19.36
CA ARG C 48 -8.51 -9.65 20.20
C ARG C 48 -7.88 -8.53 19.39
N TYR C 49 -7.19 -8.88 18.33
CA TYR C 49 -6.40 -7.91 17.56
C TYR C 49 -6.83 -7.90 16.13
N ASP C 50 -7.23 -6.73 15.64
CA ASP C 50 -7.77 -6.65 14.30
C ASP C 50 -7.08 -5.54 13.54
N SER C 51 -6.44 -5.90 12.41
CA SER C 51 -5.66 -4.93 11.61
C SER C 51 -6.47 -3.78 10.98
N VAL C 52 -7.79 -3.96 10.87
CA VAL C 52 -8.63 -2.94 10.29
C VAL C 52 -9.49 -2.29 11.36
N HIS C 53 -10.05 -3.08 12.27
CA HIS C 53 -10.92 -2.45 13.26
C HIS C 53 -10.24 -2.11 14.59
N GLY C 54 -9.03 -2.56 14.78
CA GLY C 54 -8.30 -2.35 16.01
C GLY C 54 -8.63 -3.34 17.08
N ARG C 55 -8.27 -3.06 18.30
CA ARG C 55 -8.50 -3.95 19.44
C ARG C 55 -9.92 -4.16 19.91
N PHE C 56 -10.26 -5.38 20.20
CA PHE C 56 -11.49 -5.74 20.81
C PHE C 56 -11.69 -5.02 22.13
N PRO C 57 -12.84 -4.40 22.29
CA PRO C 57 -13.06 -3.50 23.41
C PRO C 57 -13.27 -4.15 24.74
N LYS C 58 -13.53 -5.42 24.76
CA LYS C 58 -13.72 -6.14 26.01
C LYS C 58 -12.68 -7.23 26.14
N GLU C 59 -12.52 -7.74 27.35
CA GLU C 59 -11.59 -8.84 27.58
C GLU C 59 -12.06 -10.12 26.89
N VAL C 60 -11.13 -10.83 26.27
CA VAL C 60 -11.45 -12.08 25.62
C VAL C 60 -10.77 -13.22 26.38
N GLU C 61 -11.59 -13.97 27.10
CA GLU C 61 -11.13 -14.89 28.11
C GLU C 61 -11.36 -16.31 27.63
N VAL C 62 -10.34 -17.14 27.76
CA VAL C 62 -10.45 -18.55 27.37
C VAL C 62 -10.41 -19.52 28.54
N ALA C 63 -11.37 -20.44 28.56
CA ALA C 63 -11.37 -21.56 29.49
C ALA C 63 -11.71 -22.81 28.70
N GLY C 64 -10.78 -23.75 28.65
CA GLY C 64 -10.97 -25.00 27.89
C GLY C 64 -11.37 -24.73 26.45
N ASP C 65 -12.53 -25.25 26.03
CA ASP C 65 -13.05 -25.07 24.69
C ASP C 65 -14.13 -24.01 24.63
N THR C 66 -13.93 -22.93 25.35
CA THR C 66 -14.95 -21.92 25.45
C THR C 66 -14.23 -20.59 25.41
N ILE C 67 -14.86 -19.59 24.81
CA ILE C 67 -14.41 -18.23 25.02
C ILE C 67 -15.59 -17.42 25.51
N ASP C 68 -15.30 -16.41 26.29
CA ASP C 68 -16.28 -15.61 26.93
C ASP C 68 -16.03 -14.15 26.72
N VAL C 69 -17.03 -13.49 26.21
CA VAL C 69 -16.89 -12.14 25.78
C VAL C 69 -17.61 -11.10 26.62
N GLY C 70 -18.04 -11.48 27.80
CA GLY C 70 -18.70 -10.59 28.73
C GLY C 70 -20.00 -11.15 29.25
N TYR C 71 -20.54 -12.13 28.55
CA TYR C 71 -21.86 -12.59 28.93
C TYR C 71 -21.93 -14.11 29.11
N GLY C 72 -20.80 -14.76 29.33
CA GLY C 72 -20.83 -16.20 29.57
C GLY C 72 -20.24 -16.97 28.41
N PRO C 73 -19.69 -18.15 28.70
CA PRO C 73 -18.93 -19.00 27.78
C PRO C 73 -19.60 -19.30 26.45
N ILE C 74 -18.90 -19.02 25.35
CA ILE C 74 -19.32 -19.45 24.01
C ILE C 74 -18.55 -20.72 23.69
N LYS C 75 -19.28 -21.76 23.30
CA LYS C 75 -18.66 -23.04 22.97
C LYS C 75 -17.95 -22.98 21.62
N VAL C 76 -16.69 -23.41 21.57
CA VAL C 76 -15.89 -23.26 20.35
C VAL C 76 -15.51 -24.61 19.71
N HIS C 77 -15.85 -24.79 18.43
CA HIS C 77 -15.54 -26.05 17.74
C HIS C 77 -14.54 -25.87 16.61
N ALA C 78 -13.90 -26.95 16.23
CA ALA C 78 -13.20 -27.06 14.99
C ALA C 78 -13.60 -28.33 14.20
N VAL C 79 -14.74 -28.25 13.54
CA VAL C 79 -15.25 -29.33 12.72
C VAL C 79 -15.39 -28.99 11.21
N ARG C 80 -14.71 -29.69 10.33
CA ARG C 80 -14.80 -29.40 8.91
C ARG C 80 -16.13 -29.61 8.18
N ASN C 81 -16.79 -30.72 8.43
CA ASN C 81 -18.07 -30.94 7.79
C ASN C 81 -19.21 -30.49 8.69
N PRO C 82 -20.07 -29.65 8.14
CA PRO C 82 -21.14 -29.06 8.88
C PRO C 82 -22.25 -30.00 9.33
N ALA C 83 -22.36 -31.15 8.68
CA ALA C 83 -23.37 -32.12 9.05
C ALA C 83 -23.12 -32.77 10.41
N GLU C 84 -21.90 -32.60 10.91
CA GLU C 84 -21.50 -33.09 12.20
C GLU C 84 -21.50 -32.16 13.39
N LEU C 85 -21.90 -30.94 13.24
CA LEU C 85 -21.78 -30.01 14.30
C LEU C 85 -22.91 -30.24 15.23
N PRO C 86 -22.66 -30.19 16.52
CA PRO C 86 -23.68 -30.59 17.45
C PRO C 86 -24.71 -29.51 17.61
N TRP C 87 -25.44 -29.19 16.57
CA TRP C 87 -26.40 -28.12 16.67
C TRP C 87 -27.63 -28.41 17.48
N LYS C 88 -28.02 -29.68 17.49
CA LYS C 88 -29.19 -30.13 18.18
C LYS C 88 -29.02 -30.06 19.67
N GLU C 89 -27.92 -30.63 20.10
CA GLU C 89 -27.44 -30.63 21.45
C GLU C 89 -27.46 -29.28 22.06
N GLU C 90 -27.05 -28.31 21.30
CA GLU C 90 -26.77 -27.03 21.84
C GLU C 90 -27.85 -26.05 21.61
N ASN C 91 -28.99 -26.53 21.17
CA ASN C 91 -30.10 -25.68 20.91
C ASN C 91 -29.76 -24.48 20.02
N VAL C 92 -29.28 -24.72 18.79
CA VAL C 92 -29.03 -23.62 17.86
C VAL C 92 -30.31 -23.26 17.12
N ASP C 93 -30.81 -22.04 17.29
CA ASP C 93 -31.92 -21.59 16.46
C ASP C 93 -31.47 -21.37 15.00
N ILE C 94 -30.39 -20.61 14.82
CA ILE C 94 -29.99 -20.22 13.48
C ILE C 94 -28.50 -20.35 13.28
N ALA C 95 -28.13 -21.24 12.37
CA ALA C 95 -26.76 -21.37 11.99
C ALA C 95 -26.43 -20.27 10.98
N LEU C 96 -25.41 -19.46 11.29
CA LEU C 96 -24.98 -18.42 10.35
C LEU C 96 -23.82 -18.94 9.51
N GLU C 97 -24.08 -19.20 8.24
CA GLU C 97 -23.10 -19.82 7.36
C GLU C 97 -22.15 -18.78 6.74
N CYS C 98 -20.90 -18.75 7.21
CA CYS C 98 -19.96 -17.66 6.89
C CYS C 98 -18.58 -18.11 6.44
N THR C 99 -18.46 -19.36 6.02
CA THR C 99 -17.17 -19.88 5.59
C THR C 99 -16.84 -19.46 4.14
N GLY C 100 -17.81 -19.08 3.36
CA GLY C 100 -17.57 -18.89 1.96
C GLY C 100 -17.57 -20.14 1.11
N ILE C 101 -17.72 -21.28 1.76
CA ILE C 101 -17.47 -22.59 1.19
C ILE C 101 -18.74 -23.46 1.02
N PHE C 102 -19.83 -23.04 1.65
CA PHE C 102 -21.12 -23.69 1.62
C PHE C 102 -22.26 -22.78 1.21
N THR C 103 -22.13 -22.06 0.13
CA THR C 103 -23.11 -21.06 -0.25
C THR C 103 -24.36 -21.54 -1.02
N SER C 104 -24.32 -22.76 -1.55
CA SER C 104 -25.50 -23.26 -2.27
C SER C 104 -26.45 -23.94 -1.28
N ARG C 105 -27.75 -23.88 -1.57
CA ARG C 105 -28.76 -24.38 -0.65
C ARG C 105 -28.45 -25.76 -0.07
N ASP C 106 -27.95 -26.67 -0.89
CA ASP C 106 -27.71 -28.01 -0.39
C ASP C 106 -26.51 -28.10 0.54
N LYS C 107 -25.53 -27.21 0.38
CA LYS C 107 -24.43 -27.22 1.32
C LYS C 107 -24.88 -26.45 2.57
N ALA C 108 -25.54 -25.32 2.38
CA ALA C 108 -25.98 -24.54 3.52
C ALA C 108 -26.90 -25.34 4.44
N ALA C 109 -27.65 -26.28 3.86
CA ALA C 109 -28.73 -26.95 4.58
C ALA C 109 -28.16 -28.08 5.42
N LEU C 110 -26.89 -28.37 5.24
CA LEU C 110 -26.28 -29.36 6.09
C LEU C 110 -26.44 -28.92 7.56
N HIS C 111 -26.57 -27.61 7.77
CA HIS C 111 -26.75 -27.09 9.13
C HIS C 111 -28.08 -27.55 9.74
N LEU C 112 -29.13 -27.65 8.93
CA LEU C 112 -30.39 -28.19 9.38
C LEU C 112 -30.31 -29.66 9.74
N GLU C 113 -29.60 -30.43 8.95
CA GLU C 113 -29.28 -31.80 9.23
C GLU C 113 -28.59 -31.96 10.59
N ALA C 114 -27.73 -31.03 10.90
CA ALA C 114 -27.03 -31.02 12.15
C ALA C 114 -27.82 -30.64 13.38
N GLY C 115 -28.90 -29.91 13.24
CA GLY C 115 -29.73 -29.58 14.37
C GLY C 115 -30.31 -28.20 14.42
N ALA C 116 -29.81 -27.32 13.57
CA ALA C 116 -30.28 -25.97 13.53
C ALA C 116 -31.57 -25.87 12.82
N LYS C 117 -32.38 -24.93 13.21
CA LYS C 117 -33.72 -24.72 12.72
C LYS C 117 -33.72 -23.84 11.53
N ARG C 118 -32.78 -22.94 11.44
CA ARG C 118 -32.67 -22.10 10.30
C ARG C 118 -31.24 -21.87 9.90
N VAL C 119 -31.06 -21.44 8.67
CA VAL C 119 -29.75 -21.11 8.19
C VAL C 119 -29.80 -19.81 7.42
N ILE C 120 -28.87 -18.92 7.66
CA ILE C 120 -28.71 -17.74 6.87
C ILE C 120 -27.32 -17.80 6.33
N VAL C 121 -27.18 -17.71 5.02
CA VAL C 121 -25.90 -17.68 4.35
C VAL C 121 -25.40 -16.28 4.24
N SER C 122 -24.17 -16.06 4.60
CA SER C 122 -23.59 -14.74 4.54
C SER C 122 -23.11 -14.26 3.16
N ALA C 123 -23.88 -14.56 2.13
CA ALA C 123 -23.53 -14.27 0.77
C ALA C 123 -24.64 -14.72 -0.13
N PRO C 124 -24.65 -14.32 -1.39
CA PRO C 124 -25.52 -14.96 -2.38
C PRO C 124 -25.54 -16.47 -2.27
N ALA C 125 -26.72 -17.06 -2.38
CA ALA C 125 -26.87 -18.52 -2.22
C ALA C 125 -27.78 -19.10 -3.32
N ASP C 126 -27.25 -19.97 -4.15
CA ASP C 126 -28.05 -20.56 -5.21
C ASP C 126 -29.16 -21.34 -4.57
N GLY C 127 -30.40 -21.13 -4.98
CA GLY C 127 -31.46 -21.94 -4.44
C GLY C 127 -31.98 -21.53 -3.08
N ALA C 128 -31.46 -20.44 -2.53
CA ALA C 128 -31.95 -19.93 -1.25
C ALA C 128 -33.45 -19.70 -1.34
N ASP C 129 -34.16 -19.99 -0.23
CA ASP C 129 -35.61 -19.87 -0.22
C ASP C 129 -36.00 -18.42 -0.36
N LEU C 130 -35.10 -17.53 0.02
CA LEU C 130 -35.32 -16.09 -0.10
C LEU C 130 -33.99 -15.38 0.01
N THR C 131 -33.88 -14.23 -0.63
CA THR C 131 -32.68 -13.43 -0.48
C THR C 131 -33.08 -12.07 0.05
N VAL C 132 -32.42 -11.70 1.15
CA VAL C 132 -32.88 -10.58 1.97
C VAL C 132 -31.86 -9.44 2.03
N VAL C 133 -32.34 -8.24 1.78
CA VAL C 133 -31.58 -7.04 2.10
C VAL C 133 -32.36 -6.38 3.23
N TYR C 134 -31.84 -6.46 4.47
CA TYR C 134 -32.55 -5.93 5.63
C TYR C 134 -32.86 -4.46 5.42
N GLY C 135 -34.10 -4.07 5.70
CA GLY C 135 -34.57 -2.71 5.51
C GLY C 135 -35.41 -2.56 4.25
N VAL C 136 -35.36 -3.54 3.38
CA VAL C 136 -35.94 -3.51 2.05
C VAL C 136 -36.96 -4.61 1.79
N ASN C 137 -36.62 -5.83 2.06
CA ASN C 137 -37.48 -6.93 1.82
C ASN C 137 -37.56 -7.93 2.91
N ASN C 138 -37.27 -7.52 4.11
CA ASN C 138 -37.36 -8.41 5.22
C ASN C 138 -38.75 -8.67 5.70
N ASP C 139 -39.68 -7.85 5.28
CA ASP C 139 -41.07 -8.06 5.56
C ASP C 139 -41.60 -9.25 4.79
N LYS C 140 -40.96 -9.58 3.69
CA LYS C 140 -41.20 -10.79 2.94
C LYS C 140 -40.83 -12.10 3.57
N LEU C 141 -40.13 -12.08 4.67
CA LEU C 141 -39.86 -13.34 5.32
C LEU C 141 -41.12 -14.03 5.80
N THR C 142 -41.10 -15.35 5.73
CA THR C 142 -42.14 -16.22 6.27
C THR C 142 -41.63 -17.32 7.16
N LYS C 143 -42.53 -17.90 7.93
CA LYS C 143 -42.21 -19.02 8.78
C LYS C 143 -41.79 -20.21 7.94
N ASP C 144 -41.95 -20.09 6.63
CA ASP C 144 -41.67 -21.21 5.75
C ASP C 144 -40.25 -21.22 5.16
N HIS C 145 -39.59 -20.06 5.13
CA HIS C 145 -38.25 -20.01 4.58
C HIS C 145 -37.30 -20.65 5.60
N LEU C 146 -36.68 -21.77 5.25
CA LEU C 146 -35.72 -22.42 6.16
C LEU C 146 -34.24 -22.04 5.94
N VAL C 147 -33.80 -22.02 4.68
CA VAL C 147 -32.44 -21.63 4.29
C VAL C 147 -32.45 -20.29 3.53
N ILE C 148 -31.88 -19.24 4.10
CA ILE C 148 -31.92 -17.94 3.40
C ILE C 148 -30.57 -17.28 3.14
N SER C 149 -30.54 -16.37 2.17
CA SER C 149 -29.33 -15.62 1.86
C SER C 149 -29.50 -14.19 2.35
N ASN C 150 -28.44 -13.61 2.90
CA ASN C 150 -28.43 -12.21 3.33
C ASN C 150 -27.92 -11.29 2.22
N ALA C 151 -27.85 -11.84 1.01
CA ALA C 151 -27.29 -11.16 -0.18
C ALA C 151 -25.80 -10.89 -0.03
N SER C 152 -25.30 -9.96 -0.83
CA SER C 152 -23.91 -9.56 -0.74
C SER C 152 -23.83 -8.20 -0.05
N CYS C 153 -22.61 -7.82 0.35
CA CYS C 153 -22.33 -6.46 0.77
C CYS C 153 -22.72 -5.44 -0.30
N THR C 154 -22.41 -5.71 -1.56
CA THR C 154 -22.73 -4.74 -2.61
C THR C 154 -24.26 -4.58 -2.76
N THR C 155 -24.99 -5.69 -2.83
CA THR C 155 -26.45 -5.61 -3.00
C THR C 155 -27.12 -4.87 -1.84
N ASN C 156 -26.58 -5.05 -0.62
CA ASN C 156 -27.11 -4.38 0.55
C ASN C 156 -26.85 -2.89 0.44
N CYS C 157 -25.86 -2.49 -0.36
CA CYS C 157 -25.59 -1.06 -0.55
C CYS C 157 -26.45 -0.47 -1.67
N LEU C 158 -26.55 -1.23 -2.76
CA LEU C 158 -27.23 -0.73 -3.95
C LEU C 158 -28.75 -0.74 -3.76
N ALA C 159 -29.29 -1.79 -3.15
CA ALA C 159 -30.74 -1.98 -3.17
C ALA C 159 -31.55 -0.83 -2.52
N PRO C 160 -31.11 -0.32 -1.36
CA PRO C 160 -31.85 0.76 -0.69
C PRO C 160 -31.86 2.05 -1.53
N VAL C 161 -30.76 2.32 -2.21
CA VAL C 161 -30.66 3.53 -3.03
C VAL C 161 -31.56 3.37 -4.23
N ALA C 162 -31.52 2.18 -4.82
CA ALA C 162 -32.31 1.92 -6.01
C ALA C 162 -33.79 2.03 -5.64
N GLN C 163 -34.20 1.54 -4.49
CA GLN C 163 -35.58 1.67 -4.04
C GLN C 163 -36.09 3.09 -3.88
N VAL C 164 -35.43 3.89 -3.09
CA VAL C 164 -35.74 5.29 -2.96
C VAL C 164 -35.87 6.09 -4.26
N LEU C 165 -34.87 6.03 -5.09
CA LEU C 165 -34.93 6.68 -6.38
C LEU C 165 -36.01 6.15 -7.27
N ASN C 166 -36.06 4.84 -7.44
CA ASN C 166 -37.13 4.28 -8.27
C ASN C 166 -38.53 4.73 -7.86
N ASP C 167 -38.81 4.62 -6.55
CA ASP C 167 -40.07 5.11 -6.00
C ASP C 167 -40.25 6.62 -6.17
N THR C 168 -39.17 7.36 -6.31
CA THR C 168 -39.33 8.80 -6.39
C THR C 168 -39.39 9.28 -7.83
N ILE C 169 -38.49 8.78 -8.68
CA ILE C 169 -38.47 9.27 -10.04
C ILE C 169 -38.42 8.17 -11.10
N GLY C 170 -38.41 6.92 -10.67
CA GLY C 170 -38.38 5.81 -11.61
C GLY C 170 -37.00 5.54 -12.20
N ILE C 171 -36.67 4.26 -12.33
CA ILE C 171 -35.44 3.85 -12.97
C ILE C 171 -35.84 3.02 -14.19
N GLU C 172 -35.41 3.47 -15.37
CA GLU C 172 -35.66 2.68 -16.56
C GLU C 172 -34.61 1.59 -16.73
N LYS C 173 -33.36 1.97 -16.50
CA LYS C 173 -32.23 1.18 -16.93
C LYS C 173 -30.98 1.75 -16.27
N GLY C 174 -30.15 0.89 -15.68
CA GLY C 174 -28.90 1.37 -15.09
C GLY C 174 -27.70 0.44 -15.18
N PHE C 175 -26.52 1.02 -15.03
CA PHE C 175 -25.33 0.19 -14.94
C PHE C 175 -24.48 0.54 -13.74
N MET C 176 -23.91 -0.48 -13.11
CA MET C 176 -23.20 -0.28 -11.86
C MET C 176 -21.79 -0.82 -11.93
N THR C 177 -20.84 0.03 -11.56
CA THR C 177 -19.49 -0.41 -11.20
C THR C 177 -19.31 -0.20 -9.71
N THR C 178 -18.99 -1.25 -9.00
CA THR C 178 -18.50 -1.17 -7.67
C THR C 178 -16.99 -1.24 -7.52
N ILE C 179 -16.39 -0.22 -6.97
CA ILE C 179 -15.01 -0.22 -6.54
C ILE C 179 -14.86 -0.72 -5.11
N HIS C 180 -14.17 -1.83 -4.97
CA HIS C 180 -14.24 -2.66 -3.79
C HIS C 180 -12.89 -2.94 -3.20
N SER C 181 -12.83 -2.98 -1.90
CA SER C 181 -11.64 -3.37 -1.19
C SER C 181 -11.27 -4.82 -1.48
N TYR C 182 -9.97 -5.13 -1.45
CA TYR C 182 -9.63 -6.52 -1.60
C TYR C 182 -10.17 -7.35 -0.42
N THR C 183 -10.33 -8.65 -0.65
CA THR C 183 -10.78 -9.55 0.41
C THR C 183 -9.92 -10.82 0.49
N GLY C 184 -10.31 -11.69 1.40
CA GLY C 184 -9.55 -12.91 1.68
C GLY C 184 -9.42 -13.92 0.56
N ASP C 185 -10.29 -13.85 -0.43
CA ASP C 185 -10.14 -14.80 -1.53
C ASP C 185 -9.16 -14.33 -2.63
N GLN C 186 -8.44 -13.22 -2.42
CA GLN C 186 -7.36 -12.86 -3.35
C GLN C 186 -5.98 -13.12 -2.72
N PRO C 187 -4.93 -13.27 -3.52
CA PRO C 187 -3.59 -13.51 -3.01
C PRO C 187 -2.75 -12.26 -2.75
N THR C 188 -1.72 -12.41 -1.95
CA THR C 188 -0.80 -11.31 -1.77
C THR C 188 0.02 -11.03 -3.01
N LEU C 189 0.37 -12.08 -3.74
CA LEU C 189 1.22 -12.05 -4.91
C LEU C 189 0.57 -12.89 -5.99
N ASP C 190 0.92 -12.68 -7.24
CA ASP C 190 0.42 -13.46 -8.37
C ASP C 190 0.55 -14.98 -8.18
N THR C 191 -0.53 -15.72 -8.19
CA THR C 191 -0.46 -17.17 -8.04
C THR C 191 -1.68 -17.91 -8.59
N MET C 192 -1.55 -19.22 -8.80
CA MET C 192 -2.65 -20.05 -9.30
C MET C 192 -3.96 -19.70 -8.61
N HIS C 193 -5.02 -19.52 -9.41
CA HIS C 193 -6.38 -19.21 -8.93
C HIS C 193 -7.30 -19.63 -10.05
N LYS C 194 -8.57 -19.93 -9.77
CA LYS C 194 -9.47 -20.41 -10.82
C LYS C 194 -9.94 -19.27 -11.71
N ASP C 195 -9.70 -18.04 -11.27
CA ASP C 195 -10.08 -16.85 -12.03
C ASP C 195 -8.84 -15.99 -12.32
N LEU C 196 -8.61 -15.73 -13.61
CA LEU C 196 -7.38 -15.08 -14.07
C LEU C 196 -7.17 -13.64 -13.62
N TYR C 197 -8.25 -12.94 -13.28
CA TYR C 197 -8.14 -11.62 -12.68
C TYR C 197 -7.72 -11.75 -11.21
N ARG C 198 -8.45 -12.56 -10.46
CA ARG C 198 -8.27 -12.63 -9.04
C ARG C 198 -7.03 -13.41 -8.65
N ALA C 199 -6.29 -13.91 -9.65
CA ALA C 199 -4.99 -14.51 -9.42
C ALA C 199 -3.87 -13.48 -9.17
N ARG C 200 -4.16 -12.20 -9.36
CA ARG C 200 -3.09 -11.19 -9.36
C ARG C 200 -2.86 -10.54 -8.00
N ALA C 201 -1.64 -10.12 -7.73
CA ALA C 201 -1.34 -9.51 -6.43
C ALA C 201 -2.34 -8.42 -6.06
N ALA C 202 -2.91 -8.53 -4.86
CA ALA C 202 -4.10 -7.79 -4.49
C ALA C 202 -3.88 -6.30 -4.19
N ALA C 203 -2.76 -5.94 -3.58
CA ALA C 203 -2.52 -4.56 -3.23
C ALA C 203 -1.72 -3.81 -4.29
N LEU C 204 -1.57 -4.40 -5.47
CA LEU C 204 -0.67 -3.83 -6.49
C LEU C 204 -1.42 -3.27 -7.68
N SER C 205 -2.69 -3.63 -7.81
CA SER C 205 -3.41 -3.29 -9.03
C SER C 205 -4.86 -2.89 -8.84
N MET C 206 -5.37 -2.20 -9.86
CA MET C 206 -6.80 -2.11 -10.11
C MET C 206 -7.19 -3.37 -10.86
N ILE C 207 -8.06 -4.17 -10.24
CA ILE C 207 -8.39 -5.50 -10.75
C ILE C 207 -9.87 -5.64 -11.08
N PRO C 208 -10.21 -5.65 -12.37
CA PRO C 208 -11.60 -5.79 -12.80
C PRO C 208 -12.15 -7.13 -12.39
N THR C 209 -13.39 -7.14 -11.89
CA THR C 209 -13.94 -8.42 -11.51
C THR C 209 -15.45 -8.55 -11.61
N SER C 210 -15.90 -9.78 -11.51
CA SER C 210 -17.26 -10.22 -11.74
C SER C 210 -18.13 -9.98 -10.50
N THR C 211 -19.33 -9.41 -10.66
CA THR C 211 -20.32 -9.39 -9.58
C THR C 211 -21.76 -9.45 -10.06
N GLY C 212 -22.57 -10.21 -9.33
CA GLY C 212 -23.98 -10.34 -9.66
C GLY C 212 -24.89 -9.40 -8.87
N ALA C 213 -24.29 -8.47 -8.14
CA ALA C 213 -25.04 -7.57 -7.26
C ALA C 213 -26.11 -6.70 -7.94
N ALA C 214 -25.85 -6.29 -9.18
CA ALA C 214 -26.78 -5.42 -9.89
C ALA C 214 -28.01 -6.21 -10.34
N LYS C 215 -27.78 -7.41 -10.83
CA LYS C 215 -28.85 -8.29 -11.22
C LYS C 215 -29.61 -8.71 -9.96
N ALA C 216 -28.91 -8.93 -8.87
CA ALA C 216 -29.57 -9.45 -7.67
C ALA C 216 -30.52 -8.45 -7.01
N VAL C 217 -30.29 -7.16 -7.20
CA VAL C 217 -31.24 -6.17 -6.76
C VAL C 217 -32.56 -6.53 -7.41
N GLY C 218 -32.47 -6.94 -8.65
CA GLY C 218 -33.63 -7.19 -9.45
C GLY C 218 -34.53 -8.14 -8.79
N LEU C 219 -34.09 -8.73 -7.73
CA LEU C 219 -34.94 -9.64 -7.03
C LEU C 219 -34.97 -9.47 -5.51
N VAL C 220 -34.65 -8.29 -5.05
CA VAL C 220 -35.10 -7.88 -3.76
C VAL C 220 -36.22 -6.94 -4.09
N LEU C 221 -36.18 -6.48 -5.32
CA LEU C 221 -37.03 -5.47 -5.89
C LEU C 221 -37.48 -5.86 -7.25
N PRO C 222 -38.50 -6.68 -7.32
CA PRO C 222 -39.04 -7.19 -8.56
C PRO C 222 -39.35 -6.15 -9.61
N GLU C 223 -39.89 -5.00 -9.25
CA GLU C 223 -40.09 -3.91 -10.17
C GLU C 223 -38.85 -3.57 -10.90
N LEU C 224 -37.73 -4.03 -10.39
CA LEU C 224 -36.47 -3.74 -10.99
C LEU C 224 -35.80 -4.91 -11.68
N LYS C 225 -36.47 -6.06 -11.78
CA LYS C 225 -35.93 -7.23 -12.52
C LYS C 225 -35.43 -6.87 -13.92
N GLY C 226 -34.23 -7.35 -14.24
CA GLY C 226 -33.66 -7.15 -15.57
C GLY C 226 -33.29 -5.72 -15.98
N LYS C 227 -33.38 -4.77 -15.06
CA LYS C 227 -33.12 -3.35 -15.39
C LYS C 227 -31.73 -2.84 -15.04
N LEU C 228 -30.98 -3.58 -14.22
CA LEU C 228 -29.61 -3.19 -13.83
C LEU C 228 -28.57 -4.27 -14.09
N ASP C 229 -27.41 -3.87 -14.61
CA ASP C 229 -26.26 -4.77 -14.80
C ASP C 229 -25.08 -4.08 -14.10
N GLY C 230 -24.00 -4.83 -13.85
CA GLY C 230 -22.84 -4.24 -13.18
C GLY C 230 -21.62 -5.13 -13.18
N VAL C 231 -20.54 -4.61 -12.59
CA VAL C 231 -19.24 -5.28 -12.50
C VAL C 231 -18.49 -4.61 -11.38
N ALA C 232 -17.28 -5.10 -11.13
CA ALA C 232 -16.49 -4.62 -10.00
C ALA C 232 -15.08 -4.28 -10.43
N ILE C 233 -14.43 -3.44 -9.65
CA ILE C 233 -13.02 -3.24 -9.74
C ILE C 233 -12.47 -3.30 -8.31
N ARG C 234 -11.62 -4.29 -8.01
CA ARG C 234 -10.94 -4.31 -6.71
C ARG C 234 -9.68 -3.46 -6.79
N VAL C 235 -9.40 -2.72 -5.71
CA VAL C 235 -8.23 -1.86 -5.66
C VAL C 235 -7.58 -1.98 -4.29
N PRO C 236 -6.34 -1.48 -4.14
CA PRO C 236 -5.54 -1.68 -2.92
C PRO C 236 -5.95 -0.96 -1.62
N THR C 237 -7.18 -1.16 -1.17
CA THR C 237 -7.57 -0.84 0.20
C THR C 237 -8.07 -2.11 0.91
N PRO C 238 -7.93 -2.18 2.26
CA PRO C 238 -8.24 -3.43 2.98
C PRO C 238 -9.68 -3.52 3.48
N ASN C 239 -10.40 -2.41 3.44
CA ASN C 239 -11.79 -2.43 3.81
C ASN C 239 -12.47 -1.15 3.37
N VAL C 240 -13.76 -1.20 3.16
CA VAL C 240 -14.54 -0.14 2.57
C VAL C 240 -14.61 -0.14 1.05
N SER C 241 -15.83 -0.01 0.57
CA SER C 241 -16.22 -0.06 -0.83
C SER C 241 -17.26 0.95 -1.24
N VAL C 242 -17.46 1.05 -2.52
CA VAL C 242 -18.30 2.03 -3.09
C VAL C 242 -19.11 1.56 -4.29
N VAL C 243 -20.26 2.15 -4.47
CA VAL C 243 -21.09 1.95 -5.62
C VAL C 243 -21.15 3.23 -6.42
N ASP C 244 -20.82 3.10 -7.69
CA ASP C 244 -20.90 4.13 -8.69
C ASP C 244 -21.93 3.72 -9.74
N LEU C 245 -23.07 4.40 -9.71
CA LEU C 245 -24.27 4.02 -10.45
C LEU C 245 -24.67 5.09 -11.44
N THR C 246 -24.93 4.68 -12.67
CA THR C 246 -25.41 5.58 -13.69
C THR C 246 -26.64 4.95 -14.32
N PHE C 247 -27.74 5.70 -14.40
CA PHE C 247 -29.01 5.18 -14.88
C PHE C 247 -29.85 6.24 -15.60
N ILE C 248 -30.85 5.76 -16.35
CA ILE C 248 -31.83 6.60 -17.00
C ILE C 248 -33.06 6.70 -16.11
N ALA C 249 -33.41 7.93 -15.73
CA ALA C 249 -34.65 8.17 -14.99
C ALA C 249 -35.89 8.03 -15.91
N LYS C 250 -37.06 8.04 -15.32
CA LYS C 250 -38.27 7.87 -16.08
C LYS C 250 -38.86 9.18 -16.45
N ARG C 251 -38.30 10.24 -15.93
CA ARG C 251 -38.81 11.54 -16.13
C ARG C 251 -37.68 12.44 -15.86
N GLU C 252 -37.81 13.71 -16.15
CA GLU C 252 -36.78 14.63 -15.81
C GLU C 252 -36.58 14.95 -14.31
N THR C 253 -35.34 14.95 -13.88
CA THR C 253 -34.96 15.24 -12.53
C THR C 253 -33.86 16.24 -12.35
N THR C 254 -33.50 16.47 -11.10
CA THR C 254 -32.37 17.36 -10.76
C THR C 254 -31.47 16.76 -9.69
N VAL C 255 -30.26 17.28 -9.59
CA VAL C 255 -29.33 16.94 -8.54
C VAL C 255 -29.93 17.05 -7.16
N GLU C 256 -30.63 18.13 -6.96
CA GLU C 256 -31.34 18.47 -5.76
C GLU C 256 -32.47 17.53 -5.36
N GLU C 257 -33.30 17.15 -6.29
CA GLU C 257 -34.37 16.21 -6.02
C GLU C 257 -33.85 14.87 -5.70
N VAL C 258 -32.84 14.43 -6.41
CA VAL C 258 -32.23 13.15 -6.15
C VAL C 258 -31.69 13.13 -4.72
N ASN C 259 -30.98 14.18 -4.36
CA ASN C 259 -30.35 14.22 -3.06
C ASN C 259 -31.31 14.23 -1.89
N ASN C 260 -32.36 15.03 -1.98
CA ASN C 260 -33.28 15.08 -0.85
C ASN C 260 -34.26 13.91 -0.75
N ALA C 261 -34.56 13.24 -1.85
CA ALA C 261 -35.26 11.96 -1.75
C ALA C 261 -34.41 11.02 -0.88
N ILE C 262 -33.10 11.12 -1.01
CA ILE C 262 -32.24 10.26 -0.19
C ILE C 262 -32.18 10.67 1.28
N ARG C 263 -32.01 11.92 1.55
CA ARG C 263 -32.03 12.42 2.89
C ARG C 263 -33.31 12.02 3.63
N GLU C 264 -34.41 12.04 2.94
CA GLU C 264 -35.66 11.80 3.51
C GLU C 264 -35.90 10.39 3.89
N ALA C 265 -35.46 9.48 3.05
CA ALA C 265 -35.46 8.08 3.37
C ALA C 265 -34.48 7.81 4.48
N ALA C 266 -33.31 8.39 4.40
CA ALA C 266 -32.25 8.13 5.36
C ALA C 266 -32.64 8.62 6.74
N ASN C 267 -33.34 9.73 6.80
CA ASN C 267 -33.77 10.26 8.09
C ASN C 267 -35.08 9.66 8.57
N GLY C 268 -35.85 9.09 7.65
CA GLY C 268 -37.13 8.46 7.97
C GLY C 268 -37.07 6.94 8.04
N ARG C 269 -37.83 6.27 7.17
CA ARG C 269 -38.01 4.81 7.28
C ARG C 269 -36.76 3.95 7.08
N LEU C 270 -35.69 4.55 6.55
CA LEU C 270 -34.44 3.79 6.31
C LEU C 270 -33.35 4.20 7.28
N LYS C 271 -33.72 4.88 8.34
CA LYS C 271 -32.72 5.28 9.34
C LYS C 271 -31.89 4.07 9.78
N GLY C 272 -30.59 4.27 9.97
CA GLY C 272 -29.73 3.17 10.42
C GLY C 272 -29.30 2.22 9.31
N ILE C 273 -29.97 2.29 8.17
CA ILE C 273 -29.68 1.39 7.05
C ILE C 273 -29.08 2.15 5.87
N LEU C 274 -29.77 3.21 5.48
CA LEU C 274 -29.28 4.14 4.50
C LEU C 274 -28.98 5.47 5.17
N GLY C 275 -27.78 5.97 4.94
CA GLY C 275 -27.38 7.26 5.45
C GLY C 275 -26.80 8.05 4.31
N TYR C 276 -26.25 9.22 4.61
CA TYR C 276 -25.68 10.08 3.60
C TYR C 276 -24.70 11.03 4.26
N THR C 277 -23.89 11.68 3.43
CA THR C 277 -23.02 12.75 3.88
C THR C 277 -23.10 13.94 2.92
N ASP C 278 -23.04 15.14 3.47
CA ASP C 278 -23.04 16.35 2.66
C ASP C 278 -21.64 16.93 2.55
N GLU C 279 -20.68 16.25 3.17
CA GLU C 279 -19.32 16.75 3.28
C GLU C 279 -18.40 16.05 2.29
N LYS C 280 -17.17 16.51 2.22
CA LYS C 280 -16.21 15.92 1.29
C LYS C 280 -15.38 14.78 1.90
N LEU C 281 -15.97 13.59 1.98
CA LEU C 281 -15.34 12.49 2.72
C LEU C 281 -14.61 11.54 1.75
N VAL C 282 -13.77 10.67 2.30
CA VAL C 282 -13.06 9.68 1.52
C VAL C 282 -13.29 8.32 2.14
N SER C 283 -12.92 7.26 1.44
CA SER C 283 -13.23 5.88 1.88
C SER C 283 -12.98 5.59 3.36
N HIS C 284 -11.85 5.94 3.94
CA HIS C 284 -11.56 5.56 5.32
C HIS C 284 -12.53 6.08 6.42
N ASP C 285 -13.08 7.24 6.16
CA ASP C 285 -14.14 7.84 6.91
C ASP C 285 -15.35 7.00 7.14
N PHE C 286 -15.53 5.95 6.39
CA PHE C 286 -16.70 5.10 6.60
C PHE C 286 -16.28 3.76 7.20
N ASN C 287 -15.02 3.67 7.62
CA ASN C 287 -14.57 2.47 8.31
C ASN C 287 -15.31 2.36 9.63
N HIS C 288 -16.01 1.24 9.82
CA HIS C 288 -16.65 0.96 11.08
C HIS C 288 -17.95 1.73 11.21
N ASP C 289 -18.48 2.22 10.09
CA ASP C 289 -19.82 2.81 10.02
C ASP C 289 -20.80 1.68 9.74
N SER C 290 -21.85 1.55 10.53
CA SER C 290 -22.74 0.38 10.42
C SER C 290 -23.89 0.49 9.39
N HIS C 291 -23.97 1.60 8.69
CA HIS C 291 -24.96 1.72 7.64
C HIS C 291 -24.72 0.66 6.59
N SER C 292 -25.78 0.29 5.89
CA SER C 292 -25.67 -0.62 4.75
C SER C 292 -25.18 0.12 3.51
N SER C 293 -25.32 1.43 3.55
CA SER C 293 -25.15 2.30 2.43
C SER C 293 -25.22 3.76 2.86
N VAL C 294 -24.18 4.51 2.55
CA VAL C 294 -24.06 5.90 2.89
C VAL C 294 -23.84 6.70 1.64
N PHE C 295 -24.89 7.34 1.16
CA PHE C 295 -24.96 8.17 -0.03
C PHE C 295 -24.14 9.45 0.01
N HIS C 296 -23.28 9.62 -0.98
CA HIS C 296 -22.39 10.74 -1.10
C HIS C 296 -22.98 11.86 -1.97
N THR C 297 -23.55 12.85 -1.33
CA THR C 297 -24.32 13.89 -2.00
C THR C 297 -23.67 14.79 -3.01
N ASP C 298 -22.50 15.29 -2.70
CA ASP C 298 -21.78 16.11 -3.64
C ASP C 298 -21.39 15.47 -4.96
N GLN C 299 -21.55 14.16 -5.01
CA GLN C 299 -21.18 13.33 -6.13
C GLN C 299 -22.33 13.03 -7.10
N THR C 300 -23.52 13.49 -6.77
CA THR C 300 -24.66 13.32 -7.65
C THR C 300 -24.54 14.23 -8.88
N LYS C 301 -24.75 13.68 -10.05
CA LYS C 301 -24.77 14.41 -11.29
C LYS C 301 -25.92 14.02 -12.18
N VAL C 302 -26.38 14.98 -12.96
CA VAL C 302 -27.50 14.78 -13.83
C VAL C 302 -27.18 15.31 -15.22
N MET C 303 -27.28 14.47 -16.21
CA MET C 303 -27.03 14.86 -17.58
C MET C 303 -28.32 14.97 -18.38
N ASP C 304 -28.59 16.16 -18.89
CA ASP C 304 -29.75 16.46 -19.70
C ASP C 304 -31.05 15.91 -19.16
N GLY C 305 -31.37 16.33 -17.95
CA GLY C 305 -32.50 15.86 -17.19
C GLY C 305 -32.74 14.41 -16.83
N THR C 306 -32.26 13.48 -17.62
CA THR C 306 -32.49 12.07 -17.43
C THR C 306 -31.34 11.08 -17.16
N MET C 307 -30.09 11.49 -17.33
CA MET C 307 -28.97 10.64 -17.04
C MET C 307 -28.48 10.94 -15.64
N VAL C 308 -28.53 9.96 -14.77
CA VAL C 308 -28.25 10.20 -13.37
C VAL C 308 -27.12 9.30 -12.87
N ARG C 309 -26.14 9.91 -12.21
CA ARG C 309 -25.01 9.19 -11.64
C ARG C 309 -24.96 9.45 -10.15
N ILE C 310 -24.70 8.39 -9.38
CA ILE C 310 -24.60 8.56 -7.93
C ILE C 310 -23.50 7.69 -7.35
N LEU C 311 -23.12 8.03 -6.13
CA LEU C 311 -22.03 7.36 -5.44
C LEU C 311 -22.45 7.11 -4.00
N SER C 312 -22.35 5.85 -3.57
CA SER C 312 -22.69 5.49 -2.19
C SER C 312 -21.70 4.48 -1.56
N TRP C 313 -21.22 4.78 -0.36
CA TRP C 313 -20.17 4.01 0.30
C TRP C 313 -20.72 2.89 1.13
N TYR C 314 -19.96 1.86 1.34
CA TYR C 314 -20.25 0.79 2.25
C TYR C 314 -19.01 0.17 2.86
N ASP C 315 -18.99 0.06 4.17
CA ASP C 315 -18.14 -0.83 4.90
C ASP C 315 -18.65 -2.25 4.71
N ASN C 316 -18.02 -2.96 3.79
CA ASN C 316 -18.38 -4.32 3.39
C ASN C 316 -18.25 -5.38 4.50
N GLU C 317 -17.44 -5.09 5.49
CA GLU C 317 -17.31 -5.89 6.69
C GLU C 317 -18.27 -5.53 7.80
N TRP C 318 -18.27 -4.27 8.21
CA TRP C 318 -18.99 -3.80 9.41
C TRP C 318 -20.49 -3.63 9.18
N GLY C 319 -20.89 -3.05 8.05
CA GLY C 319 -22.32 -2.89 7.77
C GLY C 319 -23.05 -4.23 7.61
N PHE C 320 -22.47 -5.11 6.80
CA PHE C 320 -23.06 -6.38 6.45
C PHE C 320 -23.15 -7.31 7.69
N SER C 321 -22.18 -7.18 8.58
CA SER C 321 -22.13 -8.04 9.75
C SER C 321 -23.20 -7.63 10.74
N SER C 322 -23.62 -6.39 10.65
CA SER C 322 -24.60 -5.89 11.58
C SER C 322 -25.94 -6.36 11.07
N ARG C 323 -26.11 -6.27 9.75
CA ARG C 323 -27.33 -6.70 9.08
C ARG C 323 -27.59 -8.18 9.32
N MET C 324 -26.52 -8.97 9.40
CA MET C 324 -26.66 -10.39 9.66
C MET C 324 -27.40 -10.58 11.00
N SER C 325 -27.01 -9.85 12.03
CA SER C 325 -27.74 -9.98 13.28
C SER C 325 -29.20 -9.54 13.15
N ASP C 326 -29.43 -8.38 12.53
CA ASP C 326 -30.80 -7.89 12.26
C ASP C 326 -31.67 -8.94 11.57
N THR C 327 -31.13 -9.54 10.54
CA THR C 327 -31.85 -10.50 9.76
C THR C 327 -32.08 -11.75 10.60
N ALA C 328 -31.12 -12.05 11.47
CA ALA C 328 -31.23 -13.23 12.33
C ALA C 328 -32.38 -13.08 13.32
N VAL C 329 -32.45 -11.91 13.94
CA VAL C 329 -33.54 -11.56 14.85
C VAL C 329 -34.90 -11.68 14.19
N ALA C 330 -35.04 -11.15 12.98
CA ALA C 330 -36.32 -11.23 12.31
C ALA C 330 -36.67 -12.69 12.09
N LEU C 331 -35.72 -13.45 11.56
CA LEU C 331 -36.03 -14.81 11.19
C LEU C 331 -36.45 -15.60 12.41
N GLY C 332 -35.80 -15.30 13.55
CA GLY C 332 -36.02 -16.05 14.78
C GLY C 332 -37.44 -15.93 15.31
N LYS C 333 -38.04 -14.75 15.14
CA LYS C 333 -39.41 -14.51 15.55
C LYS C 333 -40.39 -15.35 14.74
N LEU C 334 -39.96 -15.88 13.60
CA LEU C 334 -40.83 -16.63 12.70
C LEU C 334 -40.65 -18.14 12.87
N ILE C 335 -39.76 -18.51 13.77
CA ILE C 335 -39.58 -19.91 14.05
C ILE C 335 -40.65 -20.35 15.02
N ALA D 2 23.94 -29.28 -21.79
CA ALA D 2 22.83 -28.60 -21.05
C ALA D 2 22.11 -29.58 -20.11
N VAL D 3 22.07 -29.26 -18.83
CA VAL D 3 21.42 -30.14 -17.90
C VAL D 3 19.92 -30.00 -17.95
N ARG D 4 19.22 -31.11 -17.90
CA ARG D 4 17.78 -31.17 -18.02
C ARG D 4 17.08 -30.98 -16.68
N VAL D 5 16.28 -29.94 -16.57
CA VAL D 5 15.60 -29.70 -15.32
C VAL D 5 14.12 -29.60 -15.39
N ALA D 6 13.47 -30.06 -14.36
CA ALA D 6 12.07 -29.82 -14.15
C ALA D 6 11.82 -28.90 -12.98
N ILE D 7 10.81 -28.06 -13.12
CA ILE D 7 10.34 -27.15 -12.09
C ILE D 7 9.03 -27.63 -11.47
N ASN D 8 9.10 -28.06 -10.21
CA ASN D 8 7.92 -28.49 -9.46
C ASN D 8 7.43 -27.37 -8.57
N GLY D 9 6.27 -26.81 -8.93
CA GLY D 9 5.78 -25.59 -8.30
C GLY D 9 6.09 -24.39 -9.19
N PHE D 10 5.15 -24.02 -10.05
CA PHE D 10 5.38 -22.93 -10.97
C PHE D 10 4.97 -21.60 -10.33
N GLY D 11 5.56 -21.29 -9.18
CA GLY D 11 5.15 -20.13 -8.41
C GLY D 11 6.07 -18.95 -8.58
N ARG D 12 6.26 -18.19 -7.53
CA ARG D 12 7.08 -17.01 -7.60
C ARG D 12 8.47 -17.39 -7.92
N ILE D 13 9.02 -18.38 -7.26
CA ILE D 13 10.31 -18.89 -7.61
C ILE D 13 10.34 -19.68 -8.90
N GLY D 14 9.45 -20.63 -9.05
CA GLY D 14 9.34 -21.41 -10.25
C GLY D 14 9.26 -20.69 -11.57
N ARG D 15 8.36 -19.74 -11.69
CA ARG D 15 8.28 -18.94 -12.91
C ARG D 15 9.53 -18.09 -13.16
N ASN D 16 10.08 -17.54 -12.09
CA ASN D 16 11.20 -16.65 -12.23
C ASN D 16 12.47 -17.41 -12.55
N ILE D 17 12.51 -18.68 -12.15
CA ILE D 17 13.62 -19.51 -12.54
C ILE D 17 13.67 -19.64 -14.06
N LEU D 18 12.52 -19.80 -14.68
CA LEU D 18 12.43 -19.92 -16.12
C LEU D 18 12.74 -18.58 -16.76
N ARG D 19 12.16 -17.52 -16.19
CA ARG D 19 12.32 -16.19 -16.76
C ARG D 19 13.81 -15.78 -16.81
N ALA D 20 14.51 -16.02 -15.70
CA ALA D 20 15.91 -15.60 -15.64
C ALA D 20 16.73 -16.34 -16.68
N ILE D 21 16.43 -17.62 -16.86
CA ILE D 21 17.13 -18.42 -17.84
C ILE D 21 16.94 -17.83 -19.23
N VAL D 22 15.70 -17.51 -19.58
CA VAL D 22 15.43 -16.94 -20.88
C VAL D 22 16.07 -15.58 -21.05
N GLU D 23 15.90 -14.69 -20.08
CA GLU D 23 16.44 -13.32 -20.18
C GLU D 23 17.96 -13.24 -20.30
N SER D 24 18.68 -14.21 -19.80
CA SER D 24 20.10 -14.29 -19.95
C SER D 24 20.73 -14.96 -21.18
N GLY D 25 19.97 -15.66 -21.98
CA GLY D 25 20.54 -16.45 -23.03
C GLY D 25 21.38 -17.63 -22.59
N ARG D 26 21.46 -17.87 -21.31
CA ARG D 26 22.31 -18.89 -20.83
C ARG D 26 22.00 -20.14 -21.58
N THR D 27 23.02 -20.92 -21.92
CA THR D 27 22.81 -22.15 -22.62
C THR D 27 23.13 -23.40 -21.90
N ASP D 28 23.55 -23.29 -20.67
CA ASP D 28 24.02 -24.40 -19.89
C ASP D 28 22.94 -25.20 -19.23
N ILE D 29 21.72 -24.74 -19.34
CA ILE D 29 20.60 -25.35 -18.62
C ILE D 29 19.36 -25.27 -19.47
N GLN D 30 18.55 -26.33 -19.46
CA GLN D 30 17.30 -26.35 -20.23
C GLN D 30 16.15 -26.85 -19.37
N VAL D 31 15.05 -26.13 -19.36
CA VAL D 31 13.88 -26.59 -18.63
C VAL D 31 13.03 -27.47 -19.53
N VAL D 32 12.83 -28.72 -19.14
CA VAL D 32 12.13 -29.68 -20.00
C VAL D 32 10.71 -29.98 -19.55
N ALA D 33 10.39 -29.73 -18.28
CA ALA D 33 9.02 -29.92 -17.84
C ALA D 33 8.63 -29.00 -16.68
N ILE D 34 7.32 -28.81 -16.51
CA ILE D 34 6.80 -27.99 -15.42
C ILE D 34 5.63 -28.70 -14.75
N ASN D 35 5.50 -28.54 -13.44
CA ASN D 35 4.37 -29.12 -12.72
C ASN D 35 3.79 -28.18 -11.69
N ASP D 36 2.47 -28.02 -11.73
CA ASP D 36 1.74 -27.24 -10.75
C ASP D 36 0.39 -27.90 -10.62
N LEU D 37 -0.60 -27.15 -10.18
CA LEU D 37 -1.93 -27.70 -9.95
C LEU D 37 -2.97 -26.92 -10.70
N GLY D 38 -2.79 -26.69 -11.99
CA GLY D 38 -3.81 -25.96 -12.71
C GLY D 38 -3.77 -26.19 -14.19
N PRO D 39 -4.69 -25.54 -14.90
CA PRO D 39 -4.73 -25.66 -16.37
C PRO D 39 -3.44 -25.11 -16.99
N VAL D 40 -3.00 -25.70 -18.08
CA VAL D 40 -1.80 -25.24 -18.75
C VAL D 40 -1.89 -23.77 -19.10
N GLU D 41 -3.09 -23.34 -19.40
CA GLU D 41 -3.31 -22.00 -19.89
C GLU D 41 -3.11 -21.00 -18.75
N THR D 42 -3.45 -21.40 -17.52
CA THR D 42 -3.34 -20.48 -16.39
C THR D 42 -1.86 -20.25 -16.05
N ASN D 43 -1.09 -21.34 -16.06
CA ASN D 43 0.37 -21.27 -15.99
C ASN D 43 0.95 -20.30 -17.02
N ALA D 44 0.50 -20.41 -18.27
CA ALA D 44 1.03 -19.56 -19.33
C ALA D 44 0.68 -18.10 -19.06
N HIS D 45 -0.54 -17.86 -18.59
CA HIS D 45 -0.99 -16.50 -18.33
C HIS D 45 -0.21 -15.89 -17.14
N LEU D 46 0.02 -16.66 -16.10
CA LEU D 46 0.84 -16.22 -14.99
C LEU D 46 2.26 -15.89 -15.33
N LEU D 47 2.80 -16.56 -16.33
CA LEU D 47 4.10 -16.30 -16.84
C LEU D 47 4.22 -15.07 -17.70
N ARG D 48 3.21 -14.85 -18.51
CA ARG D 48 3.04 -13.71 -19.37
C ARG D 48 2.96 -12.39 -18.66
N TYR D 49 2.16 -12.33 -17.64
CA TYR D 49 1.94 -11.05 -16.97
C TYR D 49 2.39 -11.09 -15.53
N ASP D 50 3.21 -10.12 -15.13
CA ASP D 50 3.78 -10.14 -13.80
C ASP D 50 3.66 -8.80 -13.09
N SER D 51 2.99 -8.80 -11.94
CA SER D 51 2.73 -7.59 -11.17
C SER D 51 3.97 -6.93 -10.57
N VAL D 52 5.09 -7.67 -10.54
CA VAL D 52 6.34 -7.20 -9.97
C VAL D 52 7.40 -6.98 -11.03
N HIS D 53 7.56 -7.94 -11.93
CA HIS D 53 8.62 -7.84 -12.90
C HIS D 53 8.17 -7.38 -14.30
N GLY D 54 6.93 -7.18 -14.54
CA GLY D 54 6.48 -6.81 -15.85
C GLY D 54 6.13 -7.92 -16.77
N ARG D 55 5.74 -7.58 -17.95
CA ARG D 55 5.50 -8.54 -19.00
C ARG D 55 6.68 -9.35 -19.43
N PHE D 56 6.46 -10.64 -19.58
CA PHE D 56 7.41 -11.56 -20.19
C PHE D 56 7.87 -11.04 -21.55
N PRO D 57 9.17 -11.07 -21.74
CA PRO D 57 9.84 -10.49 -22.87
C PRO D 57 9.72 -11.23 -24.19
N LYS D 58 9.26 -12.44 -24.20
CA LYS D 58 9.15 -13.21 -25.42
C LYS D 58 7.73 -13.70 -25.51
N GLU D 59 7.28 -14.07 -26.69
CA GLU D 59 6.02 -14.74 -26.83
C GLU D 59 6.01 -16.06 -26.08
N VAL D 60 4.84 -16.42 -25.60
CA VAL D 60 4.63 -17.62 -24.85
C VAL D 60 3.57 -18.41 -25.56
N GLU D 61 3.98 -19.51 -26.16
CA GLU D 61 3.12 -20.36 -26.94
C GLU D 61 2.58 -21.56 -26.24
N VAL D 62 1.31 -21.82 -26.45
CA VAL D 62 0.63 -22.92 -25.82
C VAL D 62 0.13 -23.96 -26.77
N ALA D 63 0.58 -25.18 -26.62
CA ALA D 63 0.06 -26.25 -27.45
C ALA D 63 -0.31 -27.48 -26.73
N GLY D 64 -1.58 -27.66 -26.49
CA GLY D 64 -2.06 -28.74 -25.69
C GLY D 64 -1.43 -28.75 -24.33
N ASP D 65 -0.64 -29.77 -24.09
CA ASP D 65 -0.01 -29.87 -22.79
C ASP D 65 1.40 -29.28 -22.81
N THR D 66 1.63 -28.41 -23.77
CA THR D 66 2.93 -27.85 -24.01
C THR D 66 3.09 -26.33 -23.87
N ILE D 67 4.22 -25.88 -23.39
CA ILE D 67 4.51 -24.47 -23.35
C ILE D 67 5.78 -24.24 -24.12
N ASP D 68 5.88 -23.17 -24.90
CA ASP D 68 7.09 -22.88 -25.67
C ASP D 68 7.53 -21.44 -25.54
N VAL D 69 8.70 -21.20 -25.02
CA VAL D 69 9.13 -19.85 -24.84
C VAL D 69 10.28 -19.37 -25.68
N GLY D 70 10.69 -20.14 -26.66
CA GLY D 70 11.73 -19.71 -27.56
C GLY D 70 12.63 -20.79 -28.02
N TYR D 71 12.52 -21.93 -27.38
CA TYR D 71 13.41 -23.01 -27.63
C TYR D 71 12.79 -24.35 -27.55
N GLY D 72 11.60 -24.50 -28.07
CA GLY D 72 10.96 -25.77 -27.97
C GLY D 72 9.97 -25.90 -26.85
N PRO D 73 9.03 -26.80 -27.04
CA PRO D 73 7.95 -26.95 -26.09
C PRO D 73 8.36 -27.59 -24.74
N ILE D 74 7.67 -27.17 -23.70
CA ILE D 74 7.96 -27.65 -22.36
C ILE D 74 6.74 -28.38 -21.88
N LYS D 75 6.96 -29.61 -21.48
CA LYS D 75 5.87 -30.47 -21.09
C LYS D 75 5.33 -29.97 -19.75
N VAL D 76 4.01 -29.75 -19.69
CA VAL D 76 3.37 -29.20 -18.50
C VAL D 76 2.40 -30.16 -17.83
N HIS D 77 2.55 -30.33 -16.53
CA HIS D 77 1.79 -31.24 -15.72
C HIS D 77 0.94 -30.68 -14.61
N ALA D 78 0.12 -31.56 -14.06
CA ALA D 78 -0.69 -31.27 -12.91
C ALA D 78 -0.83 -32.47 -12.06
N VAL D 79 0.20 -32.83 -11.35
CA VAL D 79 0.24 -34.01 -10.56
C VAL D 79 0.51 -33.66 -9.10
N ARG D 80 -0.48 -33.83 -8.25
CA ARG D 80 -0.31 -33.58 -6.84
C ARG D 80 0.85 -34.31 -6.20
N ASN D 81 1.00 -35.58 -6.47
CA ASN D 81 2.04 -36.37 -5.84
C ASN D 81 3.34 -36.45 -6.58
N PRO D 82 4.37 -35.82 -6.08
CA PRO D 82 5.61 -35.71 -6.80
C PRO D 82 6.24 -37.02 -7.17
N ALA D 83 5.89 -38.07 -6.49
CA ALA D 83 6.39 -39.37 -6.77
C ALA D 83 5.70 -39.98 -7.94
N GLU D 84 4.54 -39.49 -8.35
CA GLU D 84 3.88 -39.93 -9.54
C GLU D 84 4.27 -39.23 -10.85
N LEU D 85 5.12 -38.23 -10.81
CA LEU D 85 5.60 -37.56 -12.00
C LEU D 85 6.39 -38.43 -12.95
N PRO D 86 6.32 -38.12 -14.22
CA PRO D 86 7.02 -38.91 -15.24
C PRO D 86 8.49 -38.51 -15.45
N TRP D 87 9.27 -38.39 -14.39
CA TRP D 87 10.62 -37.89 -14.57
C TRP D 87 11.48 -38.84 -15.39
N LYS D 88 11.18 -40.15 -15.33
CA LYS D 88 11.99 -41.12 -16.06
C LYS D 88 11.73 -40.98 -17.54
N GLU D 89 10.46 -41.01 -17.90
CA GLU D 89 10.06 -40.92 -19.30
C GLU D 89 10.52 -39.60 -19.94
N GLU D 90 10.77 -38.58 -19.13
CA GLU D 90 11.14 -37.29 -19.70
C GLU D 90 12.61 -36.97 -19.46
N ASN D 91 13.29 -37.90 -18.80
CA ASN D 91 14.71 -37.84 -18.75
C ASN D 91 15.15 -36.54 -18.10
N VAL D 92 14.78 -36.43 -16.83
CA VAL D 92 15.04 -35.23 -16.07
C VAL D 92 16.29 -35.38 -15.23
N ASP D 93 17.33 -34.62 -15.56
CA ASP D 93 18.53 -34.69 -14.74
C ASP D 93 18.23 -34.16 -13.34
N ILE D 94 17.69 -32.95 -13.25
CA ILE D 94 17.42 -32.37 -11.94
C ILE D 94 15.99 -31.84 -11.69
N ALA D 95 15.44 -32.23 -10.55
CA ALA D 95 14.15 -31.73 -10.11
C ALA D 95 14.41 -30.54 -9.20
N LEU D 96 13.84 -29.39 -9.57
CA LEU D 96 13.92 -28.19 -8.77
C LEU D 96 12.61 -28.09 -7.99
N GLU D 97 12.68 -28.29 -6.69
CA GLU D 97 11.50 -28.42 -5.84
C GLU D 97 11.11 -27.06 -5.22
N CYS D 98 10.05 -26.46 -5.76
CA CYS D 98 9.70 -25.09 -5.42
C CYS D 98 8.24 -24.93 -5.02
N THR D 99 7.64 -25.93 -4.42
CA THR D 99 6.27 -25.80 -3.94
C THR D 99 6.09 -25.11 -2.60
N GLY D 100 7.03 -25.26 -1.72
CA GLY D 100 6.89 -24.95 -0.34
C GLY D 100 6.45 -26.06 0.60
N ILE D 101 6.07 -27.20 0.07
CA ILE D 101 5.51 -28.25 0.84
C ILE D 101 6.23 -29.59 0.90
N PHE D 102 7.36 -29.66 0.25
CA PHE D 102 8.08 -30.86 0.16
C PHE D 102 9.50 -30.50 0.47
N THR D 103 9.71 -29.79 1.53
CA THR D 103 11.06 -29.29 1.79
C THR D 103 11.94 -30.20 2.64
N SER D 104 11.40 -31.11 3.42
CA SER D 104 12.25 -32.05 4.11
C SER D 104 12.85 -33.04 3.15
N ARG D 105 14.09 -33.43 3.39
CA ARG D 105 14.83 -34.32 2.53
C ARG D 105 14.01 -35.47 2.02
N ASP D 106 13.30 -36.11 2.93
CA ASP D 106 12.58 -37.34 2.67
C ASP D 106 11.39 -37.12 1.76
N LYS D 107 10.87 -35.92 1.73
CA LYS D 107 9.84 -35.60 0.79
C LYS D 107 10.38 -35.15 -0.52
N ALA D 108 11.39 -34.32 -0.48
CA ALA D 108 12.04 -33.88 -1.70
C ALA D 108 12.52 -35.11 -2.50
N ALA D 109 12.77 -36.20 -1.81
CA ALA D 109 13.35 -37.35 -2.44
C ALA D 109 12.41 -38.09 -3.34
N LEU D 110 11.14 -37.82 -3.22
CA LEU D 110 10.16 -38.42 -4.07
C LEU D 110 10.39 -38.14 -5.54
N HIS D 111 11.22 -37.16 -5.84
CA HIS D 111 11.55 -36.83 -7.20
C HIS D 111 12.51 -37.86 -7.76
N LEU D 112 13.39 -38.34 -6.89
CA LEU D 112 14.30 -39.42 -7.12
C LEU D 112 13.57 -40.69 -7.37
N GLU D 113 12.47 -40.90 -6.69
CA GLU D 113 11.63 -42.03 -6.91
C GLU D 113 10.98 -41.95 -8.26
N ALA D 114 10.51 -40.78 -8.63
CA ALA D 114 9.90 -40.55 -9.91
C ALA D 114 10.79 -40.61 -11.13
N GLY D 115 12.08 -40.56 -10.92
CA GLY D 115 13.00 -40.69 -11.99
C GLY D 115 14.02 -39.60 -12.19
N ALA D 116 14.02 -38.61 -11.33
CA ALA D 116 15.00 -37.52 -11.48
C ALA D 116 16.28 -37.99 -10.84
N LYS D 117 17.43 -37.53 -11.33
CA LYS D 117 18.70 -38.00 -10.83
C LYS D 117 19.19 -37.23 -9.62
N ARG D 118 18.91 -35.93 -9.59
CA ARG D 118 19.18 -35.11 -8.41
C ARG D 118 17.96 -34.25 -8.04
N VAL D 119 17.96 -33.72 -6.83
CA VAL D 119 16.90 -32.84 -6.36
C VAL D 119 17.50 -31.58 -5.72
N ILE D 120 16.93 -30.43 -6.04
CA ILE D 120 17.33 -29.19 -5.37
C ILE D 120 16.12 -28.52 -4.82
N VAL D 121 16.05 -28.43 -3.50
CA VAL D 121 14.97 -27.77 -2.81
C VAL D 121 15.23 -26.27 -2.78
N SER D 122 14.22 -25.47 -3.12
CA SER D 122 14.36 -24.01 -3.14
C SER D 122 14.15 -23.32 -1.77
N ALA D 123 14.80 -23.84 -0.74
CA ALA D 123 14.52 -23.41 0.61
C ALA D 123 15.35 -24.24 1.57
N PRO D 124 15.38 -23.87 2.85
CA PRO D 124 16.09 -24.74 3.79
C PRO D 124 15.44 -26.12 3.73
N ALA D 125 16.22 -27.15 3.93
CA ALA D 125 15.76 -28.49 3.82
C ALA D 125 16.19 -29.36 4.93
N ASP D 126 15.26 -29.81 5.75
CA ASP D 126 15.55 -30.64 6.91
C ASP D 126 16.18 -31.94 6.54
N GLY D 127 17.44 -32.10 6.80
CA GLY D 127 18.10 -33.32 6.42
C GLY D 127 18.75 -33.28 5.07
N ALA D 128 19.10 -32.11 4.62
CA ALA D 128 19.75 -31.92 3.34
C ALA D 128 21.11 -32.60 3.34
N ASP D 129 21.46 -33.25 2.24
CA ASP D 129 22.79 -33.81 2.12
C ASP D 129 23.78 -32.69 2.10
N LEU D 130 23.36 -31.56 1.55
CA LEU D 130 24.18 -30.33 1.63
C LEU D 130 23.31 -29.11 1.37
N THR D 131 23.71 -28.00 1.97
CA THR D 131 22.98 -26.75 1.86
C THR D 131 23.89 -25.75 1.19
N VAL D 132 23.46 -25.20 0.05
CA VAL D 132 24.35 -24.39 -0.77
C VAL D 132 24.00 -22.90 -0.94
N VAL D 133 24.98 -22.05 -0.61
CA VAL D 133 24.99 -20.68 -1.07
C VAL D 133 25.99 -20.61 -2.23
N TYR D 134 25.46 -20.49 -3.45
CA TYR D 134 26.31 -20.44 -4.63
C TYR D 134 27.27 -19.27 -4.57
N GLY D 135 28.53 -19.54 -4.89
CA GLY D 135 29.59 -18.52 -4.87
C GLY D 135 30.37 -18.53 -3.56
N VAL D 136 29.83 -19.23 -2.56
CA VAL D 136 30.42 -19.24 -1.23
C VAL D 136 30.94 -20.60 -0.85
N ASN D 137 30.13 -21.64 -1.08
CA ASN D 137 30.47 -22.99 -0.68
C ASN D 137 30.00 -24.05 -1.66
N ASN D 138 29.70 -23.65 -2.89
CA ASN D 138 29.28 -24.59 -3.93
C ASN D 138 30.41 -25.52 -4.39
N ASP D 139 31.63 -25.20 -4.00
CA ASP D 139 32.76 -26.08 -4.32
C ASP D 139 32.85 -27.27 -3.37
N LYS D 140 32.04 -27.27 -2.29
CA LYS D 140 31.86 -28.47 -1.45
C LYS D 140 30.94 -29.56 -2.03
N LEU D 141 30.22 -29.26 -3.10
CA LEU D 141 29.39 -30.30 -3.70
C LEU D 141 30.24 -31.50 -4.20
N THR D 142 29.78 -32.71 -3.92
CA THR D 142 30.46 -33.91 -4.41
C THR D 142 29.51 -34.79 -5.18
N LYS D 143 30.05 -35.86 -5.66
CA LYS D 143 29.29 -36.88 -6.33
C LYS D 143 28.32 -37.56 -5.38
N ASP D 144 28.57 -37.39 -4.09
CA ASP D 144 27.78 -38.00 -3.00
C ASP D 144 26.34 -37.45 -2.84
N HIS D 145 26.21 -36.12 -2.86
CA HIS D 145 24.94 -35.42 -2.62
C HIS D 145 23.88 -35.64 -3.68
N LEU D 146 22.73 -36.16 -3.28
CA LEU D 146 21.65 -36.43 -4.21
C LEU D 146 20.47 -35.48 -4.01
N VAL D 147 20.27 -35.07 -2.76
CA VAL D 147 19.19 -34.17 -2.40
C VAL D 147 19.70 -33.06 -1.51
N ILE D 148 19.82 -31.87 -2.09
CA ILE D 148 20.43 -30.74 -1.41
C ILE D 148 19.50 -29.53 -1.36
N SER D 149 19.91 -28.50 -0.63
CA SER D 149 19.12 -27.29 -0.50
C SER D 149 19.87 -26.05 -1.01
N ASN D 150 19.12 -25.14 -1.64
CA ASN D 150 19.72 -23.91 -2.16
C ASN D 150 19.69 -22.81 -1.12
N ALA D 151 19.41 -23.21 0.14
CA ALA D 151 19.25 -22.27 1.25
C ALA D 151 18.04 -21.33 1.08
N SER D 152 17.98 -20.29 1.91
CA SER D 152 16.92 -19.31 1.80
C SER D 152 17.48 -18.04 1.16
N CYS D 153 16.58 -17.20 0.67
CA CYS D 153 16.99 -15.94 0.05
C CYS D 153 17.86 -15.10 1.01
N THR D 154 17.47 -15.12 2.30
CA THR D 154 18.20 -14.40 3.34
C THR D 154 19.61 -14.97 3.57
N THR D 155 19.74 -16.30 3.65
CA THR D 155 21.08 -16.88 3.80
C THR D 155 21.98 -16.52 2.61
N ASN D 156 21.39 -16.41 1.42
CA ASN D 156 22.19 -16.17 0.20
C ASN D 156 22.65 -14.72 0.17
N CYS D 157 21.96 -13.87 0.93
CA CYS D 157 22.32 -12.46 1.00
C CYS D 157 23.36 -12.23 2.08
N LEU D 158 23.16 -12.87 3.23
CA LEU D 158 24.07 -12.68 4.39
C LEU D 158 25.42 -13.38 4.24
N ALA D 159 25.41 -14.62 3.73
CA ALA D 159 26.65 -15.42 3.70
C ALA D 159 27.81 -14.75 2.94
N PRO D 160 27.56 -14.24 1.73
CA PRO D 160 28.69 -13.61 1.04
C PRO D 160 29.24 -12.42 1.82
N VAL D 161 28.38 -11.65 2.46
CA VAL D 161 28.90 -10.52 3.22
C VAL D 161 29.64 -10.95 4.46
N ALA D 162 29.16 -12.01 5.12
CA ALA D 162 29.74 -12.50 6.37
C ALA D 162 31.07 -13.15 6.08
N GLN D 163 31.17 -13.80 4.96
CA GLN D 163 32.39 -14.39 4.56
C GLN D 163 33.50 -13.44 4.29
N VAL D 164 33.30 -12.42 3.49
CA VAL D 164 34.37 -11.50 3.21
C VAL D 164 34.85 -10.73 4.42
N LEU D 165 33.94 -10.29 5.25
CA LEU D 165 34.26 -9.49 6.37
C LEU D 165 34.94 -10.27 7.45
N ASN D 166 34.57 -11.51 7.58
CA ASN D 166 35.23 -12.36 8.48
C ASN D 166 36.62 -12.72 8.04
N ASP D 167 36.81 -12.97 6.76
CA ASP D 167 38.11 -13.13 6.17
C ASP D 167 38.97 -11.90 6.32
N THR D 168 38.39 -10.73 6.29
CA THR D 168 39.16 -9.53 6.41
C THR D 168 39.50 -9.08 7.81
N ILE D 169 38.50 -8.98 8.65
CA ILE D 169 38.53 -8.24 9.87
C ILE D 169 38.15 -9.08 11.06
N GLY D 170 37.41 -10.15 10.82
CA GLY D 170 36.94 -11.04 11.86
C GLY D 170 35.60 -10.82 12.48
N ILE D 171 34.78 -11.85 12.59
CA ILE D 171 33.53 -11.65 13.29
C ILE D 171 33.51 -12.45 14.59
N GLU D 172 33.43 -11.76 15.72
CA GLU D 172 33.36 -12.41 17.01
C GLU D 172 31.95 -12.98 17.22
N LYS D 173 30.94 -12.18 16.87
CA LYS D 173 29.60 -12.35 17.39
C LYS D 173 28.72 -11.33 16.68
N GLY D 174 27.55 -11.74 16.19
CA GLY D 174 26.67 -10.83 15.44
C GLY D 174 25.16 -11.11 15.51
N PHE D 175 24.36 -10.04 15.35
CA PHE D 175 22.91 -10.18 15.26
C PHE D 175 22.32 -9.54 14.01
N MET D 176 21.45 -10.30 13.33
CA MET D 176 20.85 -9.90 12.06
C MET D 176 19.34 -9.75 12.23
N THR D 177 18.82 -8.65 11.70
CA THR D 177 17.39 -8.55 11.43
C THR D 177 17.23 -8.30 9.94
N THR D 178 16.53 -9.21 9.25
CA THR D 178 16.17 -8.97 7.86
C THR D 178 14.76 -8.39 7.76
N ILE D 179 14.68 -7.23 7.10
CA ILE D 179 13.41 -6.60 6.83
C ILE D 179 12.94 -7.04 5.43
N HIS D 180 11.91 -7.88 5.42
CA HIS D 180 11.57 -8.68 4.23
C HIS D 180 10.26 -8.22 3.63
N SER D 181 10.18 -8.28 2.30
CA SER D 181 8.90 -8.08 1.58
C SER D 181 7.93 -9.19 1.88
N TYR D 182 6.65 -8.90 1.80
CA TYR D 182 5.68 -9.94 2.08
C TYR D 182 5.73 -11.03 1.03
N THR D 183 5.10 -12.14 1.36
CA THR D 183 5.33 -13.32 0.59
C THR D 183 4.00 -14.08 0.51
N GLY D 184 3.89 -15.03 -0.42
CA GLY D 184 2.63 -15.70 -0.67
C GLY D 184 2.13 -16.58 0.48
N ASP D 185 2.95 -16.80 1.48
CA ASP D 185 2.46 -17.61 2.62
C ASP D 185 1.85 -16.71 3.70
N GLN D 186 1.55 -15.46 3.35
CA GLN D 186 0.83 -14.55 4.22
C GLN D 186 -0.50 -14.22 3.55
N PRO D 187 -1.52 -13.87 4.34
CA PRO D 187 -2.86 -13.54 3.86
C PRO D 187 -3.02 -12.04 3.57
N THR D 188 -3.94 -11.69 2.68
CA THR D 188 -4.23 -10.26 2.47
C THR D 188 -4.88 -9.65 3.73
N LEU D 189 -5.67 -10.45 4.44
CA LEU D 189 -6.39 -9.95 5.61
C LEU D 189 -6.28 -10.95 6.74
N ASP D 190 -6.53 -10.47 7.96
CA ASP D 190 -6.37 -11.26 9.17
C ASP D 190 -7.12 -12.59 9.13
N THR D 191 -6.39 -13.70 9.23
CA THR D 191 -7.06 -15.01 9.13
C THR D 191 -6.32 -16.23 9.75
N MET D 192 -7.11 -17.23 10.13
CA MET D 192 -6.61 -18.49 10.71
C MET D 192 -5.30 -18.92 10.09
N HIS D 193 -4.28 -19.18 10.90
CA HIS D 193 -2.95 -19.53 10.38
C HIS D 193 -2.22 -20.30 11.47
N LYS D 194 -1.26 -21.13 11.11
CA LYS D 194 -0.54 -21.87 12.12
C LYS D 194 0.34 -20.95 12.98
N ASP D 195 0.82 -19.87 12.38
CA ASP D 195 1.67 -18.90 13.06
C ASP D 195 0.92 -17.58 13.28
N LEU D 196 0.80 -17.18 14.54
CA LEU D 196 -0.03 -16.01 14.89
C LEU D 196 0.47 -14.67 14.37
N TYR D 197 1.77 -14.57 14.08
CA TYR D 197 2.33 -13.35 13.48
C TYR D 197 1.89 -13.34 12.00
N ARG D 198 2.14 -14.47 11.33
CA ARG D 198 1.84 -14.58 9.92
C ARG D 198 0.34 -14.66 9.60
N ALA D 199 -0.52 -14.64 10.61
CA ALA D 199 -1.95 -14.61 10.40
C ALA D 199 -2.41 -13.24 9.91
N ARG D 200 -1.57 -12.22 10.11
CA ARG D 200 -2.02 -10.86 10.05
C ARG D 200 -1.90 -10.28 8.65
N ALA D 201 -2.83 -9.36 8.37
CA ALA D 201 -2.91 -8.68 7.10
C ALA D 201 -1.53 -8.21 6.67
N ALA D 202 -1.08 -8.68 5.51
CA ALA D 202 0.32 -8.54 5.10
C ALA D 202 0.74 -7.13 4.68
N ALA D 203 -0.15 -6.39 4.03
CA ALA D 203 0.23 -5.09 3.51
C ALA D 203 -0.15 -3.97 4.50
N LEU D 204 -0.42 -4.33 5.75
CA LEU D 204 -0.95 -3.37 6.69
C LEU D 204 -0.01 -3.09 7.87
N SER D 205 0.92 -4.01 8.15
CA SER D 205 1.78 -3.87 9.32
C SER D 205 3.23 -4.26 9.07
N MET D 206 4.09 -3.83 9.97
CA MET D 206 5.38 -4.48 10.17
C MET D 206 5.14 -5.71 11.03
N ILE D 207 5.58 -6.86 10.56
CA ILE D 207 5.27 -8.09 11.23
C ILE D 207 6.54 -8.88 11.58
N PRO D 208 6.87 -8.95 12.88
CA PRO D 208 7.93 -9.80 13.43
C PRO D 208 7.76 -11.27 13.01
N THR D 209 8.82 -11.90 12.53
CA THR D 209 8.77 -13.29 12.10
C THR D 209 10.11 -14.03 12.26
N SER D 210 10.07 -15.36 12.16
CA SER D 210 11.27 -16.16 12.42
C SER D 210 12.10 -16.39 11.18
N THR D 211 13.36 -16.76 11.38
CA THR D 211 14.19 -17.11 10.24
C THR D 211 15.48 -17.76 10.74
N GLY D 212 15.81 -18.92 10.18
CA GLY D 212 17.00 -19.64 10.60
C GLY D 212 18.25 -19.16 9.89
N ALA D 213 18.07 -18.17 9.00
CA ALA D 213 19.16 -17.65 8.16
C ALA D 213 20.49 -17.47 8.88
N ALA D 214 20.49 -16.92 10.08
CA ALA D 214 21.76 -16.59 10.71
C ALA D 214 22.53 -17.84 11.19
N LYS D 215 21.85 -18.73 11.90
CA LYS D 215 22.47 -19.98 12.33
C LYS D 215 22.89 -20.75 11.10
N ALA D 216 22.07 -20.68 10.04
CA ALA D 216 22.31 -21.42 8.81
C ALA D 216 23.61 -21.00 8.15
N VAL D 217 24.01 -19.75 8.38
CA VAL D 217 25.27 -19.25 7.85
C VAL D 217 26.42 -19.94 8.61
N GLY D 218 26.19 -20.19 9.89
CA GLY D 218 27.15 -20.95 10.70
C GLY D 218 27.33 -22.38 10.22
N LEU D 219 26.71 -22.73 9.11
CA LEU D 219 26.87 -24.06 8.60
C LEU D 219 27.41 -24.06 7.18
N VAL D 220 27.02 -23.09 6.37
CA VAL D 220 27.65 -22.88 5.10
C VAL D 220 29.01 -22.24 5.21
N LEU D 221 29.25 -21.56 6.31
CA LEU D 221 30.60 -21.15 6.69
C LEU D 221 30.91 -21.65 8.09
N PRO D 222 31.49 -22.81 8.20
CA PRO D 222 31.66 -23.46 9.48
C PRO D 222 32.43 -22.65 10.49
N GLU D 223 33.28 -21.79 10.01
CA GLU D 223 34.07 -20.95 10.83
C GLU D 223 33.27 -19.92 11.58
N LEU D 224 32.03 -19.73 11.15
CA LEU D 224 31.10 -18.91 11.85
C LEU D 224 30.01 -19.66 12.58
N LYS D 225 30.26 -20.93 12.84
CA LYS D 225 29.36 -21.75 13.65
C LYS D 225 28.96 -21.04 14.96
N GLY D 226 27.67 -20.94 15.23
CA GLY D 226 27.20 -20.41 16.51
C GLY D 226 27.47 -18.93 16.81
N LYS D 227 27.98 -18.18 15.85
CA LYS D 227 28.31 -16.77 16.10
C LYS D 227 27.25 -15.74 15.66
N LEU D 228 26.29 -16.19 14.85
CA LEU D 228 25.24 -15.30 14.35
C LEU D 228 23.84 -15.77 14.73
N ASP D 229 22.98 -14.83 15.11
CA ASP D 229 21.59 -15.16 15.33
C ASP D 229 20.77 -14.05 14.65
N GLY D 230 19.49 -14.33 14.36
CA GLY D 230 18.70 -13.33 13.68
C GLY D 230 17.20 -13.54 13.73
N VAL D 231 16.48 -12.57 13.18
CA VAL D 231 15.02 -12.62 13.03
C VAL D 231 14.68 -11.80 11.80
N ALA D 232 13.40 -11.66 11.54
CA ALA D 232 12.89 -10.93 10.43
C ALA D 232 11.79 -9.97 10.81
N ILE D 233 11.62 -8.94 10.04
CA ILE D 233 10.44 -8.17 9.96
C ILE D 233 9.92 -8.03 8.55
N ARG D 234 8.78 -8.64 8.35
CA ARG D 234 7.92 -8.48 7.23
C ARG D 234 7.17 -7.11 7.21
N VAL D 235 7.27 -6.42 6.10
CA VAL D 235 6.71 -5.13 5.87
C VAL D 235 5.92 -5.05 4.53
N PRO D 236 5.07 -4.06 4.39
CA PRO D 236 4.30 -3.87 3.17
C PRO D 236 5.00 -3.49 1.84
N THR D 237 5.79 -4.38 1.32
CA THR D 237 6.34 -4.35 -0.03
C THR D 237 6.20 -5.71 -0.65
N PRO D 238 5.98 -5.77 -1.94
CA PRO D 238 5.77 -7.03 -2.63
C PRO D 238 7.01 -7.81 -3.04
N ASN D 239 8.11 -7.12 -3.14
CA ASN D 239 9.37 -7.65 -3.54
C ASN D 239 10.54 -6.77 -3.17
N VAL D 240 11.63 -7.40 -2.80
CA VAL D 240 12.88 -6.84 -2.33
C VAL D 240 13.06 -6.80 -0.83
N SER D 241 14.19 -7.26 -0.34
CA SER D 241 14.46 -7.30 1.05
C SER D 241 15.83 -6.80 1.41
N VAL D 242 16.14 -6.81 2.68
CA VAL D 242 17.31 -6.21 3.23
C VAL D 242 17.88 -6.92 4.42
N VAL D 243 19.19 -6.93 4.55
CA VAL D 243 19.84 -7.42 5.73
C VAL D 243 20.47 -6.29 6.49
N ASP D 244 20.09 -6.15 7.75
CA ASP D 244 20.70 -5.23 8.69
C ASP D 244 21.40 -5.96 9.84
N LEU D 245 22.71 -6.01 9.77
CA LEU D 245 23.57 -6.83 10.64
C LEU D 245 24.47 -5.97 11.52
N THR D 246 24.40 -6.19 12.83
CA THR D 246 25.33 -5.55 13.73
C THR D 246 26.23 -6.61 14.37
N PHE D 247 27.54 -6.41 14.30
CA PHE D 247 28.47 -7.40 14.82
C PHE D 247 29.71 -6.80 15.48
N ILE D 248 30.43 -7.64 16.18
CA ILE D 248 31.68 -7.28 16.81
C ILE D 248 32.80 -7.73 15.93
N ALA D 249 33.72 -6.85 15.63
CA ALA D 249 34.91 -7.24 14.87
C ALA D 249 35.99 -7.75 15.82
N LYS D 250 36.85 -8.63 15.33
CA LYS D 250 37.95 -9.14 16.19
C LYS D 250 38.99 -8.08 16.49
N ARG D 251 39.23 -7.18 15.55
CA ARG D 251 40.20 -6.09 15.69
C ARG D 251 39.57 -4.77 15.26
N GLU D 252 40.10 -3.66 15.74
CA GLU D 252 39.49 -2.38 15.42
C GLU D 252 39.53 -2.17 13.93
N THR D 253 38.55 -1.44 13.40
CA THR D 253 38.42 -1.16 11.95
C THR D 253 37.68 0.14 11.67
N THR D 254 37.51 0.44 10.41
CA THR D 254 36.90 1.68 9.97
C THR D 254 35.84 1.43 8.95
N VAL D 255 34.95 2.39 8.78
CA VAL D 255 33.97 2.38 7.72
C VAL D 255 34.62 2.13 6.38
N GLU D 256 35.73 2.78 6.11
CA GLU D 256 36.41 2.62 4.86
C GLU D 256 36.93 1.23 4.56
N GLU D 257 37.59 0.61 5.51
CA GLU D 257 38.04 -0.74 5.37
C GLU D 257 36.92 -1.77 5.20
N VAL D 258 35.80 -1.57 5.86
CA VAL D 258 34.68 -2.42 5.64
C VAL D 258 34.21 -2.31 4.18
N ASN D 259 33.89 -1.10 3.75
CA ASN D 259 33.51 -0.85 2.37
C ASN D 259 34.39 -1.35 1.27
N ASN D 260 35.68 -1.06 1.38
CA ASN D 260 36.68 -1.52 0.47
C ASN D 260 36.84 -2.99 0.31
N ALA D 261 36.76 -3.70 1.41
CA ALA D 261 36.81 -5.13 1.34
C ALA D 261 35.69 -5.75 0.56
N ILE D 262 34.47 -5.24 0.71
CA ILE D 262 33.33 -5.63 -0.10
C ILE D 262 33.50 -5.32 -1.58
N ARG D 263 34.02 -4.16 -1.90
CA ARG D 263 34.33 -3.80 -3.26
C ARG D 263 35.35 -4.72 -3.95
N GLU D 264 36.40 -5.06 -3.26
CA GLU D 264 37.28 -5.95 -3.89
C GLU D 264 36.76 -7.32 -4.17
N ALA D 265 36.08 -7.87 -3.18
CA ALA D 265 35.32 -9.13 -3.37
C ALA D 265 34.29 -9.08 -4.51
N ALA D 266 33.53 -7.99 -4.56
CA ALA D 266 32.49 -7.76 -5.57
C ALA D 266 33.03 -7.69 -6.98
N ASN D 267 34.18 -7.02 -7.13
CA ASN D 267 34.76 -6.87 -8.45
C ASN D 267 35.64 -8.03 -8.85
N GLY D 268 35.87 -8.96 -7.90
CA GLY D 268 36.76 -10.10 -8.14
C GLY D 268 36.10 -11.45 -7.95
N ARG D 269 36.39 -12.10 -6.82
CA ARG D 269 35.95 -13.47 -6.64
C ARG D 269 34.44 -13.74 -6.64
N LEU D 270 33.62 -12.79 -6.21
CA LEU D 270 32.17 -13.06 -6.12
C LEU D 270 31.40 -12.20 -7.10
N LYS D 271 32.07 -11.75 -8.15
CA LYS D 271 31.40 -10.92 -9.13
C LYS D 271 30.11 -11.57 -9.67
N GLY D 272 29.02 -10.81 -9.61
CA GLY D 272 27.73 -11.32 -10.03
C GLY D 272 26.91 -11.85 -8.88
N ILE D 273 27.58 -12.33 -7.84
CA ILE D 273 26.92 -12.87 -6.67
C ILE D 273 26.85 -11.81 -5.57
N LEU D 274 28.00 -11.21 -5.26
CA LEU D 274 28.03 -10.05 -4.36
C LEU D 274 28.28 -8.76 -5.12
N GLY D 275 27.42 -7.76 -4.90
CA GLY D 275 27.53 -6.45 -5.54
C GLY D 275 27.53 -5.32 -4.51
N TYR D 276 27.64 -4.08 -4.96
CA TYR D 276 27.54 -2.99 -4.01
C TYR D 276 27.01 -1.77 -4.73
N THR D 277 26.45 -0.83 -3.97
CA THR D 277 26.16 0.46 -4.51
C THR D 277 26.84 1.55 -3.67
N ASP D 278 27.46 2.52 -4.33
CA ASP D 278 27.92 3.73 -3.64
C ASP D 278 26.92 4.88 -3.69
N GLU D 279 25.72 4.59 -4.22
CA GLU D 279 24.68 5.60 -4.34
C GLU D 279 23.70 5.57 -3.18
N LYS D 280 22.78 6.52 -3.16
CA LYS D 280 21.76 6.55 -2.13
C LYS D 280 20.48 5.94 -2.68
N LEU D 281 20.46 4.62 -2.79
CA LEU D 281 19.32 3.91 -3.36
C LEU D 281 18.29 3.47 -2.29
N VAL D 282 17.13 3.03 -2.74
CA VAL D 282 16.04 2.61 -1.91
C VAL D 282 15.64 1.32 -2.50
N SER D 283 14.76 0.60 -1.85
CA SER D 283 14.49 -0.79 -2.15
C SER D 283 14.07 -1.18 -3.54
N HIS D 284 13.18 -0.41 -4.11
CA HIS D 284 12.67 -0.62 -5.43
C HIS D 284 13.70 -0.59 -6.53
N ASP D 285 14.72 0.21 -6.37
CA ASP D 285 15.89 0.24 -7.17
C ASP D 285 16.63 -1.05 -7.39
N PHE D 286 16.53 -1.97 -6.47
CA PHE D 286 17.05 -3.31 -6.62
C PHE D 286 16.07 -4.35 -7.11
N ASN D 287 14.90 -3.96 -7.57
CA ASN D 287 14.01 -4.84 -8.25
C ASN D 287 14.53 -5.37 -9.61
N HIS D 288 14.55 -6.69 -9.75
CA HIS D 288 15.09 -7.30 -10.96
C HIS D 288 16.63 -7.28 -11.05
N ASP D 289 17.30 -7.19 -9.90
CA ASP D 289 18.73 -7.29 -9.84
C ASP D 289 19.07 -8.73 -9.43
N SER D 290 19.96 -9.37 -10.19
CA SER D 290 20.21 -10.81 -10.08
C SER D 290 21.36 -11.19 -9.11
N HIS D 291 21.86 -10.20 -8.39
CA HIS D 291 22.87 -10.46 -7.36
C HIS D 291 22.21 -11.18 -6.20
N SER D 292 22.97 -12.01 -5.48
CA SER D 292 22.47 -12.58 -4.22
C SER D 292 22.42 -11.53 -3.10
N SER D 293 23.18 -10.47 -3.25
CA SER D 293 23.45 -9.50 -2.23
C SER D 293 24.11 -8.22 -2.79
N VAL D 294 23.56 -7.07 -2.50
CA VAL D 294 24.04 -5.77 -2.95
C VAL D 294 24.26 -4.83 -1.77
N PHE D 295 25.50 -4.61 -1.44
CA PHE D 295 25.94 -3.99 -0.22
C PHE D 295 25.86 -2.49 -0.35
N HIS D 296 25.19 -1.87 0.58
CA HIS D 296 24.90 -0.45 0.59
C HIS D 296 25.96 0.30 1.37
N THR D 297 26.94 0.73 0.63
CA THR D 297 28.10 1.45 1.11
C THR D 297 27.81 2.59 2.07
N ASP D 298 26.89 3.45 1.73
CA ASP D 298 26.58 4.62 2.54
C ASP D 298 26.01 4.26 3.91
N GLN D 299 25.61 3.00 4.09
CA GLN D 299 24.96 2.58 5.33
C GLN D 299 25.89 1.89 6.36
N THR D 300 27.15 1.75 6.05
CA THR D 300 28.11 1.20 6.97
C THR D 300 28.43 2.10 8.14
N LYS D 301 28.34 1.55 9.32
CA LYS D 301 28.55 2.27 10.52
C LYS D 301 29.58 1.56 11.35
N VAL D 302 30.46 2.28 12.00
CA VAL D 302 31.40 1.70 12.95
C VAL D 302 31.36 2.48 14.24
N MET D 303 31.04 1.83 15.34
CA MET D 303 31.04 2.47 16.63
C MET D 303 32.24 2.01 17.48
N ASP D 304 33.11 2.94 17.90
CA ASP D 304 34.17 2.65 18.84
C ASP D 304 35.09 1.51 18.38
N GLY D 305 35.52 1.57 17.12
CA GLY D 305 36.46 0.61 16.61
C GLY D 305 35.94 -0.76 16.27
N THR D 306 35.18 -1.38 17.17
CA THR D 306 34.82 -2.79 17.00
C THR D 306 33.33 -3.16 16.76
N MET D 307 32.40 -2.26 16.98
CA MET D 307 31.03 -2.52 16.65
C MET D 307 30.65 -2.04 15.27
N VAL D 308 30.25 -2.95 14.40
CA VAL D 308 29.94 -2.71 13.00
C VAL D 308 28.51 -3.00 12.61
N ARG D 309 27.94 -2.06 11.90
CA ARG D 309 26.66 -2.19 11.28
C ARG D 309 26.76 -2.08 9.76
N ILE D 310 26.11 -3.01 9.06
CA ILE D 310 25.98 -2.96 7.62
C ILE D 310 24.53 -3.20 7.13
N LEU D 311 24.30 -2.90 5.88
CA LEU D 311 23.03 -3.12 5.24
C LEU D 311 23.28 -3.73 3.89
N SER D 312 22.65 -4.86 3.58
CA SER D 312 22.75 -5.38 2.23
C SER D 312 21.41 -5.79 1.64
N TRP D 313 21.18 -5.41 0.39
CA TRP D 313 19.88 -5.65 -0.29
C TRP D 313 19.81 -6.98 -1.00
N TYR D 314 18.63 -7.51 -1.16
CA TYR D 314 18.37 -8.64 -2.02
C TYR D 314 17.02 -8.66 -2.68
N ASP D 315 17.00 -8.86 -3.96
CA ASP D 315 15.80 -9.27 -4.67
C ASP D 315 15.55 -10.73 -4.42
N ASN D 316 14.82 -10.98 -3.36
CA ASN D 316 14.42 -12.27 -2.90
C ASN D 316 13.78 -13.18 -3.96
N GLU D 317 13.15 -12.61 -4.93
CA GLU D 317 12.74 -13.37 -6.10
C GLU D 317 13.78 -13.61 -7.20
N TRP D 318 14.39 -12.54 -7.72
CA TRP D 318 15.28 -12.56 -8.88
C TRP D 318 16.66 -13.13 -8.63
N GLY D 319 17.25 -12.75 -7.52
CA GLY D 319 18.59 -13.23 -7.20
C GLY D 319 18.59 -14.72 -6.94
N PHE D 320 17.71 -15.13 -6.03
CA PHE D 320 17.59 -16.51 -5.64
C PHE D 320 17.19 -17.43 -6.81
N SER D 321 16.28 -16.99 -7.66
CA SER D 321 15.88 -17.81 -8.79
C SER D 321 17.05 -17.96 -9.76
N SER D 322 17.93 -16.98 -9.79
CA SER D 322 19.09 -17.04 -10.66
C SER D 322 20.06 -18.10 -10.11
N ARG D 323 20.22 -18.11 -8.79
CA ARG D 323 21.11 -19.08 -8.16
C ARG D 323 20.59 -20.48 -8.33
N MET D 324 19.29 -20.67 -8.28
CA MET D 324 18.78 -22.02 -8.46
C MET D 324 19.38 -22.59 -9.75
N SER D 325 19.62 -21.73 -10.73
CA SER D 325 20.16 -22.20 -12.01
C SER D 325 21.66 -22.46 -11.94
N ASP D 326 22.42 -21.57 -11.30
CA ASP D 326 23.85 -21.74 -11.19
C ASP D 326 24.13 -23.04 -10.45
N THR D 327 23.42 -23.20 -9.34
CA THR D 327 23.52 -24.39 -8.52
C THR D 327 23.16 -25.66 -9.28
N ALA D 328 22.14 -25.60 -10.14
CA ALA D 328 21.79 -26.78 -10.90
C ALA D 328 22.87 -27.18 -11.93
N VAL D 329 23.44 -26.17 -12.60
CA VAL D 329 24.44 -26.42 -13.65
C VAL D 329 25.65 -27.01 -12.96
N ALA D 330 25.99 -26.52 -11.77
CA ALA D 330 27.14 -27.06 -11.08
C ALA D 330 26.89 -28.47 -10.57
N LEU D 331 25.66 -28.74 -10.13
CA LEU D 331 25.28 -30.05 -9.62
C LEU D 331 25.20 -31.09 -10.73
N GLY D 332 24.70 -30.69 -11.89
CA GLY D 332 24.60 -31.57 -13.06
C GLY D 332 25.96 -32.08 -13.53
N LYS D 333 26.96 -31.22 -13.45
CA LYS D 333 28.33 -31.57 -13.81
C LYS D 333 28.91 -32.71 -12.98
N LEU D 334 28.38 -32.96 -11.79
CA LEU D 334 28.90 -34.03 -10.93
C LEU D 334 28.17 -35.37 -11.17
N ILE D 335 27.30 -35.39 -12.15
CA ILE D 335 26.45 -36.58 -12.34
C ILE D 335 27.11 -37.75 -13.11
PA NAD E . 5.88 16.88 -10.98
O1A NAD E . 5.65 17.36 -9.60
O2A NAD E . 6.47 15.52 -10.99
O5B NAD E . 6.79 17.91 -11.82
C5B NAD E . 6.95 19.26 -11.44
C4B NAD E . 8.42 19.58 -11.67
O4B NAD E . 8.64 20.93 -12.05
C3B NAD E . 9.25 19.28 -10.43
O3B NAD E . 10.38 18.52 -10.80
C2B NAD E . 9.71 20.66 -9.95
O2B NAD E . 11.00 20.59 -9.39
C1B NAD E . 9.62 21.51 -11.22
N9A NAD E . 9.23 22.91 -10.95
C8A NAD E . 8.26 23.37 -10.08
N7A NAD E . 8.22 24.72 -10.15
C5A NAD E . 9.15 25.13 -11.07
C6A NAD E . 9.53 26.40 -11.52
N6A NAD E . 9.24 27.47 -10.81
N1A NAD E . 10.53 26.48 -12.48
C2A NAD E . 11.14 25.33 -12.97
N3A NAD E . 10.76 24.09 -12.50
C4A NAD E . 9.78 24.00 -11.57
O3 NAD E . 4.50 16.93 -11.83
PN NAD E . 4.23 16.01 -13.13
O1N NAD E . 3.58 14.76 -12.67
O2N NAD E . 5.47 15.96 -13.97
O5D NAD E . 3.12 16.86 -13.93
C5D NAD E . 3.44 18.12 -14.48
C4D NAD E . 2.25 18.64 -15.28
O4D NAD E . 1.85 17.66 -16.22
C3D NAD E . 1.03 18.88 -14.37
O3D NAD E . 0.35 20.05 -14.78
C2D NAD E . 0.18 17.65 -14.60
O2D NAD E . -1.20 17.90 -14.42
C1D NAD E . 0.49 17.33 -16.04
N1N NAD E . 0.20 15.91 -16.34
C2N NAD E . 0.88 14.96 -15.63
C3N NAD E . 0.63 13.61 -15.88
C7N NAD E . 1.17 12.54 -14.97
O7N NAD E . 0.58 11.26 -15.10
N7N NAD E . 2.14 12.81 -14.09
C4N NAD E . -0.30 13.23 -16.84
C5N NAD E . -0.98 14.22 -17.56
C6N NAD E . -0.72 15.55 -17.30
PA NAD F . 2.74 18.06 9.58
O1A NAD F . 3.17 18.41 8.21
O2A NAD F . 1.60 17.13 9.55
O5B NAD F . 2.37 19.41 10.39
C5B NAD F . 2.91 20.67 10.10
C4B NAD F . 1.74 21.63 10.12
O4B NAD F . 2.17 22.96 10.38
C3B NAD F . 0.95 21.63 8.80
O3B NAD F . -0.42 21.53 9.10
C2B NAD F . 1.26 23.00 8.21
O2B NAD F . 0.15 23.52 7.50
C1B NAD F . 1.57 23.85 9.45
N9A NAD F . 2.49 24.97 9.13
C8A NAD F . 3.51 24.96 8.23
N7A NAD F . 4.12 26.17 8.28
C5A NAD F . 3.49 26.94 9.20
C6A NAD F . 3.70 28.26 9.63
N6A NAD F . 4.50 29.06 8.93
N1A NAD F . 2.88 28.79 10.60
C2A NAD F . 1.87 28.01 11.13
N3A NAD F . 1.68 26.72 10.70
C4A NAD F . 2.47 26.19 9.75
O3 NAD F . 3.99 17.50 10.43
PN NAD F . 3.90 16.61 11.78
O1N NAD F . 3.95 15.20 11.35
O2N NAD F . 2.81 17.08 12.67
O5D NAD F . 5.24 16.99 12.58
C5D NAD F . 5.43 18.32 13.04
C4D NAD F . 6.64 18.40 13.97
O4D NAD F . 6.58 17.37 14.94
C3D NAD F . 7.93 18.20 13.20
O3D NAD F . 8.93 18.98 13.81
C2D NAD F . 8.20 16.71 13.38
O2D NAD F . 9.55 16.35 13.25
C1D NAD F . 7.70 16.51 14.80
N1N NAD F . 7.30 15.13 15.09
C2N NAD F . 6.53 14.45 14.20
C3N NAD F . 6.17 13.14 14.52
C7N NAD F . 5.29 12.30 13.66
O7N NAD F . 5.23 10.93 13.98
N7N NAD F . 4.60 12.84 12.67
C4N NAD F . 6.56 12.55 15.71
C5N NAD F . 7.35 13.26 16.61
C6N NAD F . 7.70 14.55 16.27
PA NAD G . -12.74 -15.29 5.34
O1A NAD G . -11.78 -16.21 4.65
O2A NAD G . -12.13 -14.10 5.96
O5B NAD G . -13.50 -16.24 6.42
C5B NAD G . -13.70 -17.61 6.15
C4B NAD G . -13.47 -18.42 7.43
O4B NAD G . -14.05 -19.71 7.30
C3B NAD G . -11.99 -18.65 7.74
O3B NAD G . -11.72 -18.38 9.10
C2B NAD G . -11.76 -20.15 7.49
O2B NAD G . -10.78 -20.64 8.36
C1B NAD G . -13.15 -20.70 7.78
N9A NAD G . -13.45 -21.99 7.14
C8A NAD G . -13.06 -22.44 5.90
N7A NAD G . -13.59 -23.68 5.73
C5A NAD G . -14.33 -24.02 6.82
C6A NAD G . -15.07 -25.15 7.17
N6A NAD G . -14.99 -26.28 6.46
N1A NAD G . -15.71 -25.17 8.41
C2A NAD G . -15.62 -24.11 9.27
N3A NAD G . -14.88 -23.01 8.91
C4A NAD G . -14.24 -22.96 7.72
O3 NAD G . -13.91 -14.76 4.35
PN NAD G . -14.89 -13.55 4.76
O1N NAD G . -14.39 -12.30 4.19
O2N NAD G . -15.19 -13.59 6.23
O5D NAD G . -16.22 -13.92 3.93
C5D NAD G . -16.95 -15.09 4.26
C4D NAD G . -18.23 -15.13 3.47
O4D NAD G . -18.89 -13.88 3.59
C3D NAD G . -17.95 -15.31 1.99
O3D NAD G . -19.03 -16.02 1.42
C2D NAD G . -17.95 -13.88 1.47
O2D NAD G . -18.19 -13.78 0.08
C1D NAD G . -19.07 -13.29 2.31
N1N NAD G . -18.97 -11.83 2.42
C2N NAD G . -17.76 -11.28 2.69
C3N NAD G . -17.66 -9.89 2.82
C7N NAD G . -16.36 -9.21 3.04
O7N NAD G . -16.34 -7.86 2.69
N7N NAD G . -15.29 -9.83 3.53
C4N NAD G . -18.77 -9.08 2.64
C5N NAD G . -20.01 -9.65 2.40
C6N NAD G . -20.09 -11.05 2.28
PA NAD H . 4.40 -19.75 -4.25
O1A NAD H . 3.19 -19.95 -3.41
O2A NAD H . 4.33 -18.56 -5.14
O5B NAD H . 4.66 -21.05 -5.15
C5B NAD H . 4.16 -22.34 -4.80
C4B NAD H . 3.56 -22.96 -6.05
O4B NAD H . 3.47 -24.38 -5.92
C3B NAD H . 2.14 -22.44 -6.32
O3B NAD H . 2.05 -22.04 -7.67
C2B NAD H . 1.25 -23.63 -6.09
O2B NAD H . 0.15 -23.59 -6.96
C1B NAD H . 2.19 -24.81 -6.36
N9A NAD H . 1.85 -26.10 -5.69
C8A NAD H . 1.32 -26.31 -4.44
N7A NAD H . 1.22 -27.66 -4.24
C5A NAD H . 1.69 -28.31 -5.34
C6A NAD H . 1.84 -29.67 -5.69
N6A NAD H . 1.69 -30.66 -4.81
N1A NAD H . 2.37 -29.99 -6.93
C2A NAD H . 2.76 -29.00 -7.82
N3A NAD H . 2.61 -27.67 -7.47
C4A NAD H . 2.09 -27.33 -6.25
O3 NAD H . 5.66 -19.65 -3.25
PN NAD H . 7.11 -19.10 -3.63
O1N NAD H . 7.26 -17.71 -3.11
O2N NAD H . 7.45 -19.39 -5.06
O5D NAD H . 8.05 -20.05 -2.73
C5D NAD H . 8.20 -21.43 -3.02
C4D NAD H . 9.36 -21.97 -2.19
O4D NAD H . 10.53 -21.20 -2.40
C3D NAD H . 9.04 -21.87 -0.70
O3D NAD H . 9.69 -22.95 -0.06
C2D NAD H . 9.71 -20.56 -0.33
O2D NAD H . 10.02 -20.45 1.04
C1D NAD H . 10.95 -20.62 -1.19
N1N NAD H . 11.53 -19.29 -1.40
C2N NAD H . 10.70 -18.27 -1.76
C3N NAD H . 11.26 -17.01 -1.97
C7N NAD H . 10.43 -15.81 -2.26
O7N NAD H . 10.99 -14.59 -1.85
N7N NAD H . 9.26 -15.92 -2.89
C4N NAD H . 12.64 -16.78 -1.79
C5N NAD H . 13.46 -17.84 -1.43
C6N NAD H . 12.88 -19.10 -1.23
#